data_3NZ2
#
_entry.id   3NZ2
#
_cell.length_a   77.316
_cell.length_b   135.801
_cell.length_c   120.535
_cell.angle_alpha   90.00
_cell.angle_beta   91.77
_cell.angle_gamma   90.00
#
_symmetry.space_group_name_H-M   'P 1 21 1'
#
loop_
_entity.id
_entity.type
_entity.pdbx_description
1 polymer 'Hexapeptide-repeat containing-acetyltransferase'
2 non-polymer 'ACETYL COENZYME *A'
3 non-polymer 'ACETIC ACID'
4 non-polymer GLYCEROL
5 non-polymer 'CHLORIDE ION'
6 non-polymer 'MAGNESIUM ION'
7 non-polymer 1,4-BUTANEDIOL
8 water water
#
_entity_poly.entity_id   1
_entity_poly.type   'polypeptide(L)'
_entity_poly.pdbx_seq_one_letter_code
;SNA(MSE)K(MSE)SELEK(MSE)LKGEHFDGASAEIEALRSQAGRLKLEINQSLDEAERYALQRELFGHLGHKSCVQPP
FHCEFGKTIRIGDHTFIN(MSE)NVV(MSE)LDGAPITIGDHVLIGPSTQFYTASHSLDYRRRQAWETICKPIVIEDDVW
IGGNVVINQGVTIGARSVVAANSVVNQDVPPDTLVGGTPARILRSLKDPAES(MSE)AE
;
_entity_poly.pdbx_strand_id   A,B,C,D,E,F,G,H,I,J,K,L
#
loop_
_chem_comp.id
_chem_comp.type
_chem_comp.name
_chem_comp.formula
ACO non-polymer 'ACETYL COENZYME *A' 'C23 H38 N7 O17 P3 S'
ACY non-polymer 'ACETIC ACID' 'C2 H4 O2'
BU1 non-polymer 1,4-BUTANEDIOL 'C4 H10 O2'
CL non-polymer 'CHLORIDE ION' 'Cl -1'
GOL non-polymer GLYCEROL 'C3 H8 O3'
MG non-polymer 'MAGNESIUM ION' 'Mg 2'
#
# COMPACT_ATOMS: atom_id res chain seq x y z
N MSE A 6 -17.78 -77.73 -7.77
CA MSE A 6 -18.24 -76.68 -8.68
C MSE A 6 -18.32 -75.29 -8.02
O MSE A 6 -19.17 -75.04 -7.13
CB MSE A 6 -19.59 -77.06 -9.29
CG MSE A 6 -20.05 -76.11 -10.40
SE MSE A 6 -21.56 -76.78 -11.41
CE MSE A 6 -21.66 -75.38 -12.77
N SER A 7 -17.44 -74.39 -8.44
CA SER A 7 -17.32 -73.05 -7.88
C SER A 7 -18.57 -72.20 -8.17
N GLU A 8 -18.68 -71.04 -7.54
CA GLU A 8 -19.77 -70.13 -7.81
C GLU A 8 -19.71 -69.58 -9.27
N LEU A 9 -18.52 -69.26 -9.77
CA LEU A 9 -18.37 -68.76 -11.15
C LEU A 9 -18.89 -69.80 -12.09
N GLU A 10 -18.55 -71.04 -11.75
CA GLU A 10 -18.91 -72.18 -12.55
C GLU A 10 -20.42 -72.38 -12.57
N LYS A 11 -21.06 -72.21 -11.41
CA LYS A 11 -22.52 -72.38 -11.34
C LYS A 11 -23.26 -71.29 -12.13
N MSE A 12 -22.81 -70.05 -11.99
CA MSE A 12 -23.37 -68.97 -12.80
C MSE A 12 -23.33 -69.32 -14.29
O MSE A 12 -24.39 -69.44 -14.93
CB MSE A 12 -22.64 -67.65 -12.55
CG MSE A 12 -23.30 -66.45 -13.28
SE MSE A 12 -22.49 -64.72 -12.80
CE MSE A 12 -20.88 -64.84 -13.86
N LEU A 13 -22.13 -69.57 -14.79
CA LEU A 13 -21.92 -69.84 -16.22
C LEU A 13 -22.80 -70.93 -16.76
N LYS A 14 -23.24 -71.82 -15.87
CA LYS A 14 -23.83 -73.07 -16.34
C LYS A 14 -25.28 -73.19 -15.95
N GLY A 15 -25.85 -72.07 -15.50
CA GLY A 15 -27.29 -72.00 -15.33
C GLY A 15 -27.81 -72.53 -14.02
N GLU A 16 -26.98 -72.44 -12.96
CA GLU A 16 -27.44 -72.73 -11.60
C GLU A 16 -27.48 -71.44 -10.78
N HIS A 17 -28.16 -71.45 -9.63
CA HIS A 17 -28.09 -70.29 -8.73
C HIS A 17 -26.66 -70.11 -8.26
N PHE A 18 -26.34 -68.91 -7.80
CA PHE A 18 -24.96 -68.61 -7.45
C PHE A 18 -24.88 -67.42 -6.50
N ASP A 19 -23.75 -67.34 -5.80
CA ASP A 19 -23.45 -66.23 -4.93
C ASP A 19 -22.65 -65.17 -5.72
N GLY A 20 -23.36 -64.08 -6.06
CA GLY A 20 -22.85 -63.02 -6.93
C GLY A 20 -21.86 -62.16 -6.22
N ALA A 21 -21.83 -62.27 -4.90
CA ALA A 21 -20.78 -61.60 -4.15
C ALA A 21 -19.51 -62.44 -4.05
N SER A 22 -19.49 -63.61 -4.69
CA SER A 22 -18.31 -64.46 -4.58
C SER A 22 -17.09 -63.83 -5.27
N ALA A 23 -15.94 -63.94 -4.63
CA ALA A 23 -14.73 -63.22 -5.02
C ALA A 23 -14.33 -63.36 -6.48
N GLU A 24 -14.47 -64.55 -7.05
CA GLU A 24 -14.20 -64.72 -8.48
C GLU A 24 -15.14 -63.83 -9.28
N ILE A 25 -16.42 -63.91 -8.94
CA ILE A 25 -17.39 -63.18 -9.70
C ILE A 25 -17.14 -61.69 -9.52
N GLU A 26 -16.98 -61.25 -8.27
CA GLU A 26 -16.66 -59.84 -7.98
C GLU A 26 -15.36 -59.35 -8.64
N ALA A 27 -14.39 -60.23 -8.81
CA ALA A 27 -13.17 -59.87 -9.51
C ALA A 27 -13.47 -59.51 -10.95
N LEU A 28 -14.22 -60.38 -11.62
CA LEU A 28 -14.47 -60.21 -13.03
C LEU A 28 -15.34 -58.94 -13.26
N ARG A 29 -16.20 -58.65 -12.31
CA ARG A 29 -17.13 -57.59 -12.51
C ARG A 29 -16.35 -56.29 -12.43
N SER A 30 -15.38 -56.25 -11.52
CA SER A 30 -14.62 -55.05 -11.24
C SER A 30 -13.64 -54.72 -12.36
N GLN A 31 -13.10 -55.76 -12.97
CA GLN A 31 -12.25 -55.65 -14.15
C GLN A 31 -13.06 -55.13 -15.33
N ALA A 32 -14.26 -55.65 -15.49
CA ALA A 32 -15.16 -55.25 -16.55
C ALA A 32 -15.57 -53.80 -16.40
N GLY A 33 -15.80 -53.37 -15.18
CA GLY A 33 -16.17 -52.01 -14.90
C GLY A 33 -15.10 -51.02 -15.25
N ARG A 34 -13.86 -51.34 -14.91
CA ARG A 34 -12.74 -50.47 -15.24
C ARG A 34 -12.50 -50.39 -16.74
N LEU A 35 -12.53 -51.53 -17.40
CA LEU A 35 -12.31 -51.60 -18.82
C LEU A 35 -13.39 -50.92 -19.66
N LYS A 36 -14.64 -51.09 -19.26
CA LYS A 36 -15.76 -50.50 -19.97
C LYS A 36 -15.66 -48.99 -19.94
N LEU A 37 -15.34 -48.46 -18.78
CA LEU A 37 -15.19 -47.03 -18.63
C LEU A 37 -14.05 -46.53 -19.47
N GLU A 38 -12.96 -47.29 -19.47
CA GLU A 38 -11.77 -46.88 -20.20
C GLU A 38 -12.02 -46.88 -21.73
N ILE A 39 -12.67 -47.94 -22.20
CA ILE A 39 -13.10 -48.07 -23.60
C ILE A 39 -14.06 -46.94 -24.01
N ASN A 40 -15.12 -46.77 -23.22
CA ASN A 40 -16.17 -45.79 -23.51
C ASN A 40 -15.66 -44.34 -23.48
N GLN A 41 -14.54 -44.11 -22.81
CA GLN A 41 -14.04 -42.75 -22.73
C GLN A 41 -12.80 -42.53 -23.61
N SER A 42 -12.43 -43.56 -24.36
CA SER A 42 -11.32 -43.46 -25.31
C SER A 42 -11.71 -42.95 -26.72
N LEU A 43 -10.87 -42.06 -27.28
CA LEU A 43 -11.10 -41.55 -28.66
C LEU A 43 -10.21 -42.23 -29.68
N ASP A 44 -9.40 -43.17 -29.21
CA ASP A 44 -8.43 -43.85 -30.05
C ASP A 44 -8.97 -45.22 -30.37
N GLU A 45 -9.41 -45.37 -31.62
CA GLU A 45 -10.07 -46.56 -32.08
C GLU A 45 -9.21 -47.80 -31.88
N ALA A 46 -7.89 -47.68 -32.08
CA ALA A 46 -7.05 -48.87 -31.91
C ALA A 46 -6.95 -49.21 -30.42
N GLU A 47 -7.08 -48.19 -29.58
CA GLU A 47 -6.99 -48.38 -28.13
C GLU A 47 -8.23 -49.11 -27.64
N ARG A 48 -9.41 -48.65 -28.09
CA ARG A 48 -10.65 -49.31 -27.69
C ARG A 48 -10.61 -50.76 -28.10
N TYR A 49 -10.16 -50.98 -29.31
CA TYR A 49 -10.04 -52.35 -29.76
C TYR A 49 -9.05 -53.14 -28.87
N ALA A 50 -7.88 -52.59 -28.56
CA ALA A 50 -6.92 -53.30 -27.71
C ALA A 50 -7.55 -53.61 -26.33
N LEU A 51 -8.10 -52.60 -25.69
CA LEU A 51 -8.83 -52.73 -24.45
C LEU A 51 -9.95 -53.81 -24.50
N GLN A 52 -10.67 -53.83 -25.62
CA GLN A 52 -11.72 -54.83 -25.87
C GLN A 52 -11.23 -56.26 -25.97
N ARG A 53 -10.01 -56.49 -26.48
CA ARG A 53 -9.45 -57.85 -26.45
C ARG A 53 -9.18 -58.34 -25.01
N GLU A 54 -8.93 -57.38 -24.11
CA GLU A 54 -8.82 -57.60 -22.66
C GLU A 54 -10.15 -57.92 -21.92
N LEU A 55 -11.18 -57.14 -22.25
CA LEU A 55 -12.54 -57.26 -21.71
C LEU A 55 -13.31 -58.52 -22.15
N PHE A 56 -13.35 -58.79 -23.46
CA PHE A 56 -14.12 -59.93 -23.98
C PHE A 56 -13.30 -61.21 -24.00
N GLY A 57 -14.02 -62.33 -23.93
CA GLY A 57 -13.44 -63.63 -24.15
C GLY A 57 -12.67 -63.67 -25.46
N HIS A 58 -13.26 -63.09 -26.49
CA HIS A 58 -12.65 -63.13 -27.81
C HIS A 58 -13.18 -61.96 -28.65
N LEU A 59 -12.37 -61.44 -29.56
CA LEU A 59 -12.84 -60.42 -30.48
C LEU A 59 -12.11 -60.60 -31.78
N GLY A 60 -12.85 -61.02 -32.81
CA GLY A 60 -12.27 -61.35 -34.08
C GLY A 60 -11.60 -60.23 -34.90
N HIS A 61 -10.96 -60.66 -35.97
CA HIS A 61 -10.34 -59.75 -36.92
C HIS A 61 -11.37 -58.78 -37.50
N LYS A 62 -10.94 -57.53 -37.61
CA LYS A 62 -11.67 -56.49 -38.31
C LYS A 62 -13.10 -56.34 -37.83
N SER A 63 -13.29 -56.47 -36.52
CA SER A 63 -14.58 -56.28 -35.91
C SER A 63 -14.64 -54.97 -35.09
N CYS A 64 -15.82 -54.38 -35.00
CA CYS A 64 -16.01 -53.08 -34.42
C CYS A 64 -17.08 -53.11 -33.38
N VAL A 65 -16.73 -52.63 -32.19
CA VAL A 65 -17.71 -52.48 -31.15
C VAL A 65 -17.70 -51.01 -30.76
N GLN A 66 -18.79 -50.35 -31.08
CA GLN A 66 -18.97 -48.93 -30.88
C GLN A 66 -19.39 -48.51 -29.46
N PRO A 67 -18.76 -47.46 -28.97
CA PRO A 67 -19.12 -46.93 -27.64
C PRO A 67 -20.33 -46.01 -27.67
N PRO A 68 -21.04 -45.92 -26.52
CA PRO A 68 -20.74 -46.73 -25.33
C PRO A 68 -21.23 -48.14 -25.41
N PHE A 69 -20.54 -49.06 -24.75
CA PHE A 69 -20.96 -50.46 -24.65
C PHE A 69 -21.03 -50.87 -23.18
N HIS A 70 -22.14 -51.46 -22.77
CA HIS A 70 -22.31 -51.89 -21.38
C HIS A 70 -22.50 -53.39 -21.20
N CYS A 71 -21.73 -53.95 -20.29
CA CYS A 71 -21.82 -55.36 -19.94
C CYS A 71 -21.45 -55.55 -18.48
N GLU A 72 -21.70 -56.73 -17.96
CA GLU A 72 -21.39 -57.05 -16.59
C GLU A 72 -20.02 -57.70 -16.32
N PHE A 73 -19.65 -58.69 -17.13
CA PHE A 73 -18.41 -59.44 -16.91
C PHE A 73 -17.35 -59.44 -18.04
N GLY A 74 -17.78 -59.33 -19.28
CA GLY A 74 -16.89 -59.27 -20.43
C GLY A 74 -16.31 -60.60 -20.88
N LYS A 75 -15.69 -61.36 -19.98
CA LYS A 75 -14.98 -62.54 -20.46
C LYS A 75 -15.87 -63.64 -21.01
N THR A 76 -17.18 -63.57 -20.73
CA THR A 76 -18.14 -64.56 -21.24
C THR A 76 -18.56 -64.28 -22.68
N ILE A 77 -18.10 -63.16 -23.22
CA ILE A 77 -18.44 -62.70 -24.58
C ILE A 77 -17.37 -63.00 -25.62
N ARG A 78 -17.73 -63.77 -26.64
CA ARG A 78 -16.84 -64.04 -27.77
C ARG A 78 -17.48 -63.55 -29.07
N ILE A 79 -16.76 -62.69 -29.79
CA ILE A 79 -17.27 -62.13 -31.04
C ILE A 79 -16.32 -62.43 -32.18
N GLY A 80 -16.86 -62.96 -33.28
CA GLY A 80 -16.05 -63.38 -34.41
C GLY A 80 -15.49 -62.29 -35.32
N ASP A 81 -15.03 -62.70 -36.50
CA ASP A 81 -14.45 -61.80 -37.49
C ASP A 81 -15.52 -61.02 -38.27
N HIS A 82 -15.18 -59.80 -38.67
CA HIS A 82 -16.03 -58.96 -39.55
C HIS A 82 -17.41 -58.75 -39.00
N THR A 83 -17.46 -58.46 -37.70
CA THR A 83 -18.71 -58.27 -36.98
C THR A 83 -18.77 -56.89 -36.38
N PHE A 84 -19.93 -56.26 -36.47
CA PHE A 84 -20.11 -54.87 -36.11
C PHE A 84 -21.24 -54.77 -35.11
N ILE A 85 -20.99 -54.08 -34.02
CA ILE A 85 -21.98 -53.89 -32.99
C ILE A 85 -21.98 -52.41 -32.81
N ASN A 86 -23.16 -51.83 -32.93
CA ASN A 86 -23.32 -50.39 -32.84
C ASN A 86 -23.41 -49.88 -31.39
N MSE A 87 -23.73 -48.60 -31.26
CA MSE A 87 -23.70 -47.88 -30.01
C MSE A 87 -24.74 -48.30 -28.99
O MSE A 87 -25.89 -48.62 -29.32
CB MSE A 87 -23.92 -46.40 -30.31
CG MSE A 87 -22.75 -45.71 -31.05
SE MSE A 87 -23.13 -43.83 -31.62
CE MSE A 87 -24.57 -44.22 -32.88
N ASN A 88 -24.31 -48.32 -27.74
CA ASN A 88 -25.21 -48.29 -26.59
C ASN A 88 -25.90 -49.60 -26.45
N VAL A 89 -25.18 -50.66 -26.77
CA VAL A 89 -25.70 -51.99 -26.62
C VAL A 89 -25.47 -52.41 -25.19
N VAL A 90 -26.41 -53.16 -24.65
CA VAL A 90 -26.31 -53.65 -23.30
C VAL A 90 -26.30 -55.17 -23.33
N MSE A 91 -25.34 -55.76 -22.65
CA MSE A 91 -25.28 -57.20 -22.53
C MSE A 91 -25.17 -57.64 -21.08
O MSE A 91 -24.26 -57.26 -20.38
CB MSE A 91 -24.12 -57.75 -23.35
CG MSE A 91 -24.40 -57.78 -24.83
SE MSE A 91 -23.09 -58.69 -25.93
CE MSE A 91 -23.85 -58.30 -27.64
N LEU A 92 -26.10 -58.47 -20.63
CA LEU A 92 -26.00 -59.04 -19.31
C LEU A 92 -25.44 -60.40 -19.63
N ASP A 93 -24.19 -60.61 -19.26
CA ASP A 93 -23.43 -61.78 -19.66
C ASP A 93 -23.02 -62.78 -18.60
N GLY A 94 -23.93 -63.15 -17.71
CA GLY A 94 -23.67 -64.12 -16.68
C GLY A 94 -23.31 -65.45 -17.31
N ALA A 95 -24.00 -65.76 -18.40
CA ALA A 95 -23.75 -66.94 -19.17
C ALA A 95 -23.05 -66.52 -20.46
N PRO A 96 -22.40 -67.47 -21.11
CA PRO A 96 -21.68 -67.17 -22.34
C PRO A 96 -22.57 -66.62 -23.45
N ILE A 97 -22.05 -65.61 -24.13
CA ILE A 97 -22.71 -65.06 -25.32
C ILE A 97 -21.79 -65.24 -26.50
N THR A 98 -22.27 -65.97 -27.50
CA THR A 98 -21.42 -66.38 -28.60
C THR A 98 -21.93 -65.78 -29.93
N ILE A 99 -21.11 -64.93 -30.53
CA ILE A 99 -21.45 -64.24 -31.75
C ILE A 99 -20.50 -64.53 -32.91
N GLY A 100 -21.09 -64.95 -34.04
CA GLY A 100 -20.36 -65.39 -35.21
C GLY A 100 -19.73 -64.28 -36.05
N ASP A 101 -19.28 -64.67 -37.23
CA ASP A 101 -18.64 -63.78 -38.20
C ASP A 101 -19.71 -63.00 -38.96
N HIS A 102 -19.40 -61.79 -39.46
CA HIS A 102 -20.33 -61.08 -40.34
C HIS A 102 -21.67 -60.84 -39.69
N VAL A 103 -21.69 -60.59 -38.41
CA VAL A 103 -22.92 -60.28 -37.74
C VAL A 103 -23.04 -58.79 -37.63
N LEU A 104 -24.26 -58.29 -37.69
CA LEU A 104 -24.55 -56.89 -37.51
C LEU A 104 -25.62 -56.67 -36.46
N ILE A 105 -25.25 -55.90 -35.44
CA ILE A 105 -26.12 -55.57 -34.32
C ILE A 105 -26.31 -54.04 -34.23
N GLY A 106 -27.55 -53.61 -34.18
CA GLY A 106 -27.84 -52.20 -34.19
C GLY A 106 -27.97 -51.64 -32.82
N PRO A 107 -28.14 -50.32 -32.75
CA PRO A 107 -28.08 -49.53 -31.53
C PRO A 107 -29.03 -50.02 -30.44
N SER A 108 -28.58 -49.96 -29.19
CA SER A 108 -29.49 -50.13 -28.05
C SER A 108 -30.13 -51.53 -27.96
N THR A 109 -29.63 -52.46 -28.74
CA THR A 109 -30.03 -53.85 -28.57
C THR A 109 -29.58 -54.40 -27.19
N GLN A 110 -30.41 -55.28 -26.63
CA GLN A 110 -30.17 -55.80 -25.28
C GLN A 110 -30.11 -57.31 -25.40
N PHE A 111 -29.11 -57.91 -24.74
CA PHE A 111 -29.02 -59.35 -24.65
C PHE A 111 -29.07 -59.69 -23.18
N TYR A 112 -30.10 -60.41 -22.74
CA TYR A 112 -30.24 -60.74 -21.34
C TYR A 112 -30.04 -62.26 -21.10
N THR A 113 -28.83 -62.70 -20.74
CA THR A 113 -28.64 -64.13 -20.47
C THR A 113 -29.29 -64.48 -19.12
N ALA A 114 -29.40 -63.46 -18.27
CA ALA A 114 -29.98 -63.64 -16.98
C ALA A 114 -31.52 -63.57 -16.97
N SER A 115 -32.14 -64.24 -16.01
CA SER A 115 -33.56 -64.13 -15.77
C SER A 115 -33.87 -64.45 -14.31
N HIS A 116 -35.15 -64.33 -13.96
CA HIS A 116 -35.64 -64.52 -12.59
C HIS A 116 -36.88 -65.41 -12.60
N SER A 117 -37.28 -65.88 -11.42
CA SER A 117 -38.56 -66.59 -11.24
C SER A 117 -39.80 -65.67 -11.20
N LEU A 118 -40.93 -66.17 -11.66
CA LEU A 118 -42.16 -65.38 -11.65
C LEU A 118 -42.77 -65.38 -10.28
N ASP A 119 -42.33 -66.34 -9.49
CA ASP A 119 -42.70 -66.41 -8.09
C ASP A 119 -41.87 -65.41 -7.26
N TYR A 120 -42.51 -64.35 -6.77
CA TYR A 120 -41.77 -63.29 -6.05
C TYR A 120 -41.06 -63.87 -4.83
N ARG A 121 -41.65 -64.89 -4.22
CA ARG A 121 -40.98 -65.51 -3.08
C ARG A 121 -39.57 -65.98 -3.44
N ARG A 122 -39.34 -66.31 -4.70
CA ARG A 122 -38.03 -66.81 -5.11
C ARG A 122 -37.17 -65.75 -5.82
N ARG A 123 -37.47 -64.48 -5.61
CA ARG A 123 -36.64 -63.37 -6.12
C ARG A 123 -36.17 -62.49 -4.96
N GLN A 124 -36.63 -62.80 -3.76
CA GLN A 124 -36.32 -61.91 -2.64
C GLN A 124 -34.82 -61.85 -2.28
N ALA A 125 -34.03 -62.82 -2.73
CA ALA A 125 -32.57 -62.71 -2.57
C ALA A 125 -31.85 -62.38 -3.88
N TRP A 126 -32.59 -61.85 -4.87
CA TRP A 126 -32.07 -61.57 -6.22
C TRP A 126 -31.61 -62.87 -6.95
N GLU A 127 -32.25 -64.01 -6.65
CA GLU A 127 -31.84 -65.28 -7.27
C GLU A 127 -31.82 -65.07 -8.77
N THR A 128 -30.83 -65.63 -9.45
CA THR A 128 -30.68 -65.42 -10.88
C THR A 128 -30.19 -66.63 -11.64
N ILE A 129 -30.82 -66.90 -12.77
CA ILE A 129 -30.31 -67.96 -13.60
C ILE A 129 -29.91 -67.44 -14.98
N CYS A 130 -28.70 -67.80 -15.40
CA CYS A 130 -28.11 -67.34 -16.63
C CYS A 130 -27.95 -68.46 -17.61
N LYS A 131 -28.56 -68.29 -18.80
CA LYS A 131 -28.58 -69.28 -19.90
C LYS A 131 -27.93 -68.64 -21.12
N PRO A 132 -27.15 -69.42 -21.90
CA PRO A 132 -26.41 -68.70 -22.96
C PRO A 132 -27.24 -68.17 -24.14
N ILE A 133 -26.59 -67.35 -24.96
CA ILE A 133 -27.19 -66.81 -26.17
C ILE A 133 -26.15 -66.97 -27.26
N VAL A 134 -26.60 -67.51 -28.40
CA VAL A 134 -25.76 -67.78 -29.58
C VAL A 134 -26.35 -67.06 -30.80
N ILE A 135 -25.56 -66.21 -31.43
CA ILE A 135 -25.92 -65.55 -32.69
C ILE A 135 -24.97 -66.11 -33.74
N GLU A 136 -25.56 -66.77 -34.75
CA GLU A 136 -24.78 -67.49 -35.76
C GLU A 136 -24.29 -66.56 -36.84
N ASP A 137 -23.48 -67.08 -37.76
CA ASP A 137 -22.93 -66.28 -38.84
C ASP A 137 -23.99 -65.53 -39.65
N ASP A 138 -23.64 -64.31 -40.08
CA ASP A 138 -24.40 -63.55 -41.07
C ASP A 138 -25.78 -63.12 -40.60
N VAL A 139 -25.95 -62.97 -39.29
CA VAL A 139 -27.21 -62.53 -38.76
C VAL A 139 -27.25 -61.02 -38.79
N TRP A 140 -28.41 -60.45 -39.10
CA TRP A 140 -28.61 -59.02 -38.93
C TRP A 140 -29.66 -58.72 -37.87
N ILE A 141 -29.21 -58.17 -36.74
CA ILE A 141 -30.11 -57.76 -35.64
C ILE A 141 -30.33 -56.26 -35.72
N GLY A 142 -31.58 -55.82 -35.74
CA GLY A 142 -31.86 -54.38 -35.83
C GLY A 142 -31.74 -53.67 -34.50
N GLY A 143 -32.02 -52.37 -34.47
CA GLY A 143 -31.97 -51.60 -33.24
C GLY A 143 -33.10 -51.87 -32.27
N ASN A 144 -32.88 -51.50 -31.01
CA ASN A 144 -33.86 -51.57 -29.91
C ASN A 144 -34.47 -52.92 -29.68
N VAL A 145 -33.77 -53.97 -30.12
CA VAL A 145 -34.22 -55.36 -29.92
C VAL A 145 -33.80 -55.99 -28.57
N VAL A 146 -34.69 -56.81 -27.99
CA VAL A 146 -34.36 -57.64 -26.83
C VAL A 146 -34.16 -59.12 -27.21
N ILE A 147 -33.05 -59.70 -26.79
CA ILE A 147 -32.83 -61.10 -26.99
C ILE A 147 -32.72 -61.70 -25.63
N ASN A 148 -33.67 -62.56 -25.29
CA ASN A 148 -33.75 -63.22 -24.00
C ASN A 148 -32.88 -64.46 -23.94
N GLN A 149 -32.78 -65.04 -22.74
CA GLN A 149 -31.79 -66.09 -22.46
C GLN A 149 -32.08 -67.42 -23.14
N GLY A 150 -31.03 -68.18 -23.39
CA GLY A 150 -31.16 -69.53 -23.89
C GLY A 150 -31.54 -69.56 -25.36
N VAL A 151 -31.41 -68.43 -26.02
CA VAL A 151 -31.85 -68.32 -27.40
C VAL A 151 -30.70 -68.40 -28.40
N THR A 152 -30.93 -69.16 -29.49
CA THR A 152 -30.04 -69.18 -30.65
C THR A 152 -30.71 -68.52 -31.84
N ILE A 153 -29.95 -67.66 -32.52
CA ILE A 153 -30.41 -67.04 -33.75
C ILE A 153 -29.71 -67.71 -34.93
N GLY A 154 -30.48 -68.47 -35.72
CA GLY A 154 -29.91 -69.23 -36.83
C GLY A 154 -29.19 -68.35 -37.85
N ALA A 155 -28.21 -68.93 -38.54
CA ALA A 155 -27.42 -68.19 -39.51
C ALA A 155 -28.28 -67.54 -40.63
N ARG A 156 -27.81 -66.37 -41.08
CA ARG A 156 -28.33 -65.66 -42.23
C ARG A 156 -29.72 -65.18 -41.95
N SER A 157 -30.11 -65.17 -40.68
CA SER A 157 -31.40 -64.58 -40.32
C SER A 157 -31.36 -63.06 -40.00
N VAL A 158 -32.53 -62.45 -39.97
CA VAL A 158 -32.65 -61.04 -39.69
C VAL A 158 -33.70 -60.75 -38.60
N VAL A 159 -33.39 -59.86 -37.67
CA VAL A 159 -34.35 -59.51 -36.63
C VAL A 159 -34.77 -58.06 -36.78
N ALA A 160 -36.07 -57.87 -36.91
CA ALA A 160 -36.66 -56.56 -37.08
C ALA A 160 -36.46 -55.73 -35.82
N ALA A 161 -36.42 -54.42 -35.99
CA ALA A 161 -36.22 -53.49 -34.90
C ALA A 161 -37.32 -53.59 -33.86
N ASN A 162 -36.95 -53.42 -32.60
CA ASN A 162 -37.87 -53.38 -31.48
C ASN A 162 -38.56 -54.70 -31.12
N SER A 163 -38.03 -55.81 -31.60
CA SER A 163 -38.56 -57.13 -31.31
C SER A 163 -38.08 -57.65 -29.99
N VAL A 164 -38.85 -58.54 -29.38
CA VAL A 164 -38.32 -59.30 -28.27
C VAL A 164 -38.30 -60.75 -28.72
N VAL A 165 -37.14 -61.38 -28.65
CA VAL A 165 -37.02 -62.76 -29.01
C VAL A 165 -36.97 -63.65 -27.75
N ASN A 166 -37.94 -64.55 -27.62
CA ASN A 166 -38.02 -65.44 -26.46
C ASN A 166 -37.52 -66.82 -26.79
N GLN A 167 -37.44 -67.15 -28.09
CA GLN A 167 -37.15 -68.51 -28.49
C GLN A 167 -36.25 -68.57 -29.72
N ASP A 168 -35.58 -69.71 -29.94
CA ASP A 168 -34.68 -69.88 -31.09
C ASP A 168 -35.29 -69.38 -32.40
N VAL A 169 -34.44 -68.90 -33.29
CA VAL A 169 -34.89 -68.42 -34.57
C VAL A 169 -34.21 -69.29 -35.60
N PRO A 170 -35.01 -69.89 -36.50
CA PRO A 170 -34.47 -70.77 -37.55
C PRO A 170 -33.59 -69.96 -38.49
N PRO A 171 -32.60 -70.60 -39.11
CA PRO A 171 -31.75 -70.02 -40.17
C PRO A 171 -32.58 -69.45 -41.34
N ASP A 172 -32.06 -68.43 -42.05
CA ASP A 172 -32.70 -67.84 -43.24
C ASP A 172 -34.11 -67.30 -43.07
N THR A 173 -34.33 -66.55 -41.99
CA THR A 173 -35.67 -66.12 -41.64
C THR A 173 -35.66 -64.66 -41.23
N LEU A 174 -36.78 -64.00 -41.46
CA LEU A 174 -36.97 -62.63 -41.00
C LEU A 174 -38.03 -62.77 -39.91
N VAL A 175 -37.71 -62.36 -38.69
CA VAL A 175 -38.69 -62.43 -37.60
C VAL A 175 -38.86 -61.06 -37.04
N GLY A 176 -40.02 -60.81 -36.43
CA GLY A 176 -40.32 -59.51 -35.86
C GLY A 176 -41.44 -59.62 -34.86
N GLY A 177 -41.58 -58.60 -34.01
CA GLY A 177 -42.68 -58.53 -33.07
C GLY A 177 -42.29 -58.73 -31.62
N THR A 178 -43.25 -58.48 -30.73
CA THR A 178 -43.02 -58.70 -29.31
C THR A 178 -44.16 -59.52 -28.74
N PRO A 179 -43.96 -60.84 -28.59
CA PRO A 179 -42.76 -61.62 -28.97
C PRO A 179 -42.55 -61.81 -30.47
N ALA A 180 -41.34 -62.13 -30.86
CA ALA A 180 -41.01 -62.23 -32.28
C ALA A 180 -41.76 -63.36 -33.01
N ARG A 181 -42.29 -63.05 -34.18
N ARG A 181 -42.30 -63.04 -34.18
CA ARG A 181 -43.01 -64.00 -35.01
CA ARG A 181 -43.03 -63.97 -35.02
C ARG A 181 -42.26 -64.10 -36.32
C ARG A 181 -42.26 -64.10 -36.32
N ILE A 182 -42.46 -65.18 -37.05
CA ILE A 182 -41.80 -65.37 -38.33
C ILE A 182 -42.50 -64.53 -39.38
N LEU A 183 -41.77 -63.65 -40.04
CA LEU A 183 -42.37 -62.77 -41.02
C LEU A 183 -42.26 -63.28 -42.46
N ARG A 184 -41.07 -63.68 -42.87
CA ARG A 184 -40.87 -64.26 -44.18
C ARG A 184 -39.60 -65.07 -44.26
N SER A 185 -39.56 -66.03 -45.17
CA SER A 185 -38.35 -66.80 -45.37
C SER A 185 -37.46 -66.00 -46.28
N LEU A 186 -36.15 -66.08 -46.06
CA LEU A 186 -35.20 -65.33 -46.88
C LEU A 186 -34.41 -66.32 -47.69
N LYS A 187 -34.85 -67.56 -47.60
CA LYS A 187 -34.29 -68.67 -48.32
C LYS A 187 -34.87 -68.74 -49.72
N MSE B 4 -13.98 -31.94 -59.35
CA MSE B 4 -13.51 -33.31 -59.43
C MSE B 4 -14.67 -34.28 -59.61
O MSE B 4 -15.52 -34.09 -60.47
CB MSE B 4 -12.66 -33.68 -58.21
CG MSE B 4 -11.46 -34.57 -58.50
SE MSE B 4 -10.05 -33.69 -59.53
CE MSE B 4 -8.99 -35.24 -60.04
N LYS B 5 -14.69 -35.32 -58.80
CA LYS B 5 -15.68 -36.38 -58.90
C LYS B 5 -16.29 -36.63 -57.53
N MSE B 6 -17.38 -37.38 -57.48
CA MSE B 6 -18.06 -37.62 -56.22
C MSE B 6 -17.20 -38.28 -55.14
O MSE B 6 -16.50 -39.26 -55.41
CB MSE B 6 -19.28 -38.49 -56.49
CG MSE B 6 -19.97 -39.00 -55.25
SE MSE B 6 -21.84 -38.60 -55.18
CE MSE B 6 -22.43 -39.84 -56.54
N SER B 7 -17.26 -37.77 -53.92
CA SER B 7 -16.50 -38.35 -52.82
C SER B 7 -17.27 -39.48 -52.14
N GLU B 8 -16.58 -40.30 -51.36
CA GLU B 8 -17.20 -41.43 -50.66
C GLU B 8 -18.15 -40.88 -49.61
N LEU B 9 -17.87 -39.66 -49.19
CA LEU B 9 -18.75 -38.89 -48.31
C LEU B 9 -20.04 -38.43 -49.03
N GLU B 10 -19.89 -37.88 -50.25
CA GLU B 10 -21.04 -37.57 -51.12
C GLU B 10 -21.96 -38.80 -51.25
N LYS B 11 -21.36 -39.91 -51.66
CA LYS B 11 -22.09 -41.15 -51.81
C LYS B 11 -22.98 -41.49 -50.60
N MSE B 12 -22.40 -41.42 -49.41
CA MSE B 12 -23.17 -41.71 -48.18
C MSE B 12 -24.35 -40.78 -48.01
O MSE B 12 -25.50 -41.24 -47.87
CB MSE B 12 -22.25 -41.63 -46.96
CG MSE B 12 -22.91 -42.05 -45.66
SE MSE B 12 -21.52 -42.11 -44.28
CE MSE B 12 -21.67 -40.28 -43.55
N LEU B 13 -24.09 -39.49 -47.99
CA LEU B 13 -25.15 -38.50 -47.86
C LEU B 13 -26.23 -38.69 -48.92
N LYS B 14 -25.83 -39.15 -50.11
CA LYS B 14 -26.79 -39.25 -51.18
C LYS B 14 -27.43 -40.64 -51.30
N GLY B 15 -27.17 -41.50 -50.33
CA GLY B 15 -27.74 -42.83 -50.39
C GLY B 15 -27.19 -43.77 -51.47
N GLU B 16 -25.97 -43.54 -51.89
CA GLU B 16 -25.27 -44.47 -52.74
C GLU B 16 -24.39 -45.34 -51.86
N HIS B 17 -23.91 -46.46 -52.38
CA HIS B 17 -22.98 -47.28 -51.58
C HIS B 17 -21.65 -46.57 -51.41
N PHE B 18 -21.09 -46.62 -50.21
CA PHE B 18 -19.86 -45.89 -49.90
C PHE B 18 -18.94 -46.80 -49.12
N ASP B 19 -17.64 -46.49 -49.17
CA ASP B 19 -16.62 -47.09 -48.30
C ASP B 19 -16.47 -46.16 -47.06
N GLY B 20 -16.95 -46.65 -45.93
CA GLY B 20 -16.93 -45.95 -44.66
C GLY B 20 -15.57 -45.77 -44.03
N ALA B 21 -14.60 -46.50 -44.56
CA ALA B 21 -13.24 -46.46 -44.04
C ALA B 21 -12.45 -45.32 -44.67
N SER B 22 -13.10 -44.58 -45.56
CA SER B 22 -12.47 -43.47 -46.26
C SER B 22 -12.07 -42.36 -45.31
N ALA B 23 -10.96 -41.71 -45.63
CA ALA B 23 -10.34 -40.74 -44.74
C ALA B 23 -11.26 -39.59 -44.33
N GLU B 24 -12.05 -39.10 -45.28
CA GLU B 24 -12.99 -38.00 -45.03
C GLU B 24 -14.05 -38.42 -44.02
N ILE B 25 -14.55 -39.64 -44.17
CA ILE B 25 -15.56 -40.18 -43.28
C ILE B 25 -15.07 -40.43 -41.86
N GLU B 26 -13.87 -40.98 -41.76
CA GLU B 26 -13.21 -41.26 -40.49
C GLU B 26 -12.88 -39.99 -39.71
N ALA B 27 -12.45 -38.96 -40.41
CA ALA B 27 -12.15 -37.69 -39.81
C ALA B 27 -13.40 -37.06 -39.20
N LEU B 28 -14.51 -37.21 -39.90
CA LEU B 28 -15.79 -36.67 -39.41
C LEU B 28 -16.34 -37.51 -38.25
N ARG B 29 -16.08 -38.81 -38.31
CA ARG B 29 -16.40 -39.72 -37.23
C ARG B 29 -15.48 -39.45 -36.03
N SER B 30 -14.24 -39.04 -36.33
CA SER B 30 -13.31 -38.71 -35.27
C SER B 30 -13.68 -37.40 -34.66
N GLN B 31 -13.99 -36.43 -35.49
CA GLN B 31 -14.38 -35.16 -34.95
C GLN B 31 -15.63 -35.30 -34.02
N ALA B 32 -16.63 -36.04 -34.50
CA ALA B 32 -17.88 -36.19 -33.74
C ALA B 32 -17.67 -36.98 -32.45
N GLY B 33 -16.78 -37.96 -32.47
CA GLY B 33 -16.46 -38.71 -31.27
C GLY B 33 -15.79 -37.83 -30.20
N ARG B 34 -14.82 -37.02 -30.60
CA ARG B 34 -14.28 -36.04 -29.69
C ARG B 34 -15.37 -35.09 -29.13
N LEU B 35 -16.23 -34.53 -29.99
CA LEU B 35 -17.20 -33.55 -29.49
C LEU B 35 -18.28 -34.14 -28.59
N LYS B 36 -18.67 -35.38 -28.86
CA LYS B 36 -19.71 -36.06 -28.07
C LYS B 36 -19.24 -36.32 -26.65
N LEU B 37 -17.99 -36.72 -26.55
CA LEU B 37 -17.38 -37.00 -25.25
C LEU B 37 -17.32 -35.74 -24.44
N GLU B 38 -16.85 -34.67 -25.07
CA GLU B 38 -16.76 -33.40 -24.36
C GLU B 38 -18.17 -32.92 -24.03
N ILE B 39 -19.10 -33.05 -24.97
CA ILE B 39 -20.47 -32.64 -24.67
C ILE B 39 -21.05 -33.44 -23.50
N ASN B 40 -20.93 -34.76 -23.57
CA ASN B 40 -21.54 -35.63 -22.59
C ASN B 40 -21.06 -35.45 -21.15
N GLN B 41 -19.77 -35.13 -20.97
CA GLN B 41 -19.21 -34.94 -19.62
C GLN B 41 -19.12 -33.46 -19.26
N SER B 42 -19.73 -32.60 -20.07
CA SER B 42 -19.64 -31.17 -19.84
C SER B 42 -20.50 -30.71 -18.66
N LEU B 43 -19.95 -29.86 -17.78
CA LEU B 43 -20.72 -29.37 -16.63
C LEU B 43 -21.09 -27.88 -16.75
N ASP B 44 -20.70 -27.26 -17.87
CA ASP B 44 -20.99 -25.85 -18.06
C ASP B 44 -21.96 -25.74 -19.22
N GLU B 45 -23.06 -25.03 -18.98
CA GLU B 45 -24.13 -24.87 -19.97
C GLU B 45 -23.71 -24.09 -21.22
N ALA B 46 -23.21 -22.87 -21.03
CA ALA B 46 -22.76 -22.05 -22.16
C ALA B 46 -21.78 -22.84 -23.01
N GLU B 47 -21.04 -23.73 -22.37
CA GLU B 47 -19.99 -24.48 -23.03
C GLU B 47 -20.56 -25.66 -23.80
N ARG B 48 -21.56 -26.30 -23.20
CA ARG B 48 -22.26 -27.39 -23.86
C ARG B 48 -22.84 -26.98 -25.20
N TYR B 49 -23.48 -25.80 -25.21
CA TYR B 49 -24.09 -25.29 -26.45
C TYR B 49 -23.00 -24.97 -27.47
N ALA B 50 -21.94 -24.29 -27.05
CA ALA B 50 -20.84 -23.99 -27.95
C ALA B 50 -20.32 -25.26 -28.62
N LEU B 51 -20.15 -26.34 -27.86
CA LEU B 51 -19.62 -27.57 -28.43
C LEU B 51 -20.67 -28.24 -29.31
N GLN B 52 -21.92 -28.20 -28.86
CA GLN B 52 -23.01 -28.74 -29.66
C GLN B 52 -23.12 -28.04 -31.04
N ARG B 53 -22.82 -26.75 -31.06
N ARG B 53 -22.82 -26.75 -31.05
CA ARG B 53 -22.78 -26.04 -32.32
CA ARG B 53 -22.75 -26.00 -32.28
C ARG B 53 -21.53 -26.43 -33.13
C ARG B 53 -21.56 -26.48 -33.11
N GLU B 54 -20.52 -26.96 -32.46
CA GLU B 54 -19.41 -27.57 -33.21
C GLU B 54 -19.75 -29.00 -33.76
N LEU B 55 -20.57 -29.74 -33.01
CA LEU B 55 -21.03 -31.10 -33.37
C LEU B 55 -21.99 -31.13 -34.59
N PHE B 56 -23.04 -30.35 -34.46
CA PHE B 56 -24.17 -30.37 -35.36
C PHE B 56 -23.99 -29.52 -36.61
N GLY B 57 -24.76 -29.83 -37.65
CA GLY B 57 -24.81 -28.99 -38.84
C GLY B 57 -25.46 -27.67 -38.47
N HIS B 58 -26.54 -27.74 -37.71
CA HIS B 58 -27.22 -26.57 -37.16
C HIS B 58 -27.97 -26.89 -35.85
N LEU B 59 -27.95 -25.96 -34.90
CA LEU B 59 -28.72 -26.07 -33.67
C LEU B 59 -29.35 -24.72 -33.37
N GLY B 60 -30.67 -24.67 -33.35
CA GLY B 60 -31.35 -23.39 -33.37
C GLY B 60 -31.43 -22.65 -32.06
N HIS B 61 -31.90 -21.41 -32.15
CA HIS B 61 -32.22 -20.54 -31.03
C HIS B 61 -33.26 -21.16 -30.11
N LYS B 62 -33.02 -21.02 -28.81
CA LYS B 62 -33.84 -21.61 -27.76
C LYS B 62 -34.12 -23.08 -28.03
N SER B 63 -33.08 -23.81 -28.43
CA SER B 63 -33.15 -25.26 -28.51
C SER B 63 -32.08 -25.95 -27.67
N CYS B 64 -32.41 -27.17 -27.25
CA CYS B 64 -31.67 -27.89 -26.22
C CYS B 64 -31.58 -29.41 -26.50
N VAL B 65 -30.41 -30.02 -26.34
CA VAL B 65 -30.27 -31.46 -26.48
C VAL B 65 -29.63 -32.02 -25.20
N GLN B 66 -30.37 -32.82 -24.45
CA GLN B 66 -29.91 -33.32 -23.16
C GLN B 66 -28.93 -34.47 -23.30
N PRO B 67 -27.71 -34.31 -22.75
CA PRO B 67 -26.76 -35.44 -22.68
C PRO B 67 -27.24 -36.54 -21.74
N PRO B 68 -26.79 -37.78 -21.96
CA PRO B 68 -25.88 -38.16 -23.05
C PRO B 68 -26.61 -38.18 -24.37
N PHE B 69 -25.98 -37.69 -25.44
CA PHE B 69 -26.57 -37.82 -26.79
C PHE B 69 -25.60 -38.55 -27.67
N HIS B 70 -26.11 -39.49 -28.44
CA HIS B 70 -25.27 -40.29 -29.32
C HIS B 70 -25.59 -40.13 -30.79
N CYS B 71 -24.53 -39.95 -31.56
CA CYS B 71 -24.61 -39.79 -33.00
C CYS B 71 -23.30 -40.25 -33.60
N GLU B 72 -23.24 -40.42 -34.90
CA GLU B 72 -22.01 -40.85 -35.52
C GLU B 72 -21.21 -39.74 -36.20
N PHE B 73 -21.88 -38.91 -36.98
CA PHE B 73 -21.24 -37.86 -37.75
C PHE B 73 -21.50 -36.42 -37.32
N GLY B 74 -22.66 -36.17 -36.73
CA GLY B 74 -23.02 -34.85 -36.26
C GLY B 74 -23.40 -33.77 -37.24
N LYS B 75 -22.54 -33.49 -38.21
CA LYS B 75 -22.73 -32.39 -39.15
C LYS B 75 -23.94 -32.53 -40.08
N THR B 76 -24.42 -33.75 -40.20
CA THR B 76 -25.58 -34.08 -41.01
C THR B 76 -26.87 -33.79 -40.26
N ILE B 77 -26.74 -33.36 -39.01
CA ILE B 77 -27.91 -33.11 -38.20
C ILE B 77 -28.27 -31.64 -38.10
N ARG B 78 -29.54 -31.35 -38.30
CA ARG B 78 -30.02 -29.99 -38.26
C ARG B 78 -31.26 -29.87 -37.42
N ILE B 79 -31.28 -28.88 -36.55
CA ILE B 79 -32.31 -28.79 -35.53
C ILE B 79 -32.77 -27.36 -35.44
N GLY B 80 -34.08 -27.16 -35.51
CA GLY B 80 -34.70 -25.84 -35.52
C GLY B 80 -34.71 -25.05 -34.20
N ASP B 81 -35.56 -24.04 -34.14
CA ASP B 81 -35.68 -23.16 -32.97
C ASP B 81 -36.74 -23.75 -32.05
N HIS B 82 -36.64 -23.50 -30.76
CA HIS B 82 -37.60 -23.98 -29.77
C HIS B 82 -37.82 -25.50 -29.80
N THR B 83 -36.74 -26.24 -29.98
CA THR B 83 -36.84 -27.67 -30.05
C THR B 83 -36.12 -28.35 -28.88
N PHE B 84 -36.80 -29.30 -28.28
CA PHE B 84 -36.23 -30.04 -27.17
C PHE B 84 -36.09 -31.52 -27.48
N ILE B 85 -34.91 -32.05 -27.16
CA ILE B 85 -34.57 -33.45 -27.27
C ILE B 85 -34.09 -33.90 -25.90
N ASN B 86 -34.72 -34.92 -25.35
CA ASN B 86 -34.37 -35.45 -24.03
C ASN B 86 -33.15 -36.39 -24.03
N MSE B 87 -32.84 -36.98 -22.89
CA MSE B 87 -31.66 -37.83 -22.74
C MSE B 87 -31.63 -39.14 -23.50
O MSE B 87 -32.65 -39.67 -23.90
CB MSE B 87 -31.39 -38.14 -21.27
CG MSE B 87 -31.40 -36.98 -20.32
SE MSE B 87 -31.59 -37.57 -18.49
CE MSE B 87 -33.41 -38.15 -18.53
N ASN B 88 -30.42 -39.63 -23.71
CA ASN B 88 -30.13 -40.95 -24.27
C ASN B 88 -30.62 -41.25 -25.67
N VAL B 89 -30.71 -40.20 -26.47
CA VAL B 89 -31.18 -40.36 -27.84
C VAL B 89 -30.01 -40.76 -28.71
N VAL B 90 -30.22 -41.76 -29.54
CA VAL B 90 -29.18 -42.23 -30.46
C VAL B 90 -29.59 -41.87 -31.91
N MSE B 91 -28.67 -41.24 -32.63
CA MSE B 91 -28.86 -40.93 -34.06
C MSE B 91 -27.81 -41.53 -35.01
O MSE B 91 -26.61 -41.24 -34.93
CB MSE B 91 -29.03 -39.41 -34.25
CG MSE B 91 -30.32 -38.84 -33.56
SE MSE B 91 -30.83 -37.03 -34.19
CE MSE B 91 -32.36 -36.53 -33.04
N LEU B 92 -28.23 -42.44 -35.87
CA LEU B 92 -27.34 -42.95 -36.90
C LEU B 92 -27.58 -42.03 -38.07
N ASP B 93 -26.59 -41.22 -38.38
CA ASP B 93 -26.84 -40.05 -39.21
C ASP B 93 -25.97 -40.04 -40.46
N GLY B 94 -25.77 -41.22 -41.05
CA GLY B 94 -25.05 -41.32 -42.31
C GLY B 94 -25.62 -40.40 -43.38
N ALA B 95 -26.91 -40.07 -43.28
CA ALA B 95 -27.55 -39.13 -44.20
C ALA B 95 -28.21 -38.04 -43.37
N PRO B 96 -28.64 -36.97 -44.04
CA PRO B 96 -29.21 -35.82 -43.34
C PRO B 96 -30.35 -36.14 -42.39
N ILE B 97 -30.31 -35.46 -41.24
CA ILE B 97 -31.40 -35.51 -40.30
C ILE B 97 -31.81 -34.08 -40.03
N THR B 98 -33.04 -33.79 -40.39
CA THR B 98 -33.56 -32.43 -40.32
C THR B 98 -34.79 -32.38 -39.42
N ILE B 99 -34.64 -31.62 -38.34
CA ILE B 99 -35.66 -31.49 -37.33
C ILE B 99 -36.13 -30.07 -37.31
N GLY B 100 -37.44 -29.89 -37.27
CA GLY B 100 -38.02 -28.57 -37.44
C GLY B 100 -38.12 -27.81 -36.13
N ASP B 101 -39.04 -26.85 -36.11
CA ASP B 101 -39.30 -25.93 -35.01
C ASP B 101 -40.30 -26.53 -34.04
N HIS B 102 -40.14 -26.23 -32.75
CA HIS B 102 -41.11 -26.62 -31.76
C HIS B 102 -41.26 -28.15 -31.70
N VAL B 103 -40.17 -28.85 -31.93
CA VAL B 103 -40.23 -30.30 -31.88
C VAL B 103 -39.84 -30.80 -30.49
N LEU B 104 -40.53 -31.84 -30.01
CA LEU B 104 -40.20 -32.54 -28.74
C LEU B 104 -39.92 -34.00 -28.99
N ILE B 105 -38.74 -34.44 -28.58
CA ILE B 105 -38.34 -35.83 -28.78
C ILE B 105 -38.02 -36.50 -27.46
N GLY B 106 -38.70 -37.59 -27.13
CA GLY B 106 -38.52 -38.23 -25.81
C GLY B 106 -37.18 -38.91 -25.60
N PRO B 107 -36.94 -39.39 -24.36
CA PRO B 107 -35.69 -40.11 -24.06
C PRO B 107 -35.58 -41.39 -24.84
N SER B 108 -34.36 -41.73 -25.20
CA SER B 108 -34.03 -43.04 -25.73
C SER B 108 -34.59 -43.32 -27.11
N THR B 109 -35.11 -42.28 -27.74
CA THR B 109 -35.56 -42.36 -29.13
C THR B 109 -34.36 -42.65 -30.05
N GLN B 110 -34.57 -43.51 -31.05
CA GLN B 110 -33.53 -43.88 -32.04
C GLN B 110 -33.90 -43.36 -33.44
N PHE B 111 -32.92 -42.75 -34.12
CA PHE B 111 -33.11 -42.31 -35.50
C PHE B 111 -32.15 -43.07 -36.39
N TYR B 112 -32.69 -43.92 -37.26
CA TYR B 112 -31.82 -44.78 -38.06
C TYR B 112 -31.80 -44.37 -39.56
N THR B 113 -30.92 -43.48 -40.00
CA THR B 113 -30.85 -43.23 -41.44
C THR B 113 -30.23 -44.44 -42.21
N ALA B 114 -29.66 -45.37 -41.47
CA ALA B 114 -28.91 -46.48 -42.06
C ALA B 114 -29.75 -47.73 -42.28
N SER B 115 -29.34 -48.53 -43.26
CA SER B 115 -29.96 -49.85 -43.40
C SER B 115 -29.10 -50.82 -44.23
N HIS B 116 -29.49 -52.09 -44.22
CA HIS B 116 -28.78 -53.14 -44.94
C HIS B 116 -29.72 -54.00 -45.74
N SER B 117 -29.18 -54.69 -46.73
CA SER B 117 -30.01 -55.56 -47.53
C SER B 117 -30.46 -56.77 -46.69
N LEU B 118 -31.60 -57.35 -47.04
CA LEU B 118 -32.06 -58.56 -46.38
C LEU B 118 -31.35 -59.79 -46.92
N ASP B 119 -30.60 -59.60 -48.00
CA ASP B 119 -29.81 -60.70 -48.58
C ASP B 119 -28.45 -60.73 -47.90
N TYR B 120 -28.22 -61.76 -47.08
CA TYR B 120 -27.01 -61.85 -46.28
C TYR B 120 -25.74 -61.72 -47.11
N ARG B 121 -25.84 -62.06 -48.40
CA ARG B 121 -24.70 -61.95 -49.31
C ARG B 121 -24.32 -60.50 -49.60
N ARG B 122 -25.29 -59.61 -49.45
CA ARG B 122 -25.06 -58.20 -49.76
C ARG B 122 -24.79 -57.42 -48.48
N ARG B 123 -24.49 -58.13 -47.38
CA ARG B 123 -24.23 -57.49 -46.07
C ARG B 123 -22.84 -57.77 -45.52
N GLN B 124 -22.09 -58.60 -46.22
CA GLN B 124 -20.84 -59.11 -45.70
C GLN B 124 -19.65 -58.14 -45.75
N ALA B 125 -19.74 -57.11 -46.59
CA ALA B 125 -18.78 -56.02 -46.55
C ALA B 125 -19.38 -54.85 -45.75
N TRP B 126 -20.42 -55.14 -44.99
CA TRP B 126 -21.12 -54.15 -44.20
C TRP B 126 -21.74 -53.10 -45.10
N GLU B 127 -22.16 -53.51 -46.29
CA GLU B 127 -22.80 -52.57 -47.19
C GLU B 127 -23.94 -51.87 -46.47
N THR B 128 -24.01 -50.57 -46.68
CA THR B 128 -24.95 -49.77 -45.94
C THR B 128 -25.50 -48.70 -46.89
N ILE B 129 -26.80 -48.44 -46.78
CA ILE B 129 -27.43 -47.36 -47.48
C ILE B 129 -28.11 -46.48 -46.44
N CYS B 130 -27.86 -45.19 -46.50
CA CYS B 130 -28.58 -44.27 -45.63
C CYS B 130 -29.53 -43.39 -46.43
N LYS B 131 -30.75 -43.25 -45.91
CA LYS B 131 -31.80 -42.41 -46.48
C LYS B 131 -32.25 -41.47 -45.37
N PRO B 132 -32.48 -40.21 -45.72
CA PRO B 132 -32.71 -39.12 -44.78
C PRO B 132 -33.94 -39.29 -43.92
N ILE B 133 -33.93 -38.58 -42.80
CA ILE B 133 -35.08 -38.46 -41.96
C ILE B 133 -35.44 -36.98 -41.80
N VAL B 134 -36.73 -36.69 -41.81
CA VAL B 134 -37.17 -35.30 -41.71
C VAL B 134 -38.31 -35.28 -40.71
N ILE B 135 -38.15 -34.44 -39.70
CA ILE B 135 -39.22 -34.22 -38.74
C ILE B 135 -39.65 -32.79 -38.86
N GLU B 136 -40.93 -32.60 -39.15
CA GLU B 136 -41.48 -31.27 -39.44
C GLU B 136 -41.91 -30.52 -38.15
N ASP B 137 -42.18 -29.23 -38.28
CA ASP B 137 -42.59 -28.39 -37.15
C ASP B 137 -43.66 -29.02 -36.24
N ASP B 138 -43.60 -28.73 -34.94
CA ASP B 138 -44.68 -29.05 -34.00
C ASP B 138 -44.99 -30.55 -33.78
N VAL B 139 -44.00 -31.38 -33.98
CA VAL B 139 -44.18 -32.80 -33.84
C VAL B 139 -43.76 -33.24 -32.43
N TRP B 140 -44.55 -34.12 -31.80
CA TRP B 140 -44.13 -34.72 -30.53
C TRP B 140 -43.82 -36.20 -30.71
N ILE B 141 -42.56 -36.61 -30.54
CA ILE B 141 -42.23 -38.04 -30.56
C ILE B 141 -42.01 -38.56 -29.13
N GLY B 142 -42.65 -39.68 -28.77
CA GLY B 142 -42.58 -40.19 -27.40
C GLY B 142 -41.18 -40.73 -27.14
N GLY B 143 -40.95 -41.22 -25.92
CA GLY B 143 -39.73 -41.95 -25.60
C GLY B 143 -39.66 -43.37 -26.13
N ASN B 144 -38.45 -43.87 -26.31
CA ASN B 144 -38.12 -45.22 -26.81
C ASN B 144 -38.69 -45.52 -28.21
N VAL B 145 -38.94 -44.46 -28.97
CA VAL B 145 -39.43 -44.62 -30.32
C VAL B 145 -38.30 -44.88 -31.30
N VAL B 146 -38.50 -45.80 -32.24
CA VAL B 146 -37.60 -45.96 -33.37
C VAL B 146 -38.19 -45.34 -34.64
N ILE B 147 -37.40 -44.50 -35.27
CA ILE B 147 -37.72 -43.94 -36.58
C ILE B 147 -36.74 -44.46 -37.61
N ASN B 148 -37.25 -45.17 -38.63
CA ASN B 148 -36.41 -45.73 -39.68
C ASN B 148 -36.11 -44.82 -40.88
N GLN B 149 -35.27 -45.33 -41.77
CA GLN B 149 -34.68 -44.49 -42.79
C GLN B 149 -35.75 -44.00 -43.73
N GLY B 150 -35.47 -42.89 -44.38
CA GLY B 150 -36.34 -42.29 -45.38
C GLY B 150 -37.69 -41.84 -44.89
N VAL B 151 -37.84 -41.60 -43.59
CA VAL B 151 -39.13 -41.21 -43.07
C VAL B 151 -39.29 -39.71 -42.91
N THR B 152 -40.52 -39.26 -43.12
CA THR B 152 -40.92 -37.89 -42.92
C THR B 152 -42.11 -37.89 -41.99
N ILE B 153 -41.98 -37.20 -40.87
CA ILE B 153 -43.09 -37.06 -39.93
C ILE B 153 -43.65 -35.68 -40.18
N GLY B 154 -44.87 -35.66 -40.68
CA GLY B 154 -45.53 -34.43 -41.06
C GLY B 154 -45.77 -33.56 -39.85
N ALA B 155 -45.99 -32.28 -40.11
CA ALA B 155 -46.15 -31.27 -39.09
C ALA B 155 -47.30 -31.60 -38.13
N ARG B 156 -47.08 -31.27 -36.86
CA ARG B 156 -48.11 -31.34 -35.83
C ARG B 156 -48.63 -32.77 -35.54
N SER B 157 -47.82 -33.77 -35.82
CA SER B 157 -48.23 -35.13 -35.52
C SER B 157 -47.63 -35.60 -34.21
N VAL B 158 -48.11 -36.75 -33.76
CA VAL B 158 -47.60 -37.38 -32.55
C VAL B 158 -47.30 -38.85 -32.73
N VAL B 159 -46.10 -39.29 -32.31
CA VAL B 159 -45.74 -40.71 -32.31
C VAL B 159 -45.78 -41.29 -30.90
N ALA B 160 -46.68 -42.26 -30.65
CA ALA B 160 -46.81 -42.94 -29.33
C ALA B 160 -45.49 -43.52 -28.82
N ALA B 161 -45.31 -43.60 -27.50
CA ALA B 161 -44.05 -44.12 -26.95
C ALA B 161 -43.78 -45.53 -27.44
N ASN B 162 -42.52 -45.82 -27.71
CA ASN B 162 -42.01 -47.12 -28.15
C ASN B 162 -42.53 -47.62 -29.50
N SER B 163 -42.93 -46.69 -30.35
CA SER B 163 -43.44 -47.01 -31.66
C SER B 163 -42.28 -47.21 -32.67
N VAL B 164 -42.50 -48.01 -33.71
CA VAL B 164 -41.55 -48.13 -34.81
C VAL B 164 -42.13 -47.52 -36.11
N VAL B 165 -41.53 -46.44 -36.59
CA VAL B 165 -42.05 -45.73 -37.72
C VAL B 165 -41.23 -46.10 -38.94
N ASN B 166 -41.89 -46.76 -39.88
CA ASN B 166 -41.26 -47.34 -41.05
C ASN B 166 -41.56 -46.52 -42.27
N GLN B 167 -42.51 -45.60 -42.12
CA GLN B 167 -43.19 -44.99 -43.24
C GLN B 167 -43.61 -43.58 -42.89
N ASP B 168 -43.74 -42.76 -43.92
CA ASP B 168 -44.02 -41.34 -43.78
C ASP B 168 -45.23 -41.19 -42.92
N VAL B 169 -45.22 -40.17 -42.06
CA VAL B 169 -46.35 -39.94 -41.16
C VAL B 169 -47.05 -38.65 -41.50
N PRO B 170 -48.36 -38.75 -41.70
CA PRO B 170 -49.20 -37.64 -42.15
C PRO B 170 -49.26 -36.50 -41.16
N PRO B 171 -49.44 -35.28 -41.63
CA PRO B 171 -49.51 -34.16 -40.70
C PRO B 171 -50.82 -34.20 -39.91
N ASP B 172 -50.83 -33.62 -38.72
CA ASP B 172 -51.99 -33.61 -37.83
C ASP B 172 -52.47 -34.99 -37.42
N THR B 173 -51.55 -35.92 -37.23
CA THR B 173 -51.91 -37.30 -36.93
C THR B 173 -51.22 -37.92 -35.71
N LEU B 174 -51.97 -38.72 -34.97
CA LEU B 174 -51.41 -39.45 -33.87
C LEU B 174 -51.19 -40.89 -34.33
N VAL B 175 -49.98 -41.41 -34.13
CA VAL B 175 -49.63 -42.78 -34.52
C VAL B 175 -48.98 -43.60 -33.41
N GLY B 176 -49.15 -44.92 -33.49
CA GLY B 176 -48.60 -45.85 -32.53
C GLY B 176 -48.49 -47.29 -33.00
N GLY B 177 -47.65 -48.04 -32.29
CA GLY B 177 -47.41 -49.44 -32.54
C GLY B 177 -46.24 -49.75 -33.43
N THR B 178 -45.94 -51.02 -33.57
CA THR B 178 -44.84 -51.46 -34.41
C THR B 178 -45.37 -52.43 -35.44
N PRO B 179 -45.42 -52.05 -36.71
CA PRO B 179 -45.10 -50.71 -37.21
C PRO B 179 -46.18 -49.70 -36.88
N ALA B 180 -45.87 -48.42 -36.98
CA ALA B 180 -46.82 -47.39 -36.62
C ALA B 180 -48.03 -47.47 -37.54
N ARG B 181 -49.19 -47.12 -36.98
CA ARG B 181 -50.46 -47.02 -37.68
C ARG B 181 -51.21 -45.84 -37.08
N ILE B 182 -52.19 -45.33 -37.81
CA ILE B 182 -52.87 -44.11 -37.40
C ILE B 182 -53.81 -44.43 -36.28
N LEU B 183 -53.68 -43.72 -35.16
CA LEU B 183 -54.61 -43.90 -34.04
C LEU B 183 -55.76 -42.90 -34.13
N ARG B 184 -55.45 -41.67 -34.50
CA ARG B 184 -56.45 -40.59 -34.56
C ARG B 184 -56.00 -39.47 -35.47
N SER B 185 -56.96 -38.85 -36.16
CA SER B 185 -56.72 -37.52 -36.68
C SER B 185 -56.66 -36.60 -35.47
N LEU B 186 -55.80 -35.60 -35.52
CA LEU B 186 -55.77 -34.60 -34.46
C LEU B 186 -56.25 -33.28 -35.03
N LYS B 187 -56.79 -33.30 -36.25
CA LYS B 187 -57.17 -32.07 -36.92
C LYS B 187 -58.33 -31.34 -36.26
N MSE C 6 -45.91 -23.11 0.08
CA MSE C 6 -44.90 -24.12 -0.24
C MSE C 6 -43.73 -23.53 -1.03
O MSE C 6 -43.86 -22.51 -1.71
CB MSE C 6 -45.52 -25.26 -1.05
CG MSE C 6 -46.62 -26.04 -0.31
SE MSE C 6 -47.46 -27.41 -1.42
CE MSE C 6 -48.80 -26.32 -2.33
N SER C 7 -42.58 -24.19 -0.92
CA SER C 7 -41.40 -23.89 -1.73
C SER C 7 -41.54 -24.57 -3.10
N GLU C 8 -40.84 -24.10 -4.12
CA GLU C 8 -40.91 -24.79 -5.42
C GLU C 8 -40.52 -26.27 -5.24
N LEU C 9 -39.54 -26.55 -4.39
CA LEU C 9 -39.13 -27.93 -4.06
C LEU C 9 -40.25 -28.67 -3.37
N GLU C 10 -41.03 -27.96 -2.57
CA GLU C 10 -42.16 -28.58 -1.91
C GLU C 10 -43.25 -28.91 -2.93
N LYS C 11 -43.62 -27.95 -3.77
CA LYS C 11 -44.56 -28.19 -4.89
C LYS C 11 -44.19 -29.47 -5.66
N MSE C 12 -42.94 -29.55 -6.08
CA MSE C 12 -42.42 -30.65 -6.87
C MSE C 12 -42.55 -32.03 -6.22
O MSE C 12 -42.90 -33.01 -6.88
CB MSE C 12 -40.97 -30.37 -7.21
CG MSE C 12 -40.19 -31.61 -7.57
SE MSE C 12 -38.36 -31.27 -8.12
CE MSE C 12 -38.62 -31.18 -10.04
N LEU C 13 -42.22 -32.11 -4.93
CA LEU C 13 -42.37 -33.36 -4.18
C LEU C 13 -43.85 -33.80 -4.00
N LYS C 14 -44.79 -32.87 -4.08
CA LYS C 14 -46.20 -33.25 -3.98
C LYS C 14 -46.78 -33.48 -5.37
N GLY C 15 -45.99 -33.20 -6.40
CA GLY C 15 -46.40 -33.40 -7.77
C GLY C 15 -47.19 -32.20 -8.28
N GLU C 16 -47.21 -31.13 -7.50
CA GLU C 16 -47.82 -29.88 -7.95
C GLU C 16 -46.99 -29.26 -9.07
N HIS C 17 -47.59 -28.36 -9.83
CA HIS C 17 -46.83 -27.64 -10.85
C HIS C 17 -45.73 -26.81 -10.15
N PHE C 18 -44.56 -26.75 -10.77
CA PHE C 18 -43.44 -25.92 -10.29
C PHE C 18 -42.77 -25.13 -11.44
N ASP C 19 -42.10 -24.03 -11.08
CA ASP C 19 -41.24 -23.29 -12.02
C ASP C 19 -39.86 -23.98 -12.18
N GLY C 20 -39.60 -24.52 -13.37
CA GLY C 20 -38.39 -25.28 -13.66
C GLY C 20 -37.13 -24.45 -13.65
N ALA C 21 -37.28 -23.13 -13.77
CA ALA C 21 -36.13 -22.23 -13.74
C ALA C 21 -36.01 -21.45 -12.44
N SER C 22 -36.82 -21.82 -11.44
CA SER C 22 -36.64 -21.46 -10.02
C SER C 22 -35.19 -21.58 -9.61
N ALA C 23 -34.74 -20.62 -8.82
CA ALA C 23 -33.40 -20.72 -8.27
C ALA C 23 -33.21 -22.09 -7.65
N GLU C 24 -34.22 -22.53 -6.89
CA GLU C 24 -34.13 -23.77 -6.13
C GLU C 24 -34.08 -25.03 -7.02
N ILE C 25 -35.00 -25.10 -7.98
CA ILE C 25 -35.04 -26.20 -8.94
C ILE C 25 -33.75 -26.22 -9.75
N GLU C 26 -33.37 -25.06 -10.25
CA GLU C 26 -32.16 -24.88 -11.04
C GLU C 26 -30.96 -25.47 -10.30
N ALA C 27 -30.88 -25.15 -9.02
CA ALA C 27 -29.76 -25.62 -8.22
C ALA C 27 -29.83 -27.13 -8.08
N LEU C 28 -31.05 -27.67 -7.95
CA LEU C 28 -31.21 -29.11 -7.83
C LEU C 28 -30.80 -29.80 -9.13
N ARG C 29 -31.24 -29.25 -10.26
CA ARG C 29 -30.91 -29.80 -11.56
C ARG C 29 -29.37 -29.81 -11.77
N SER C 30 -28.69 -28.75 -11.38
CA SER C 30 -27.24 -28.76 -11.52
C SER C 30 -26.58 -29.77 -10.57
N GLN C 31 -27.08 -29.86 -9.33
CA GLN C 31 -26.51 -30.80 -8.35
C GLN C 31 -26.60 -32.22 -8.94
N ALA C 32 -27.78 -32.54 -9.49
CA ALA C 32 -28.05 -33.85 -10.09
C ALA C 32 -27.12 -34.12 -11.28
N GLY C 33 -26.91 -33.11 -12.11
CA GLY C 33 -25.96 -33.25 -13.20
C GLY C 33 -24.53 -33.54 -12.77
N ARG C 34 -24.11 -32.86 -11.73
CA ARG C 34 -22.81 -33.07 -11.15
C ARG C 34 -22.70 -34.55 -10.69
N LEU C 35 -23.67 -34.98 -9.88
CA LEU C 35 -23.62 -36.29 -9.26
C LEU C 35 -23.75 -37.44 -10.24
N LYS C 36 -24.56 -37.23 -11.26
CA LYS C 36 -24.76 -38.20 -12.32
C LYS C 36 -23.38 -38.50 -12.94
N LEU C 37 -22.63 -37.44 -13.18
CA LEU C 37 -21.33 -37.56 -13.81
C LEU C 37 -20.37 -38.30 -12.90
N GLU C 38 -20.29 -37.87 -11.66
CA GLU C 38 -19.36 -38.54 -10.77
C GLU C 38 -19.83 -40.00 -10.57
N ILE C 39 -21.14 -40.21 -10.49
CA ILE C 39 -21.58 -41.57 -10.25
C ILE C 39 -21.28 -42.44 -11.43
N ASN C 40 -21.50 -41.91 -12.62
CA ASN C 40 -21.42 -42.73 -13.81
C ASN C 40 -19.97 -43.05 -14.15
N GLN C 41 -19.06 -42.17 -13.74
CA GLN C 41 -17.63 -42.33 -13.95
C GLN C 41 -16.95 -42.89 -12.71
N SER C 42 -17.72 -43.35 -11.74
CA SER C 42 -17.13 -43.93 -10.55
C SER C 42 -16.52 -45.33 -10.74
N LEU C 43 -15.30 -45.50 -10.24
CA LEU C 43 -14.65 -46.81 -10.25
C LEU C 43 -14.56 -47.38 -8.85
N ASP C 44 -15.20 -46.71 -7.92
CA ASP C 44 -15.16 -47.12 -6.53
C ASP C 44 -16.56 -47.38 -6.01
N GLU C 45 -16.83 -48.63 -5.62
CA GLU C 45 -18.15 -49.02 -5.16
C GLU C 45 -18.70 -48.24 -3.95
N ALA C 46 -17.93 -48.18 -2.88
CA ALA C 46 -18.44 -47.50 -1.72
C ALA C 46 -18.73 -46.03 -2.05
N GLU C 47 -17.79 -45.36 -2.71
CA GLU C 47 -17.99 -43.95 -3.00
C GLU C 47 -19.14 -43.73 -3.98
N ARG C 48 -19.41 -44.75 -4.80
CA ARG C 48 -20.54 -44.65 -5.74
C ARG C 48 -21.88 -44.68 -5.00
N TYR C 49 -21.98 -45.52 -3.98
CA TYR C 49 -23.19 -45.61 -3.20
C TYR C 49 -23.44 -44.31 -2.43
N ALA C 50 -22.37 -43.73 -1.90
CA ALA C 50 -22.44 -42.47 -1.16
C ALA C 50 -22.98 -41.36 -2.04
N LEU C 51 -22.46 -41.31 -3.25
CA LEU C 51 -22.84 -40.26 -4.18
C LEU C 51 -24.29 -40.52 -4.54
N GLN C 52 -24.65 -41.79 -4.61
CA GLN C 52 -26.01 -42.12 -5.01
C GLN C 52 -26.99 -41.68 -3.96
N ARG C 53 -26.59 -41.71 -2.69
CA ARG C 53 -27.46 -41.27 -1.62
C ARG C 53 -27.55 -39.76 -1.56
N GLU C 54 -26.60 -39.07 -2.18
CA GLU C 54 -26.70 -37.62 -2.27
C GLU C 54 -27.61 -37.21 -3.42
N LEU C 55 -27.63 -38.00 -4.48
CA LEU C 55 -28.51 -37.77 -5.62
C LEU C 55 -29.98 -38.00 -5.27
N PHE C 56 -30.28 -39.19 -4.77
CA PHE C 56 -31.66 -39.62 -4.55
C PHE C 56 -32.25 -39.08 -3.29
N GLY C 57 -33.59 -39.04 -3.25
CA GLY C 57 -34.27 -38.68 -2.03
C GLY C 57 -33.94 -39.73 -0.99
N HIS C 58 -33.93 -40.97 -1.43
CA HIS C 58 -33.66 -42.10 -0.55
C HIS C 58 -33.17 -43.31 -1.36
N LEU C 59 -32.27 -44.07 -0.76
CA LEU C 59 -31.76 -45.29 -1.37
C LEU C 59 -31.54 -46.24 -0.20
N GLY C 60 -32.43 -47.22 -0.11
CA GLY C 60 -32.48 -48.10 1.02
C GLY C 60 -31.32 -49.07 1.19
N HIS C 61 -31.35 -49.71 2.35
CA HIS C 61 -30.33 -50.63 2.77
C HIS C 61 -30.12 -51.77 1.78
N LYS C 62 -28.86 -51.97 1.40
CA LYS C 62 -28.42 -53.06 0.53
C LYS C 62 -29.09 -53.02 -0.84
N SER C 63 -29.44 -51.83 -1.31
CA SER C 63 -29.98 -51.71 -2.66
C SER C 63 -28.88 -51.35 -3.63
N CYS C 64 -29.19 -51.45 -4.91
CA CYS C 64 -28.18 -51.25 -5.95
C CYS C 64 -28.71 -50.48 -7.16
N VAL C 65 -27.96 -49.48 -7.60
CA VAL C 65 -28.23 -48.84 -8.87
C VAL C 65 -27.01 -48.90 -9.81
N GLN C 66 -27.10 -49.72 -10.85
CA GLN C 66 -25.99 -49.89 -11.79
C GLN C 66 -25.82 -48.73 -12.75
N PRO C 67 -24.58 -48.20 -12.85
CA PRO C 67 -24.27 -47.13 -13.80
C PRO C 67 -24.16 -47.67 -15.22
N PRO C 68 -24.44 -46.87 -16.24
CA PRO C 68 -24.91 -45.48 -16.13
C PRO C 68 -26.38 -45.35 -15.75
N PHE C 69 -26.71 -44.33 -14.98
CA PHE C 69 -28.08 -44.05 -14.58
C PHE C 69 -28.44 -42.64 -15.01
N HIS C 70 -29.61 -42.46 -15.59
CA HIS C 70 -30.02 -41.14 -16.02
C HIS C 70 -31.29 -40.65 -15.35
N CYS C 71 -31.23 -39.42 -14.86
CA CYS C 71 -32.32 -38.78 -14.15
C CYS C 71 -32.21 -37.25 -14.23
N GLU C 72 -33.20 -36.55 -13.69
CA GLU C 72 -33.25 -35.10 -13.81
C GLU C 72 -32.89 -34.42 -12.48
N PHE C 73 -33.66 -34.74 -11.44
CA PHE C 73 -33.55 -34.08 -10.15
C PHE C 73 -32.97 -34.96 -9.05
N GLY C 74 -33.22 -36.25 -9.14
CA GLY C 74 -32.76 -37.21 -8.16
C GLY C 74 -33.50 -37.28 -6.84
N LYS C 75 -33.64 -36.14 -6.20
CA LYS C 75 -34.22 -36.04 -4.87
C LYS C 75 -35.64 -36.47 -4.83
N THR C 76 -36.24 -36.67 -5.99
CA THR C 76 -37.67 -36.97 -6.02
C THR C 76 -37.86 -38.47 -6.12
N ILE C 77 -36.75 -39.17 -6.25
CA ILE C 77 -36.77 -40.62 -6.41
C ILE C 77 -36.52 -41.31 -5.08
N ARG C 78 -37.42 -42.19 -4.65
CA ARG C 78 -37.16 -42.90 -3.39
C ARG C 78 -37.16 -44.40 -3.60
N ILE C 79 -36.07 -45.05 -3.20
CA ILE C 79 -35.88 -46.45 -3.43
C ILE C 79 -35.78 -47.25 -2.12
N GLY C 80 -36.50 -48.38 -2.07
CA GLY C 80 -36.63 -49.14 -0.82
C GLY C 80 -35.44 -50.01 -0.53
N ASP C 81 -35.66 -51.05 0.27
CA ASP C 81 -34.59 -51.95 0.65
C ASP C 81 -34.46 -53.09 -0.34
N HIS C 82 -33.23 -53.55 -0.55
CA HIS C 82 -32.94 -54.79 -1.26
C HIS C 82 -33.49 -54.75 -2.62
N THR C 83 -33.48 -53.56 -3.18
CA THR C 83 -33.97 -53.35 -4.53
C THR C 83 -32.81 -53.08 -5.48
N PHE C 84 -32.80 -53.84 -6.57
CA PHE C 84 -31.79 -53.73 -7.61
C PHE C 84 -32.31 -53.04 -8.88
N ILE C 85 -31.62 -52.01 -9.32
CA ILE C 85 -31.92 -51.34 -10.58
C ILE C 85 -30.74 -51.51 -11.52
N ASN C 86 -30.99 -52.08 -12.70
CA ASN C 86 -29.90 -52.36 -13.64
C ASN C 86 -29.39 -51.19 -14.52
N MSE C 87 -28.50 -51.50 -15.46
CA MSE C 87 -27.78 -50.49 -16.23
C MSE C 87 -28.69 -49.70 -17.18
O MSE C 87 -29.69 -50.23 -17.68
CB MSE C 87 -26.66 -51.14 -17.04
CG MSE C 87 -25.38 -51.45 -16.28
SE MSE C 87 -24.15 -52.68 -17.27
CE MSE C 87 -25.45 -53.96 -17.96
N ASN C 88 -28.32 -48.46 -17.44
CA ASN C 88 -28.87 -47.68 -18.57
C ASN C 88 -30.33 -47.28 -18.39
N VAL C 89 -30.72 -47.09 -17.14
CA VAL C 89 -32.06 -46.64 -16.81
C VAL C 89 -32.22 -45.13 -16.91
N VAL C 90 -33.34 -44.70 -17.44
CA VAL C 90 -33.69 -43.29 -17.58
C VAL C 90 -34.96 -43.01 -16.80
N MSE C 91 -34.91 -42.01 -15.94
CA MSE C 91 -36.08 -41.65 -15.18
C MSE C 91 -36.35 -40.15 -15.31
O MSE C 91 -35.56 -39.33 -14.91
CB MSE C 91 -35.89 -42.01 -13.71
CG MSE C 91 -35.68 -43.48 -13.43
SE MSE C 91 -36.07 -43.94 -11.60
CE MSE C 91 -35.94 -45.84 -11.71
N LEU C 92 -37.53 -39.81 -15.83
CA LEU C 92 -37.91 -38.41 -15.89
C LEU C 92 -38.63 -38.18 -14.59
N ASP C 93 -37.97 -37.48 -13.69
CA ASP C 93 -38.40 -37.34 -12.30
C ASP C 93 -38.97 -35.99 -11.85
N GLY C 94 -39.73 -35.35 -12.73
CA GLY C 94 -40.39 -34.09 -12.45
C GLY C 94 -41.33 -34.21 -11.29
N ALA C 95 -41.94 -35.37 -11.15
CA ALA C 95 -42.83 -35.70 -10.05
C ALA C 95 -42.25 -36.95 -9.38
N PRO C 96 -42.67 -37.25 -8.16
CA PRO C 96 -42.10 -38.36 -7.41
C PRO C 96 -42.22 -39.74 -8.03
N ILE C 97 -41.17 -40.53 -7.84
CA ILE C 97 -41.09 -41.90 -8.28
C ILE C 97 -40.75 -42.68 -7.03
N THR C 98 -41.60 -43.62 -6.65
CA THR C 98 -41.38 -44.38 -5.43
C THR C 98 -41.26 -45.87 -5.69
N ILE C 99 -40.15 -46.46 -5.26
CA ILE C 99 -39.89 -47.86 -5.48
C ILE C 99 -39.78 -48.58 -4.15
N GLY C 100 -40.45 -49.71 -4.05
CA GLY C 100 -40.46 -50.49 -2.83
C GLY C 100 -39.33 -51.46 -2.62
N ASP C 101 -39.50 -52.26 -1.58
CA ASP C 101 -38.59 -53.33 -1.21
C ASP C 101 -38.69 -54.53 -2.15
N HIS C 102 -37.54 -55.15 -2.36
CA HIS C 102 -37.45 -56.32 -3.20
C HIS C 102 -37.90 -56.10 -4.63
N VAL C 103 -37.65 -54.91 -5.16
CA VAL C 103 -37.96 -54.63 -6.56
C VAL C 103 -36.77 -54.87 -7.50
N LEU C 104 -37.07 -55.41 -8.68
CA LEU C 104 -36.07 -55.71 -9.70
C LEU C 104 -36.43 -55.01 -11.01
N ILE C 105 -35.50 -54.16 -11.49
CA ILE C 105 -35.70 -53.35 -12.67
C ILE C 105 -34.61 -53.53 -13.72
N GLY C 106 -35.03 -54.00 -14.89
CA GLY C 106 -34.11 -54.43 -15.94
C GLY C 106 -33.43 -53.32 -16.71
N PRO C 107 -32.40 -53.67 -17.48
CA PRO C 107 -31.60 -52.66 -18.19
C PRO C 107 -32.44 -51.83 -19.17
N SER C 108 -32.07 -50.56 -19.29
CA SER C 108 -32.69 -49.63 -20.26
C SER C 108 -34.15 -49.31 -20.01
N THR C 109 -34.66 -49.67 -18.84
CA THR C 109 -36.04 -49.30 -18.54
C THR C 109 -36.25 -47.78 -18.42
N GLN C 110 -37.47 -47.34 -18.66
CA GLN C 110 -37.79 -45.91 -18.75
C GLN C 110 -38.97 -45.58 -17.86
N PHE C 111 -38.85 -44.51 -17.07
CA PHE C 111 -39.90 -44.05 -16.19
C PHE C 111 -40.24 -42.60 -16.56
N TYR C 112 -41.42 -42.36 -17.11
CA TYR C 112 -41.80 -41.00 -17.54
C TYR C 112 -42.91 -40.48 -16.63
N THR C 113 -42.58 -39.54 -15.75
CA THR C 113 -43.64 -38.86 -14.99
C THR C 113 -44.17 -37.71 -15.82
N ALA C 114 -43.44 -37.33 -16.86
CA ALA C 114 -43.79 -36.16 -17.67
C ALA C 114 -44.55 -36.52 -18.95
N SER C 115 -45.45 -35.66 -19.37
CA SER C 115 -45.92 -35.69 -20.75
C SER C 115 -46.48 -34.34 -21.18
N HIS C 116 -47.08 -34.29 -22.36
CA HIS C 116 -47.54 -33.02 -22.97
C HIS C 116 -48.93 -33.21 -23.55
N SER C 117 -49.59 -32.10 -23.88
CA SER C 117 -50.88 -32.13 -24.52
C SER C 117 -50.75 -32.67 -25.95
N LEU C 118 -51.83 -33.29 -26.44
CA LEU C 118 -51.94 -33.70 -27.85
C LEU C 118 -52.21 -32.50 -28.77
N ASP C 119 -52.73 -31.42 -28.18
CA ASP C 119 -52.90 -30.14 -28.87
C ASP C 119 -51.53 -29.48 -29.06
N TYR C 120 -51.06 -29.50 -30.30
CA TYR C 120 -49.75 -28.95 -30.63
C TYR C 120 -49.60 -27.48 -30.21
N ARG C 121 -50.71 -26.76 -30.12
CA ARG C 121 -50.65 -25.37 -29.71
C ARG C 121 -50.47 -25.26 -28.21
N ARG C 122 -50.62 -26.39 -27.52
CA ARG C 122 -50.35 -26.44 -26.08
C ARG C 122 -48.96 -27.03 -25.75
N ARG C 123 -48.03 -26.96 -26.71
CA ARG C 123 -46.69 -27.52 -26.57
C ARG C 123 -45.59 -26.53 -26.98
N GLN C 124 -45.99 -25.33 -27.32
CA GLN C 124 -45.08 -24.38 -27.94
C GLN C 124 -44.14 -23.80 -26.92
N ALA C 125 -44.53 -23.88 -25.65
CA ALA C 125 -43.70 -23.42 -24.54
C ALA C 125 -43.11 -24.60 -23.76
N TRP C 126 -43.13 -25.76 -24.39
CA TRP C 126 -42.64 -26.97 -23.73
C TRP C 126 -43.42 -27.23 -22.46
N GLU C 127 -44.69 -26.83 -22.47
CA GLU C 127 -45.55 -27.04 -21.32
C GLU C 127 -45.55 -28.54 -20.96
N THR C 128 -45.35 -28.83 -19.68
CA THR C 128 -45.22 -30.21 -19.26
C THR C 128 -45.98 -30.44 -18.00
N ILE C 129 -46.72 -31.53 -17.97
CA ILE C 129 -47.34 -31.94 -16.73
C ILE C 129 -46.76 -33.24 -16.23
N CYS C 130 -46.47 -33.28 -14.94
CA CYS C 130 -45.84 -34.44 -14.33
C CYS C 130 -46.80 -35.14 -13.35
N LYS C 131 -46.75 -36.47 -13.33
CA LYS C 131 -47.57 -37.26 -12.41
C LYS C 131 -46.72 -38.39 -11.86
N PRO C 132 -46.85 -38.64 -10.56
CA PRO C 132 -46.08 -39.62 -9.78
C PRO C 132 -46.17 -41.03 -10.33
N ILE C 133 -45.07 -41.76 -10.25
CA ILE C 133 -45.05 -43.20 -10.44
C ILE C 133 -44.76 -43.89 -9.10
N VAL C 134 -45.44 -44.99 -8.86
CA VAL C 134 -45.24 -45.82 -7.67
C VAL C 134 -45.02 -47.29 -8.07
N ILE C 135 -43.89 -47.86 -7.67
CA ILE C 135 -43.66 -49.30 -7.85
C ILE C 135 -43.74 -49.94 -6.48
N GLU C 136 -44.73 -50.79 -6.26
CA GLU C 136 -44.87 -51.46 -4.97
C GLU C 136 -43.87 -52.58 -4.79
N ASP C 137 -43.85 -53.13 -3.58
CA ASP C 137 -42.98 -54.25 -3.18
C ASP C 137 -43.01 -55.48 -4.09
N ASP C 138 -41.86 -56.14 -4.14
CA ASP C 138 -41.70 -57.42 -4.84
C ASP C 138 -42.03 -57.42 -6.35
N VAL C 139 -41.85 -56.28 -7.01
CA VAL C 139 -42.12 -56.16 -8.45
C VAL C 139 -40.91 -56.50 -9.31
N TRP C 140 -41.18 -57.13 -10.46
CA TRP C 140 -40.14 -57.39 -11.45
C TRP C 140 -40.51 -56.69 -12.77
N ILE C 141 -39.75 -55.65 -13.07
CA ILE C 141 -39.87 -54.94 -14.31
C ILE C 141 -38.74 -55.36 -15.24
N GLY C 142 -39.10 -55.80 -16.44
CA GLY C 142 -38.08 -56.40 -17.30
C GLY C 142 -37.26 -55.31 -17.94
N GLY C 143 -36.39 -55.69 -18.86
CA GLY C 143 -35.63 -54.72 -19.64
C GLY C 143 -36.42 -53.98 -20.68
N ASN C 144 -35.93 -52.78 -21.01
CA ASN C 144 -36.42 -52.00 -22.16
C ASN C 144 -37.87 -51.60 -22.09
N VAL C 145 -38.33 -51.34 -20.87
CA VAL C 145 -39.75 -51.11 -20.62
C VAL C 145 -40.04 -49.64 -20.45
N VAL C 146 -41.25 -49.22 -20.76
CA VAL C 146 -41.66 -47.87 -20.45
C VAL C 146 -42.82 -47.87 -19.44
N ILE C 147 -42.70 -47.07 -18.41
CA ILE C 147 -43.76 -46.85 -17.46
C ILE C 147 -44.07 -45.37 -17.50
N ASN C 148 -45.25 -45.05 -18.03
CA ASN C 148 -45.74 -43.69 -18.11
C ASN C 148 -46.28 -43.11 -16.82
N GLN C 149 -46.77 -41.87 -16.92
CA GLN C 149 -47.03 -41.07 -15.74
C GLN C 149 -48.27 -41.51 -14.98
N GLY C 150 -48.29 -41.30 -13.67
CA GLY C 150 -49.46 -41.54 -12.84
C GLY C 150 -49.76 -42.99 -12.57
N VAL C 151 -48.78 -43.86 -12.85
CA VAL C 151 -48.94 -45.31 -12.73
C VAL C 151 -48.50 -45.89 -11.39
N THR C 152 -49.29 -46.84 -10.92
CA THR C 152 -48.93 -47.63 -9.76
C THR C 152 -48.81 -49.07 -10.26
N ILE C 153 -47.70 -49.73 -9.96
CA ILE C 153 -47.52 -51.12 -10.34
C ILE C 153 -47.72 -51.95 -9.09
N GLY C 154 -48.74 -52.79 -9.12
CA GLY C 154 -49.16 -53.60 -7.99
C GLY C 154 -48.12 -54.57 -7.51
N ALA C 155 -48.09 -54.76 -6.21
CA ALA C 155 -47.10 -55.60 -5.55
C ALA C 155 -47.09 -57.04 -6.01
N ARG C 156 -45.87 -57.56 -6.18
CA ARG C 156 -45.61 -58.94 -6.58
C ARG C 156 -45.89 -59.18 -8.04
N SER C 157 -46.13 -58.10 -8.77
CA SER C 157 -46.42 -58.14 -10.19
C SER C 157 -45.17 -58.22 -11.06
N VAL C 158 -45.37 -58.61 -12.30
CA VAL C 158 -44.28 -58.76 -13.25
C VAL C 158 -44.68 -58.11 -14.58
N VAL C 159 -43.79 -57.30 -15.13
CA VAL C 159 -44.00 -56.64 -16.41
C VAL C 159 -43.01 -57.16 -17.46
N ALA C 160 -43.51 -57.74 -18.54
CA ALA C 160 -42.66 -58.31 -19.58
C ALA C 160 -41.74 -57.27 -20.25
N ALA C 161 -40.59 -57.73 -20.78
CA ALA C 161 -39.71 -56.87 -21.60
C ALA C 161 -40.43 -56.13 -22.74
N ASN C 162 -39.93 -54.93 -23.02
CA ASN C 162 -40.34 -54.06 -24.11
C ASN C 162 -41.77 -53.63 -23.99
N SER C 163 -42.30 -53.82 -22.81
CA SER C 163 -43.65 -53.44 -22.54
C SER C 163 -43.77 -51.91 -22.25
N VAL C 164 -44.91 -51.34 -22.60
CA VAL C 164 -45.28 -49.95 -22.30
C VAL C 164 -46.55 -49.92 -21.45
N VAL C 165 -46.43 -49.47 -20.20
CA VAL C 165 -47.54 -49.44 -19.22
C VAL C 165 -48.15 -48.05 -19.08
N ASN C 166 -49.43 -47.89 -19.40
CA ASN C 166 -50.07 -46.56 -19.33
C ASN C 166 -51.00 -46.42 -18.17
N GLN C 167 -51.38 -47.52 -17.56
CA GLN C 167 -52.27 -47.43 -16.44
C GLN C 167 -51.88 -48.43 -15.35
N ASP C 168 -52.59 -48.37 -14.23
CA ASP C 168 -52.28 -49.12 -13.06
C ASP C 168 -52.34 -50.61 -13.36
N VAL C 169 -51.33 -51.33 -12.87
CA VAL C 169 -51.26 -52.76 -12.98
C VAL C 169 -51.57 -53.26 -11.60
N PRO C 170 -52.49 -54.24 -11.50
CA PRO C 170 -52.95 -54.88 -10.26
C PRO C 170 -51.87 -55.74 -9.65
N PRO C 171 -51.94 -56.00 -8.34
CA PRO C 171 -51.01 -56.91 -7.64
C PRO C 171 -51.10 -58.33 -8.18
N ASP C 172 -50.02 -59.10 -8.06
CA ASP C 172 -50.06 -60.53 -8.34
C ASP C 172 -50.40 -60.85 -9.77
N THR C 173 -49.81 -60.07 -10.66
CA THR C 173 -50.19 -60.09 -12.06
C THR C 173 -49.00 -59.97 -13.01
N LEU C 174 -49.13 -60.64 -14.16
CA LEU C 174 -48.17 -60.55 -15.24
C LEU C 174 -48.78 -59.70 -16.34
N VAL C 175 -48.19 -58.53 -16.62
CA VAL C 175 -48.60 -57.79 -17.80
C VAL C 175 -47.48 -57.74 -18.81
N GLY C 176 -47.86 -57.45 -20.05
CA GLY C 176 -46.95 -57.35 -21.18
C GLY C 176 -47.64 -56.73 -22.39
N GLY C 177 -46.86 -56.06 -23.24
CA GLY C 177 -47.38 -55.46 -24.46
C GLY C 177 -47.41 -53.95 -24.48
N THR C 178 -47.68 -53.39 -25.64
CA THR C 178 -47.86 -51.94 -25.84
C THR C 178 -49.22 -51.65 -26.41
N PRO C 179 -50.12 -51.05 -25.61
CA PRO C 179 -50.01 -50.83 -24.17
C PRO C 179 -50.08 -52.18 -23.45
N ALA C 180 -49.59 -52.23 -22.24
CA ALA C 180 -49.48 -53.51 -21.57
C ALA C 180 -50.89 -53.98 -21.29
N ARG C 181 -51.07 -55.29 -21.37
CA ARG C 181 -52.33 -55.94 -21.07
C ARG C 181 -52.01 -57.09 -20.11
N ILE C 182 -53.05 -57.64 -19.50
CA ILE C 182 -52.85 -58.69 -18.52
C ILE C 182 -52.66 -60.03 -19.19
N LEU C 183 -51.43 -60.53 -19.15
CA LEU C 183 -51.12 -61.84 -19.70
C LEU C 183 -51.68 -63.02 -18.88
N ARG C 184 -51.48 -62.97 -17.57
CA ARG C 184 -51.93 -64.03 -16.68
C ARG C 184 -51.85 -63.63 -15.21
N SER C 185 -52.57 -64.35 -14.35
CA SER C 185 -52.52 -64.08 -12.92
C SER C 185 -51.41 -64.87 -12.26
N LEU C 186 -50.67 -64.22 -11.36
CA LEU C 186 -49.59 -64.89 -10.68
C LEU C 186 -49.98 -65.52 -9.35
N LYS C 187 -51.15 -65.14 -8.83
CA LYS C 187 -51.67 -65.71 -7.60
C LYS C 187 -52.15 -67.14 -7.84
N ASP C 188 -52.02 -68.00 -6.82
CA ASP C 188 -52.46 -69.39 -6.95
C ASP C 188 -52.78 -70.03 -5.61
N MSE D 6 16.81 -28.37 -45.86
CA MSE D 6 15.97 -29.45 -45.40
C MSE D 6 14.66 -28.92 -44.86
O MSE D 6 14.44 -27.71 -44.80
CB MSE D 6 16.68 -30.25 -44.30
CG MSE D 6 18.18 -30.08 -44.27
SE MSE D 6 18.79 -29.18 -42.68
CE MSE D 6 18.57 -27.37 -43.30
N SER D 7 13.79 -29.83 -44.45
CA SER D 7 12.51 -29.43 -43.91
C SER D 7 12.79 -28.80 -42.57
N GLU D 8 11.80 -28.08 -42.06
CA GLU D 8 11.93 -27.42 -40.78
C GLU D 8 12.16 -28.46 -39.67
N LEU D 9 11.48 -29.59 -39.79
CA LEU D 9 11.65 -30.68 -38.84
C LEU D 9 13.11 -31.10 -38.79
N GLU D 10 13.72 -31.25 -39.96
CA GLU D 10 15.12 -31.61 -40.08
C GLU D 10 16.08 -30.59 -39.47
N LYS D 11 15.76 -29.31 -39.62
CA LYS D 11 16.55 -28.25 -39.05
C LYS D 11 16.56 -28.30 -37.52
N MSE D 12 15.39 -28.53 -36.93
CA MSE D 12 15.24 -28.60 -35.48
C MSE D 12 16.05 -29.76 -34.89
O MSE D 12 16.73 -29.60 -33.90
CB MSE D 12 13.75 -28.77 -35.13
CG MSE D 12 13.49 -29.32 -33.75
SE MSE D 12 11.62 -29.39 -33.23
CE MSE D 12 11.32 -31.27 -33.55
N LEU D 13 15.97 -30.89 -35.56
CA LEU D 13 16.69 -32.10 -35.22
C LEU D 13 18.19 -31.94 -35.32
N LYS D 14 18.61 -31.18 -36.33
CA LYS D 14 20.02 -30.99 -36.63
C LYS D 14 20.65 -29.83 -35.88
N GLY D 15 19.87 -29.18 -35.02
CA GLY D 15 20.41 -28.08 -34.26
C GLY D 15 20.35 -26.69 -34.85
N GLU D 16 19.55 -26.50 -35.88
CA GLU D 16 19.43 -25.17 -36.47
C GLU D 16 18.08 -24.59 -36.17
N HIS D 17 17.94 -23.27 -36.33
CA HIS D 17 16.65 -22.61 -36.13
C HIS D 17 15.64 -23.23 -37.07
N PHE D 18 14.37 -23.16 -36.68
CA PHE D 18 13.32 -23.88 -37.37
C PHE D 18 12.00 -23.20 -37.11
N ASP D 19 10.95 -23.70 -37.77
CA ASP D 19 9.62 -23.11 -37.72
C ASP D 19 8.70 -24.06 -36.96
N GLY D 20 8.53 -23.77 -35.68
CA GLY D 20 7.77 -24.65 -34.80
C GLY D 20 6.36 -24.95 -35.29
N ALA D 21 5.82 -24.06 -36.09
CA ALA D 21 4.45 -24.19 -36.58
C ALA D 21 4.38 -24.91 -37.93
N SER D 22 5.54 -25.32 -38.43
CA SER D 22 5.58 -26.13 -39.64
C SER D 22 4.60 -27.30 -39.55
N ALA D 23 3.93 -27.59 -40.64
CA ALA D 23 2.90 -28.60 -40.57
C ALA D 23 3.43 -29.98 -40.16
N GLU D 24 4.70 -30.26 -40.43
CA GLU D 24 5.22 -31.60 -40.14
C GLU D 24 5.46 -31.66 -38.63
N ILE D 25 6.10 -30.61 -38.12
CA ILE D 25 6.38 -30.49 -36.70
C ILE D 25 5.11 -30.33 -35.87
N GLU D 26 4.13 -29.61 -36.37
CA GLU D 26 2.88 -29.46 -35.67
C GLU D 26 2.24 -30.82 -35.55
N ALA D 27 2.22 -31.55 -36.65
CA ALA D 27 1.53 -32.85 -36.71
C ALA D 27 2.14 -33.82 -35.70
N LEU D 28 3.45 -33.77 -35.52
CA LEU D 28 4.10 -34.72 -34.62
C LEU D 28 3.82 -34.33 -33.15
N ARG D 29 3.90 -33.03 -32.86
CA ARG D 29 3.40 -32.46 -31.61
C ARG D 29 1.95 -32.91 -31.30
N SER D 30 1.09 -32.96 -32.32
CA SER D 30 -0.30 -33.37 -32.13
C SER D 30 -0.38 -34.83 -31.83
N GLN D 31 0.37 -35.62 -32.56
CA GLN D 31 0.42 -37.04 -32.29
C GLN D 31 0.78 -37.26 -30.83
N ALA D 32 1.82 -36.56 -30.39
CA ALA D 32 2.35 -36.78 -29.05
C ALA D 32 1.34 -36.41 -27.96
N GLY D 33 0.63 -35.30 -28.18
CA GLY D 33 -0.41 -34.84 -27.26
C GLY D 33 -1.54 -35.84 -27.11
N ARG D 34 -1.95 -36.42 -28.21
CA ARG D 34 -2.99 -37.44 -28.14
C ARG D 34 -2.44 -38.64 -27.36
N LEU D 35 -1.25 -39.09 -27.71
CA LEU D 35 -0.67 -40.27 -27.08
C LEU D 35 -0.42 -40.06 -25.57
N LYS D 36 0.05 -38.87 -25.21
CA LYS D 36 0.31 -38.54 -23.82
C LYS D 36 -0.93 -38.60 -22.94
N LEU D 37 -2.03 -38.02 -23.39
CA LEU D 37 -3.27 -38.08 -22.62
C LEU D 37 -3.78 -39.50 -22.51
N GLU D 38 -3.55 -40.32 -23.54
CA GLU D 38 -3.98 -41.70 -23.44
C GLU D 38 -3.16 -42.45 -22.36
N ILE D 39 -1.84 -42.30 -22.40
CA ILE D 39 -0.96 -43.00 -21.48
C ILE D 39 -1.19 -42.49 -20.05
N ASN D 40 -1.20 -41.18 -19.89
CA ASN D 40 -1.37 -40.63 -18.56
C ASN D 40 -2.71 -40.97 -17.93
N GLN D 41 -3.62 -41.54 -18.71
CA GLN D 41 -4.97 -41.68 -18.23
C GLN D 41 -5.33 -43.13 -18.25
N SER D 42 -4.40 -43.93 -18.77
CA SER D 42 -4.55 -45.36 -18.86
C SER D 42 -4.40 -46.07 -17.51
N LEU D 43 -5.29 -47.04 -17.27
CA LEU D 43 -5.30 -47.88 -16.08
C LEU D 43 -4.91 -49.31 -16.43
N ASP D 44 -4.39 -49.49 -17.63
CA ASP D 44 -3.96 -50.80 -18.07
C ASP D 44 -2.49 -50.70 -18.36
N GLU D 45 -1.71 -51.56 -17.72
CA GLU D 45 -0.27 -51.55 -17.96
C GLU D 45 0.12 -52.04 -19.34
N ALA D 46 -0.54 -53.08 -19.81
CA ALA D 46 -0.24 -53.64 -21.12
C ALA D 46 -0.53 -52.65 -22.23
N GLU D 47 -1.69 -52.00 -22.15
CA GLU D 47 -2.08 -50.97 -23.09
C GLU D 47 -1.20 -49.76 -22.97
N ARG D 48 -0.88 -49.40 -21.73
CA ARG D 48 0.00 -48.25 -21.50
C ARG D 48 1.35 -48.41 -22.20
N TYR D 49 1.96 -49.58 -21.99
CA TYR D 49 3.21 -49.93 -22.66
C TYR D 49 3.04 -49.90 -24.18
N ALA D 50 1.98 -50.54 -24.68
CA ALA D 50 1.64 -50.49 -26.10
C ALA D 50 1.59 -49.03 -26.58
N LEU D 51 0.84 -48.22 -25.85
CA LEU D 51 0.72 -46.80 -26.14
C LEU D 51 2.06 -46.11 -26.26
N GLN D 52 2.94 -46.41 -25.31
CA GLN D 52 4.23 -45.75 -25.22
C GLN D 52 5.12 -46.12 -26.39
N ARG D 53 4.87 -47.29 -26.97
CA ARG D 53 5.65 -47.70 -28.13
C ARG D 53 5.19 -47.01 -29.43
N GLU D 54 3.97 -46.50 -29.44
CA GLU D 54 3.58 -45.54 -30.47
C GLU D 54 4.12 -44.14 -30.23
N LEU D 55 4.18 -43.73 -28.96
CA LEU D 55 4.74 -42.42 -28.57
C LEU D 55 6.23 -42.21 -28.78
N PHE D 56 7.04 -43.21 -28.46
CA PHE D 56 8.49 -43.13 -28.52
C PHE D 56 9.10 -43.68 -29.78
N GLY D 57 10.29 -43.19 -30.09
CA GLY D 57 11.06 -43.72 -31.19
C GLY D 57 11.40 -45.16 -30.85
N HIS D 58 11.76 -45.40 -29.59
CA HIS D 58 12.04 -46.75 -29.11
C HIS D 58 11.82 -46.95 -27.61
N LEU D 59 11.22 -48.08 -27.25
CA LEU D 59 11.09 -48.48 -25.86
C LEU D 59 11.64 -49.89 -25.77
N GLY D 60 12.58 -50.10 -24.87
CA GLY D 60 13.23 -51.37 -24.68
C GLY D 60 12.49 -52.46 -23.93
N HIS D 61 13.04 -53.66 -23.98
CA HIS D 61 12.50 -54.82 -23.29
C HIS D 61 12.50 -54.63 -21.79
N LYS D 62 11.41 -54.97 -21.12
CA LYS D 62 11.41 -54.88 -19.66
C LYS D 62 11.69 -53.45 -19.18
N SER D 63 11.65 -52.49 -20.09
CA SER D 63 11.76 -51.10 -19.70
C SER D 63 10.41 -50.54 -19.23
N CYS D 64 10.42 -49.37 -18.62
CA CYS D 64 9.23 -48.91 -17.93
C CYS D 64 9.20 -47.38 -17.74
N VAL D 65 8.06 -46.76 -17.99
CA VAL D 65 7.91 -45.32 -17.78
C VAL D 65 6.61 -45.06 -17.00
N GLN D 66 6.69 -44.31 -15.92
CA GLN D 66 5.54 -44.15 -15.04
C GLN D 66 4.80 -42.88 -15.36
N PRO D 67 3.48 -42.98 -15.43
CA PRO D 67 2.54 -41.86 -15.57
C PRO D 67 2.56 -41.03 -14.31
N PRO D 68 2.48 -39.69 -14.44
CA PRO D 68 2.34 -39.02 -15.71
C PRO D 68 3.68 -38.74 -16.34
N PHE D 69 3.70 -38.66 -17.65
CA PHE D 69 4.93 -38.34 -18.37
C PHE D 69 4.67 -37.26 -19.42
N HIS D 70 5.56 -36.29 -19.52
CA HIS D 70 5.38 -35.17 -20.44
C HIS D 70 6.56 -34.94 -21.40
N CYS D 71 6.26 -34.88 -22.70
CA CYS D 71 7.26 -34.57 -23.70
C CYS D 71 6.61 -33.77 -24.83
N GLU D 72 7.40 -33.23 -25.74
CA GLU D 72 6.82 -32.51 -26.89
C GLU D 72 6.52 -33.42 -28.07
N PHE D 73 7.46 -34.31 -28.39
CA PHE D 73 7.41 -35.03 -29.67
C PHE D 73 7.38 -36.53 -29.57
N GLY D 74 7.96 -37.07 -28.50
CA GLY D 74 7.96 -38.50 -28.33
C GLY D 74 8.91 -39.29 -29.23
N LYS D 75 8.78 -39.13 -30.55
CA LYS D 75 9.55 -39.95 -31.50
C LYS D 75 11.06 -39.66 -31.58
N THR D 76 11.53 -38.55 -30.99
CA THR D 76 12.98 -38.34 -30.84
C THR D 76 13.60 -39.15 -29.70
N ILE D 77 12.76 -39.74 -28.85
CA ILE D 77 13.29 -40.32 -27.62
C ILE D 77 13.49 -41.79 -27.88
N ARG D 78 14.70 -42.27 -27.65
CA ARG D 78 14.93 -43.70 -27.67
C ARG D 78 15.40 -44.17 -26.32
N ILE D 79 14.71 -45.17 -25.79
CA ILE D 79 15.06 -45.72 -24.48
C ILE D 79 15.46 -47.19 -24.58
N GLY D 80 16.59 -47.56 -23.97
CA GLY D 80 17.05 -48.95 -24.05
C GLY D 80 16.30 -49.95 -23.18
N ASP D 81 16.98 -51.03 -22.80
CA ASP D 81 16.34 -52.13 -22.07
C ASP D 81 16.59 -52.04 -20.56
N HIS D 82 15.71 -52.66 -19.76
CA HIS D 82 15.87 -52.69 -18.29
C HIS D 82 16.09 -51.32 -17.73
N THR D 83 15.30 -50.40 -18.20
CA THR D 83 15.47 -49.04 -17.81
C THR D 83 14.16 -48.61 -17.18
N PHE D 84 14.26 -47.76 -16.17
CA PHE D 84 13.07 -47.34 -15.46
C PHE D 84 13.01 -45.82 -15.33
N ILE D 85 11.88 -45.22 -15.67
CA ILE D 85 11.75 -43.78 -15.53
C ILE D 85 10.62 -43.49 -14.55
N ASN D 86 10.87 -42.69 -13.53
CA ASN D 86 9.79 -42.46 -12.59
C ASN D 86 8.81 -41.39 -13.04
N MSE D 87 7.81 -41.18 -12.19
CA MSE D 87 6.72 -40.24 -12.41
C MSE D 87 7.07 -38.78 -12.68
O MSE D 87 8.06 -38.25 -12.18
CB MSE D 87 5.80 -40.26 -11.18
CG MSE D 87 5.01 -41.55 -11.01
SE MSE D 87 3.97 -41.59 -9.34
CE MSE D 87 5.46 -41.82 -8.06
N ASN D 88 6.20 -38.12 -13.43
CA ASN D 88 6.19 -36.67 -13.54
C ASN D 88 7.41 -36.08 -14.24
N VAL D 89 8.04 -36.88 -15.10
CA VAL D 89 9.22 -36.44 -15.81
C VAL D 89 8.87 -35.50 -16.97
N VAL D 90 9.69 -34.45 -17.12
CA VAL D 90 9.56 -33.61 -18.30
C VAL D 90 10.74 -33.70 -19.29
N MSE D 91 10.44 -34.00 -20.56
CA MSE D 91 11.44 -34.02 -21.61
C MSE D 91 11.10 -33.08 -22.77
O MSE D 91 10.14 -33.27 -23.50
CB MSE D 91 11.63 -35.44 -22.14
CG MSE D 91 12.28 -36.34 -21.15
SE MSE D 91 12.93 -38.01 -21.92
CE MSE D 91 13.37 -38.92 -20.20
N LEU D 92 11.90 -32.04 -22.93
CA LEU D 92 11.87 -31.27 -24.16
C LEU D 92 12.80 -31.94 -25.21
N ASP D 93 12.16 -32.50 -26.22
CA ASP D 93 12.79 -33.51 -27.06
C ASP D 93 12.81 -33.11 -28.54
N GLY D 94 13.02 -31.82 -28.78
CA GLY D 94 13.14 -31.28 -30.12
C GLY D 94 14.26 -31.95 -30.89
N ALA D 95 15.32 -32.31 -30.16
CA ALA D 95 16.42 -33.08 -30.72
C ALA D 95 16.38 -34.45 -30.06
N PRO D 96 17.07 -35.43 -30.64
CA PRO D 96 17.13 -36.77 -30.07
C PRO D 96 17.64 -36.84 -28.62
N ILE D 97 16.90 -37.57 -27.82
CA ILE D 97 17.30 -37.91 -26.48
C ILE D 97 17.49 -39.40 -26.52
N THR D 98 18.70 -39.84 -26.19
CA THR D 98 19.02 -41.26 -26.26
C THR D 98 19.41 -41.76 -24.87
N ILE D 99 18.69 -42.76 -24.39
CA ILE D 99 18.95 -43.33 -23.07
C ILE D 99 19.28 -44.82 -23.11
N GLY D 100 20.39 -45.21 -22.49
CA GLY D 100 20.87 -46.58 -22.60
C GLY D 100 20.13 -47.68 -21.84
N ASP D 101 20.82 -48.79 -21.57
CA ASP D 101 20.27 -49.87 -20.74
C ASP D 101 20.64 -49.74 -19.25
N HIS D 102 19.80 -50.33 -18.41
CA HIS D 102 20.00 -50.31 -16.99
C HIS D 102 20.09 -48.87 -16.48
N VAL D 103 19.28 -48.00 -17.06
CA VAL D 103 19.23 -46.62 -16.62
C VAL D 103 18.04 -46.32 -15.70
N LEU D 104 18.31 -45.49 -14.70
CA LEU D 104 17.31 -45.10 -13.70
C LEU D 104 17.13 -43.59 -13.69
N ILE D 105 15.88 -43.15 -13.76
CA ILE D 105 15.58 -41.73 -13.70
C ILE D 105 14.46 -41.48 -12.67
N GLY D 106 14.78 -40.70 -11.65
CA GLY D 106 13.84 -40.46 -10.58
C GLY D 106 12.82 -39.39 -10.93
N PRO D 107 11.83 -39.22 -10.05
CA PRO D 107 10.67 -38.35 -10.30
C PRO D 107 11.04 -36.90 -10.58
N SER D 108 10.35 -36.34 -11.57
CA SER D 108 10.29 -34.91 -11.76
C SER D 108 11.57 -34.37 -12.39
N THR D 109 12.36 -35.27 -12.96
CA THR D 109 13.56 -34.87 -13.65
C THR D 109 13.20 -34.18 -14.96
N GLN D 110 14.08 -33.31 -15.42
CA GLN D 110 13.85 -32.51 -16.62
C GLN D 110 14.99 -32.75 -17.58
N PHE D 111 14.66 -33.06 -18.82
CA PHE D 111 15.61 -33.15 -19.89
C PHE D 111 15.26 -32.04 -20.85
N TYR D 112 16.14 -31.06 -21.05
CA TYR D 112 15.86 -29.94 -21.99
C TYR D 112 16.81 -29.99 -23.22
N THR D 113 16.30 -30.30 -24.40
CA THR D 113 17.16 -30.22 -25.58
C THR D 113 17.09 -28.79 -26.11
N ALA D 114 16.06 -28.06 -25.66
CA ALA D 114 15.77 -26.74 -26.21
C ALA D 114 16.58 -25.67 -25.53
N SER D 115 16.93 -24.63 -26.27
CA SER D 115 17.51 -23.47 -25.63
C SER D 115 17.34 -22.23 -26.51
N HIS D 116 17.55 -21.07 -25.91
CA HIS D 116 17.44 -19.77 -26.57
C HIS D 116 18.76 -19.03 -26.36
N SER D 117 18.89 -17.88 -27.03
CA SER D 117 20.08 -17.05 -26.89
C SER D 117 19.93 -16.05 -25.73
N LEU D 118 21.07 -15.69 -25.12
CA LEU D 118 21.08 -14.67 -24.08
C LEU D 118 20.65 -13.29 -24.58
N ASP D 119 20.76 -13.06 -25.89
CA ASP D 119 20.33 -11.79 -26.48
C ASP D 119 18.80 -11.81 -26.64
N TYR D 120 18.09 -10.88 -26.02
CA TYR D 120 16.62 -10.93 -26.09
C TYR D 120 16.13 -10.65 -27.51
N ARG D 121 16.89 -9.88 -28.27
CA ARG D 121 16.54 -9.56 -29.63
C ARG D 121 16.48 -10.82 -30.47
N ARG D 122 17.26 -11.83 -30.07
CA ARG D 122 17.26 -13.12 -30.77
C ARG D 122 16.23 -14.08 -30.20
N ARG D 123 15.26 -13.59 -29.42
CA ARG D 123 14.31 -14.48 -28.74
C ARG D 123 12.87 -14.10 -29.00
N GLN D 124 12.66 -13.00 -29.73
CA GLN D 124 11.31 -12.46 -29.80
C GLN D 124 10.39 -13.24 -30.75
N ALA D 125 11.00 -14.08 -31.57
CA ALA D 125 10.28 -15.02 -32.42
C ALA D 125 10.40 -16.41 -31.83
N TRP D 126 10.53 -16.49 -30.51
CA TRP D 126 10.66 -17.77 -29.84
C TRP D 126 11.70 -18.67 -30.53
N GLU D 127 12.71 -18.06 -31.16
CA GLU D 127 13.82 -18.80 -31.74
C GLU D 127 14.39 -19.83 -30.74
N THR D 128 14.81 -20.98 -31.25
CA THR D 128 15.23 -22.10 -30.44
C THR D 128 16.17 -23.02 -31.18
N ILE D 129 17.24 -23.44 -30.51
CA ILE D 129 18.14 -24.46 -31.01
C ILE D 129 17.95 -25.73 -30.21
N CYS D 130 18.00 -26.90 -30.84
CA CYS D 130 17.96 -28.15 -30.10
C CYS D 130 19.22 -28.99 -30.28
N LYS D 131 19.79 -29.42 -29.16
CA LYS D 131 21.01 -30.21 -29.09
C LYS D 131 20.70 -31.54 -28.39
N PRO D 132 21.19 -32.64 -28.93
CA PRO D 132 20.83 -33.97 -28.41
C PRO D 132 21.38 -34.23 -26.99
N ILE D 133 20.64 -35.03 -26.21
CA ILE D 133 21.05 -35.44 -24.89
C ILE D 133 21.21 -36.94 -24.97
N VAL D 134 22.32 -37.43 -24.41
CA VAL D 134 22.58 -38.87 -24.34
C VAL D 134 22.79 -39.35 -22.91
N ILE D 135 22.13 -40.44 -22.54
CA ILE D 135 22.46 -41.08 -21.26
C ILE D 135 22.95 -42.50 -21.54
N GLU D 136 24.19 -42.77 -21.20
CA GLU D 136 24.83 -44.06 -21.44
C GLU D 136 24.39 -45.11 -20.45
N ASP D 137 24.71 -46.38 -20.70
CA ASP D 137 24.33 -47.49 -19.79
C ASP D 137 24.65 -47.29 -18.32
N ASP D 138 23.76 -47.84 -17.50
CA ASP D 138 23.95 -47.98 -16.06
C ASP D 138 24.06 -46.66 -15.32
N VAL D 139 23.48 -45.62 -15.88
CA VAL D 139 23.49 -44.32 -15.24
C VAL D 139 22.32 -44.17 -14.25
N TRP D 140 22.55 -43.42 -13.18
N TRP D 140 22.59 -43.52 -13.11
CA TRP D 140 21.56 -43.29 -12.11
CA TRP D 140 21.54 -43.26 -12.11
C TRP D 140 21.25 -41.81 -11.83
C TRP D 140 21.29 -41.78 -11.93
N ILE D 141 20.09 -41.34 -12.32
CA ILE D 141 19.72 -39.94 -12.20
C ILE D 141 18.66 -39.74 -11.15
N GLY D 142 18.97 -38.94 -10.14
CA GLY D 142 18.04 -38.73 -9.05
C GLY D 142 16.82 -37.90 -9.42
N GLY D 143 16.10 -37.54 -8.36
CA GLY D 143 14.91 -36.72 -8.43
C GLY D 143 15.18 -35.26 -8.62
N ASN D 144 14.26 -34.62 -9.36
CA ASN D 144 14.24 -33.17 -9.53
C ASN D 144 15.52 -32.62 -10.12
N VAL D 145 16.14 -33.39 -11.00
CA VAL D 145 17.34 -33.00 -11.74
C VAL D 145 17.04 -32.32 -13.11
N VAL D 146 17.90 -31.40 -13.51
CA VAL D 146 17.83 -30.82 -14.85
C VAL D 146 19.05 -31.30 -15.66
N ILE D 147 18.84 -31.88 -16.84
CA ILE D 147 19.93 -32.12 -17.80
C ILE D 147 19.71 -31.21 -19.00
N ASN D 148 20.72 -30.46 -19.38
CA ASN D 148 20.57 -29.49 -20.45
C ASN D 148 21.13 -29.99 -21.73
N GLN D 149 20.87 -29.23 -22.78
CA GLN D 149 21.07 -29.67 -24.15
C GLN D 149 22.52 -30.05 -24.42
N GLY D 150 22.74 -31.00 -25.32
CA GLY D 150 24.08 -31.36 -25.75
C GLY D 150 24.90 -32.17 -24.75
N VAL D 151 24.27 -32.52 -23.64
CA VAL D 151 24.98 -33.18 -22.56
C VAL D 151 24.97 -34.69 -22.74
N THR D 152 26.13 -35.29 -22.50
CA THR D 152 26.22 -36.75 -22.36
C THR D 152 26.54 -37.16 -20.90
N ILE D 153 25.81 -38.12 -20.37
CA ILE D 153 26.16 -38.68 -19.07
C ILE D 153 26.80 -40.05 -19.28
N GLY D 154 28.06 -40.12 -18.84
CA GLY D 154 28.91 -41.28 -19.00
C GLY D 154 28.42 -42.50 -18.26
N ALA D 155 28.79 -43.65 -18.81
CA ALA D 155 28.43 -44.94 -18.27
C ALA D 155 28.75 -45.08 -16.77
N ARG D 156 27.75 -45.58 -16.03
CA ARG D 156 27.90 -46.04 -14.64
C ARG D 156 28.03 -44.87 -13.68
N SER D 157 27.56 -43.71 -14.12
CA SER D 157 27.63 -42.53 -13.29
C SER D 157 26.32 -42.22 -12.57
N VAL D 158 26.41 -41.39 -11.55
CA VAL D 158 25.27 -41.09 -10.73
C VAL D 158 25.15 -39.57 -10.63
N VAL D 159 23.95 -39.03 -10.87
CA VAL D 159 23.70 -37.61 -10.68
C VAL D 159 22.84 -37.35 -9.45
N ALA D 160 23.39 -36.64 -8.48
CA ALA D 160 22.63 -36.30 -7.27
C ALA D 160 21.31 -35.53 -7.53
N ALA D 161 20.36 -35.69 -6.59
CA ALA D 161 19.08 -34.97 -6.63
C ALA D 161 19.20 -33.45 -6.76
N ASN D 162 18.29 -32.87 -7.55
CA ASN D 162 18.18 -31.43 -7.78
C ASN D 162 19.42 -30.83 -8.43
N SER D 163 20.23 -31.66 -9.07
CA SER D 163 21.37 -31.19 -9.82
C SER D 163 20.93 -30.48 -11.11
N VAL D 164 21.81 -29.64 -11.63
CA VAL D 164 21.65 -29.11 -12.99
C VAL D 164 22.91 -29.42 -13.78
N VAL D 165 22.77 -30.28 -14.79
CA VAL D 165 23.93 -30.72 -15.54
C VAL D 165 24.03 -29.93 -16.85
N ASN D 166 25.05 -29.10 -16.97
CA ASN D 166 25.32 -28.33 -18.16
C ASN D 166 26.41 -28.85 -19.09
N GLN D 167 27.23 -29.76 -18.61
CA GLN D 167 28.28 -30.28 -19.46
C GLN D 167 28.42 -31.76 -19.17
N ASP D 168 29.03 -32.47 -20.11
CA ASP D 168 29.19 -33.92 -20.07
C ASP D 168 29.66 -34.42 -18.70
N VAL D 169 29.20 -35.59 -18.34
CA VAL D 169 29.66 -36.22 -17.13
C VAL D 169 30.47 -37.44 -17.54
N PRO D 170 31.69 -37.55 -17.01
CA PRO D 170 32.57 -38.71 -17.25
C PRO D 170 31.96 -39.97 -16.69
N PRO D 171 32.38 -41.13 -17.22
CA PRO D 171 31.98 -42.44 -16.77
C PRO D 171 32.39 -42.66 -15.33
N ASP D 172 31.72 -43.58 -14.64
CA ASP D 172 32.09 -43.98 -13.28
C ASP D 172 32.26 -42.83 -12.31
N THR D 173 31.32 -41.89 -12.29
CA THR D 173 31.43 -40.72 -11.44
C THR D 173 30.16 -40.30 -10.75
N LEU D 174 30.32 -39.58 -9.65
CA LEU D 174 29.19 -39.03 -8.94
C LEU D 174 29.28 -37.53 -9.05
N VAL D 175 28.20 -36.92 -9.52
CA VAL D 175 28.16 -35.50 -9.71
C VAL D 175 26.93 -34.94 -9.03
N GLY D 176 27.02 -33.69 -8.58
CA GLY D 176 25.93 -33.02 -7.93
C GLY D 176 26.13 -31.54 -7.88
N GLY D 177 25.07 -30.80 -7.57
CA GLY D 177 25.11 -29.36 -7.46
C GLY D 177 24.63 -28.59 -8.68
N THR D 178 24.37 -27.31 -8.48
CA THR D 178 23.97 -26.47 -9.60
C THR D 178 24.97 -25.30 -9.77
N PRO D 179 25.77 -25.33 -10.82
CA PRO D 179 25.84 -26.45 -11.74
C PRO D 179 26.56 -27.63 -11.10
N ALA D 180 26.26 -28.82 -11.58
CA ALA D 180 26.85 -30.01 -11.00
C ALA D 180 28.36 -30.02 -11.11
N ARG D 181 28.99 -30.44 -10.01
CA ARG D 181 30.43 -30.60 -9.96
C ARG D 181 30.72 -32.07 -9.73
N ILE D 182 31.93 -32.51 -10.05
CA ILE D 182 32.32 -33.87 -9.69
C ILE D 182 32.38 -34.00 -8.18
N LEU D 183 31.75 -35.04 -7.64
CA LEU D 183 31.85 -35.31 -6.20
C LEU D 183 32.91 -36.38 -5.93
N ARG D 184 32.83 -37.50 -6.61
CA ARG D 184 33.83 -38.53 -6.38
C ARG D 184 33.85 -39.54 -7.48
N SER D 185 35.00 -40.14 -7.70
CA SER D 185 35.07 -41.25 -8.62
C SER D 185 34.31 -42.41 -7.99
N LEU D 186 33.70 -43.23 -8.83
CA LEU D 186 32.92 -44.36 -8.39
C LEU D 186 33.67 -45.60 -8.81
N LYS D 187 34.77 -45.39 -9.51
CA LYS D 187 35.58 -46.47 -10.04
C LYS D 187 36.21 -47.35 -8.97
N ASP D 188 36.39 -48.61 -9.32
CA ASP D 188 36.99 -49.59 -8.44
C ASP D 188 35.91 -50.37 -7.71
N MSE E 6 9.00 -64.12 5.27
CA MSE E 6 8.61 -62.72 5.15
C MSE E 6 8.14 -62.33 3.75
O MSE E 6 8.82 -62.56 2.76
CB MSE E 6 9.74 -61.80 5.60
CG MSE E 6 9.30 -60.36 5.82
SE MSE E 6 10.63 -59.21 6.66
CE MSE E 6 9.94 -59.24 8.46
N SER E 7 6.96 -61.72 3.70
CA SER E 7 6.36 -61.20 2.49
C SER E 7 7.29 -60.18 1.88
N GLU E 8 7.34 -60.13 0.55
CA GLU E 8 8.07 -59.06 -0.16
C GLU E 8 7.55 -57.70 0.26
N LEU E 9 6.23 -57.59 0.45
CA LEU E 9 5.64 -56.33 0.91
C LEU E 9 6.30 -55.92 2.22
N GLU E 10 6.25 -56.82 3.20
CA GLU E 10 6.79 -56.51 4.49
C GLU E 10 8.29 -56.20 4.40
N LYS E 11 9.05 -56.95 3.61
CA LYS E 11 10.47 -56.60 3.40
C LYS E 11 10.65 -55.13 2.98
N MSE E 12 9.85 -54.69 2.01
CA MSE E 12 9.90 -53.30 1.53
C MSE E 12 9.66 -52.23 2.62
O MSE E 12 10.42 -51.27 2.74
CB MSE E 12 8.90 -53.10 0.39
CG MSE E 12 8.92 -51.70 -0.24
SE MSE E 12 7.59 -51.50 -1.74
CE MSE E 12 5.98 -50.98 -0.68
N LEU E 13 8.59 -52.41 3.39
CA LEU E 13 8.25 -51.55 4.51
C LEU E 13 9.34 -51.50 5.60
N LYS E 14 10.06 -52.60 5.74
CA LYS E 14 11.06 -52.78 6.77
C LYS E 14 12.46 -52.40 6.35
N GLY E 15 12.61 -51.85 5.15
CA GLY E 15 13.92 -51.36 4.74
C GLY E 15 14.87 -52.43 4.25
N GLU E 16 14.30 -53.58 3.89
CA GLU E 16 15.11 -54.68 3.38
C GLU E 16 14.81 -54.89 1.90
N HIS E 17 15.60 -55.75 1.27
CA HIS E 17 15.44 -56.02 -0.15
C HIS E 17 14.15 -56.79 -0.45
N PHE E 18 13.55 -56.49 -1.61
CA PHE E 18 12.23 -57.03 -1.97
C PHE E 18 12.03 -57.10 -3.52
N ASP E 19 11.05 -57.91 -3.96
CA ASP E 19 10.67 -57.96 -5.39
C ASP E 19 9.42 -57.12 -5.65
N GLY E 20 9.58 -56.10 -6.47
CA GLY E 20 8.49 -55.20 -6.77
C GLY E 20 7.35 -55.83 -7.57
N ALA E 21 7.66 -56.89 -8.32
CA ALA E 21 6.64 -57.58 -9.10
C ALA E 21 5.84 -58.58 -8.25
N SER E 22 6.26 -58.79 -7.00
CA SER E 22 5.44 -59.55 -6.05
C SER E 22 3.99 -59.11 -6.17
N ALA E 23 3.07 -60.08 -6.17
CA ALA E 23 1.65 -59.83 -6.47
C ALA E 23 0.93 -58.89 -5.49
N GLU E 24 1.07 -59.11 -4.20
CA GLU E 24 0.37 -58.26 -3.23
C GLU E 24 0.82 -56.79 -3.43
N ILE E 25 2.09 -56.63 -3.82
CA ILE E 25 2.67 -55.29 -4.05
C ILE E 25 2.09 -54.68 -5.31
N GLU E 26 2.07 -55.45 -6.38
CA GLU E 26 1.49 -55.00 -7.60
C GLU E 26 0.05 -54.52 -7.38
N ALA E 27 -0.71 -55.33 -6.65
CA ALA E 27 -2.11 -55.00 -6.36
C ALA E 27 -2.23 -53.67 -5.61
N LEU E 28 -1.45 -53.54 -4.54
CA LEU E 28 -1.38 -52.27 -3.85
C LEU E 28 -1.17 -51.15 -4.88
N ARG E 29 -0.25 -51.40 -5.81
N ARG E 29 -0.24 -51.38 -5.80
CA ARG E 29 0.12 -50.41 -6.82
CA ARG E 29 0.11 -50.40 -6.80
C ARG E 29 -1.04 -50.03 -7.76
C ARG E 29 -1.05 -50.05 -7.74
N SER E 30 -1.85 -51.02 -8.12
CA SER E 30 -3.07 -50.78 -8.88
C SER E 30 -4.11 -50.05 -8.06
N GLN E 31 -4.40 -50.55 -6.87
CA GLN E 31 -5.33 -49.84 -6.02
C GLN E 31 -4.99 -48.37 -6.10
N ALA E 32 -3.70 -48.09 -5.88
CA ALA E 32 -3.17 -46.74 -5.84
C ALA E 32 -3.34 -45.96 -7.17
N GLY E 33 -2.95 -46.57 -8.29
CA GLY E 33 -3.18 -46.03 -9.62
C GLY E 33 -4.61 -45.62 -9.88
N ARG E 34 -5.53 -46.54 -9.64
CA ARG E 34 -6.95 -46.25 -9.82
C ARG E 34 -7.31 -45.03 -9.00
N LEU E 35 -7.01 -45.06 -7.71
CA LEU E 35 -7.47 -43.98 -6.85
C LEU E 35 -6.90 -42.61 -7.23
N LYS E 36 -5.63 -42.59 -7.62
CA LYS E 36 -5.01 -41.32 -7.98
C LYS E 36 -5.81 -40.69 -9.11
N LEU E 37 -6.16 -41.52 -10.07
CA LEU E 37 -6.79 -41.06 -11.29
C LEU E 37 -8.14 -40.46 -10.97
N GLU E 38 -8.94 -41.14 -10.17
CA GLU E 38 -10.25 -40.57 -9.84
C GLU E 38 -10.11 -39.32 -9.00
N ILE E 39 -9.18 -39.35 -8.04
CA ILE E 39 -9.01 -38.20 -7.15
C ILE E 39 -8.55 -37.03 -7.97
N ASN E 40 -7.52 -37.30 -8.76
CA ASN E 40 -6.95 -36.29 -9.63
C ASN E 40 -7.90 -35.73 -10.71
N GLN E 41 -8.89 -36.49 -11.10
CA GLN E 41 -9.74 -35.99 -12.16
C GLN E 41 -11.06 -35.51 -11.61
N SER E 42 -11.12 -35.39 -10.28
CA SER E 42 -12.40 -35.10 -9.62
C SER E 42 -12.60 -33.63 -9.26
N LEU E 43 -13.80 -33.11 -9.47
CA LEU E 43 -14.06 -31.71 -9.10
C LEU E 43 -14.84 -31.56 -7.80
N ASP E 44 -15.32 -32.66 -7.25
CA ASP E 44 -16.01 -32.60 -5.99
C ASP E 44 -15.05 -32.77 -4.81
N GLU E 45 -14.86 -31.69 -4.07
CA GLU E 45 -13.97 -31.68 -2.92
C GLU E 45 -14.21 -32.80 -1.88
N ALA E 46 -15.49 -33.03 -1.54
CA ALA E 46 -15.83 -34.10 -0.62
C ALA E 46 -15.54 -35.44 -1.25
N GLU E 47 -15.72 -35.55 -2.57
CA GLU E 47 -15.44 -36.82 -3.20
C GLU E 47 -13.93 -37.14 -3.10
N ARG E 48 -13.08 -36.15 -3.35
CA ARG E 48 -11.64 -36.35 -3.26
C ARG E 48 -11.20 -36.78 -1.85
N TYR E 49 -11.75 -36.12 -0.84
CA TYR E 49 -11.36 -36.45 0.53
C TYR E 49 -11.73 -37.91 0.83
N ALA E 50 -12.98 -38.26 0.56
CA ALA E 50 -13.44 -39.63 0.72
C ALA E 50 -12.53 -40.68 0.04
N LEU E 51 -12.17 -40.47 -1.21
CA LEU E 51 -11.32 -41.44 -1.89
C LEU E 51 -9.90 -41.46 -1.33
N GLN E 52 -9.52 -40.36 -0.68
CA GLN E 52 -8.18 -40.27 -0.12
C GLN E 52 -8.08 -41.07 1.19
N ARG E 53 -9.21 -41.18 1.86
CA ARG E 53 -9.32 -42.00 3.03
C ARG E 53 -9.17 -43.48 2.65
N GLU E 54 -9.48 -43.82 1.41
CA GLU E 54 -9.25 -45.16 0.91
C GLU E 54 -7.83 -45.29 0.33
N LEU E 55 -7.30 -44.19 -0.18
CA LEU E 55 -5.97 -44.19 -0.75
C LEU E 55 -4.90 -44.19 0.38
N PHE E 56 -5.04 -43.26 1.32
CA PHE E 56 -4.03 -43.04 2.36
C PHE E 56 -4.23 -43.99 3.54
N GLY E 57 -3.15 -44.18 4.34
CA GLY E 57 -3.19 -45.00 5.53
C GLY E 57 -4.09 -44.33 6.55
N HIS E 58 -3.97 -43.01 6.63
CA HIS E 58 -4.81 -42.20 7.50
C HIS E 58 -4.85 -40.82 6.87
N LEU E 59 -6.01 -40.19 6.89
CA LEU E 59 -6.10 -38.79 6.53
C LEU E 59 -6.93 -38.11 7.60
N GLY E 60 -6.29 -37.18 8.32
CA GLY E 60 -6.87 -36.56 9.49
C GLY E 60 -7.94 -35.53 9.21
N HIS E 61 -8.60 -35.10 10.27
CA HIS E 61 -9.70 -34.15 10.18
C HIS E 61 -9.26 -32.77 9.70
N LYS E 62 -10.05 -32.18 8.79
CA LYS E 62 -9.81 -30.82 8.26
C LYS E 62 -8.46 -30.68 7.57
N SER E 63 -7.98 -31.74 6.96
CA SER E 63 -6.73 -31.65 6.23
C SER E 63 -7.08 -31.67 4.75
N CYS E 64 -6.23 -31.11 3.92
CA CYS E 64 -6.49 -30.97 2.50
C CYS E 64 -5.27 -31.43 1.73
N VAL E 65 -5.49 -32.16 0.64
CA VAL E 65 -4.40 -32.53 -0.25
C VAL E 65 -4.82 -32.22 -1.68
N GLN E 66 -4.17 -31.20 -2.26
CA GLN E 66 -4.60 -30.65 -3.53
C GLN E 66 -4.16 -31.51 -4.68
N PRO E 67 -5.05 -31.69 -5.67
CA PRO E 67 -4.64 -32.42 -6.88
C PRO E 67 -3.89 -31.50 -7.83
N PRO E 68 -3.10 -32.05 -8.75
CA PRO E 68 -2.81 -33.49 -8.78
C PRO E 68 -1.83 -33.89 -7.68
N PHE E 69 -2.07 -35.06 -7.10
CA PHE E 69 -1.20 -35.65 -6.10
C PHE E 69 -0.70 -36.98 -6.62
N HIS E 70 0.58 -37.22 -6.50
CA HIS E 70 1.19 -38.47 -6.97
C HIS E 70 1.90 -39.27 -5.90
N CYS E 71 1.68 -40.57 -5.93
CA CYS E 71 2.28 -41.48 -4.99
C CYS E 71 2.34 -42.86 -5.61
N GLU E 72 3.09 -43.76 -5.00
CA GLU E 72 3.20 -45.09 -5.55
C GLU E 72 2.28 -46.12 -4.90
N PHE E 73 2.17 -46.09 -3.58
CA PHE E 73 1.35 -47.06 -2.88
C PHE E 73 0.22 -46.46 -2.08
N GLY E 74 0.45 -45.32 -1.47
CA GLY E 74 -0.57 -44.66 -0.68
C GLY E 74 -0.90 -45.14 0.72
N LYS E 75 -1.03 -46.45 0.93
CA LYS E 75 -1.50 -46.94 2.22
C LYS E 75 -0.45 -46.72 3.31
N THR E 76 0.78 -46.50 2.87
CA THR E 76 1.93 -46.26 3.73
C THR E 76 1.97 -44.83 4.26
N ILE E 77 1.09 -43.96 3.76
CA ILE E 77 1.10 -42.54 4.08
C ILE E 77 0.09 -42.16 5.16
N ARG E 78 0.54 -41.45 6.17
CA ARG E 78 -0.41 -41.08 7.21
C ARG E 78 -0.36 -39.59 7.52
N ILE E 79 -1.52 -38.95 7.39
CA ILE E 79 -1.61 -37.51 7.48
C ILE E 79 -2.54 -37.17 8.65
N GLY E 80 -2.03 -36.36 9.60
CA GLY E 80 -2.81 -35.94 10.74
C GLY E 80 -3.80 -34.82 10.45
N ASP E 81 -4.17 -34.11 11.51
CA ASP E 81 -5.18 -33.06 11.53
C ASP E 81 -4.71 -31.66 11.15
N HIS E 82 -5.58 -30.92 10.47
CA HIS E 82 -5.30 -29.54 10.10
C HIS E 82 -4.03 -29.46 9.31
N THR E 83 -3.83 -30.42 8.42
CA THR E 83 -2.61 -30.43 7.62
C THR E 83 -2.92 -30.18 6.14
N PHE E 84 -2.05 -29.42 5.49
CA PHE E 84 -2.31 -28.97 4.14
C PHE E 84 -1.17 -29.28 3.19
N ILE E 85 -1.51 -29.95 2.09
CA ILE E 85 -0.52 -30.36 1.10
C ILE E 85 -0.90 -29.81 -0.25
N ASN E 86 -0.01 -29.03 -0.84
CA ASN E 86 -0.38 -28.30 -2.06
C ASN E 86 -0.26 -29.15 -3.35
N MSE E 87 -0.38 -28.49 -4.50
CA MSE E 87 -0.48 -29.19 -5.76
C MSE E 87 0.82 -29.82 -6.24
O MSE E 87 1.91 -29.27 -6.05
CB MSE E 87 -1.03 -28.29 -6.87
CG MSE E 87 -2.33 -27.60 -6.53
SE MSE E 87 -2.72 -26.26 -7.94
CE MSE E 87 -1.19 -25.09 -7.62
N ASN E 88 0.65 -30.98 -6.89
CA ASN E 88 1.69 -31.54 -7.69
C ASN E 88 2.79 -32.21 -6.85
N VAL E 89 2.42 -32.68 -5.68
CA VAL E 89 3.34 -33.38 -4.79
C VAL E 89 3.58 -34.81 -5.25
N VAL E 90 4.84 -35.23 -5.22
CA VAL E 90 5.21 -36.60 -5.53
C VAL E 90 5.81 -37.27 -4.29
N MSE E 91 5.22 -38.41 -3.90
CA MSE E 91 5.79 -39.22 -2.82
C MSE E 91 6.09 -40.64 -3.27
O MSE E 91 5.19 -41.38 -3.67
CB MSE E 91 4.83 -39.30 -1.65
CG MSE E 91 4.41 -37.93 -1.15
SE MSE E 91 3.48 -38.12 0.54
CE MSE E 91 3.47 -36.27 1.17
N LEU E 92 7.37 -41.00 -3.19
CA LEU E 92 7.79 -42.39 -3.33
C LEU E 92 7.65 -43.00 -1.96
N ASP E 93 6.61 -43.79 -1.80
CA ASP E 93 6.15 -44.23 -0.51
C ASP E 93 6.27 -45.74 -0.24
N GLY E 94 7.35 -46.35 -0.72
CA GLY E 94 7.65 -47.75 -0.38
C GLY E 94 7.86 -48.02 1.13
N ALA E 95 8.25 -46.99 1.86
CA ALA E 95 8.30 -47.08 3.30
C ALA E 95 7.34 -46.06 3.89
N PRO E 96 6.90 -46.28 5.16
CA PRO E 96 5.95 -45.36 5.79
C PRO E 96 6.39 -43.90 5.76
N ILE E 97 5.39 -43.07 5.53
CA ILE E 97 5.57 -41.64 5.52
C ILE E 97 4.51 -41.14 6.47
N THR E 98 4.95 -40.46 7.50
CA THR E 98 4.07 -40.09 8.56
C THR E 98 4.12 -38.58 8.78
N ILE E 99 2.96 -37.98 8.76
CA ILE E 99 2.85 -36.54 8.71
C ILE E 99 1.99 -36.06 9.86
N GLY E 100 2.53 -35.07 10.59
CA GLY E 100 1.87 -34.62 11.80
C GLY E 100 0.69 -33.71 11.58
N ASP E 101 0.34 -32.99 12.65
CA ASP E 101 -0.73 -31.98 12.63
C ASP E 101 -0.18 -30.62 12.23
N HIS E 102 -1.02 -29.80 11.57
CA HIS E 102 -0.66 -28.39 11.36
C HIS E 102 0.62 -28.22 10.52
N VAL E 103 0.89 -29.23 9.70
CA VAL E 103 1.96 -29.26 8.74
C VAL E 103 1.50 -28.61 7.45
N LEU E 104 2.34 -27.75 6.87
CA LEU E 104 2.11 -27.23 5.50
C LEU E 104 3.15 -27.73 4.50
N ILE E 105 2.70 -28.17 3.34
CA ILE E 105 3.64 -28.63 2.32
C ILE E 105 3.41 -27.88 1.00
N GLY E 106 4.49 -27.27 0.49
CA GLY E 106 4.47 -26.50 -0.74
C GLY E 106 4.28 -27.35 -1.98
N PRO E 107 3.99 -26.70 -3.10
CA PRO E 107 3.80 -27.36 -4.38
C PRO E 107 5.06 -28.00 -4.97
N SER E 108 4.87 -29.12 -5.65
CA SER E 108 5.91 -29.83 -6.36
C SER E 108 7.02 -30.35 -5.45
N THR E 109 6.67 -30.56 -4.19
CA THR E 109 7.58 -31.08 -3.20
C THR E 109 7.65 -32.60 -3.31
N GLN E 110 8.83 -33.15 -3.08
CA GLN E 110 9.06 -34.56 -3.25
C GLN E 110 9.52 -35.33 -2.04
N PHE E 111 8.86 -36.43 -1.76
CA PHE E 111 9.26 -37.28 -0.68
C PHE E 111 9.77 -38.55 -1.29
N TYR E 112 11.05 -38.87 -1.14
CA TYR E 112 11.54 -40.14 -1.65
C TYR E 112 12.05 -41.05 -0.55
N THR E 113 11.24 -42.03 -0.16
CA THR E 113 11.67 -43.09 0.74
C THR E 113 12.63 -44.05 0.04
N ALA E 114 12.37 -44.27 -1.23
CA ALA E 114 13.16 -45.17 -2.08
C ALA E 114 14.54 -44.64 -2.42
N SER E 115 15.50 -45.55 -2.55
CA SER E 115 16.86 -45.18 -2.90
C SER E 115 17.62 -46.34 -3.53
N HIS E 116 18.80 -46.02 -4.06
CA HIS E 116 19.62 -47.01 -4.73
C HIS E 116 21.08 -46.95 -4.31
N SER E 117 21.77 -48.06 -4.55
CA SER E 117 23.18 -48.18 -4.29
C SER E 117 24.02 -47.44 -5.31
N LEU E 118 25.13 -46.90 -4.85
CA LEU E 118 26.09 -46.20 -5.69
C LEU E 118 26.78 -47.12 -6.71
N ASP E 119 26.84 -48.41 -6.40
CA ASP E 119 27.51 -49.36 -7.27
C ASP E 119 26.54 -49.83 -8.35
N TYR E 120 26.87 -49.57 -9.62
CA TYR E 120 26.00 -49.92 -10.73
C TYR E 120 25.71 -51.41 -10.83
N ARG E 121 26.64 -52.23 -10.41
CA ARG E 121 26.47 -53.69 -10.41
C ARG E 121 25.33 -54.11 -9.50
N ARG E 122 25.03 -53.29 -8.51
CA ARG E 122 23.94 -53.54 -7.58
C ARG E 122 22.61 -52.87 -7.93
N ARG E 123 22.52 -52.23 -9.09
CA ARG E 123 21.29 -51.60 -9.54
C ARG E 123 20.68 -52.25 -10.78
N GLN E 124 21.31 -53.30 -11.29
CA GLN E 124 20.98 -53.88 -12.55
C GLN E 124 19.65 -54.65 -12.50
N ALA E 125 19.21 -54.97 -11.28
CA ALA E 125 17.90 -55.56 -11.10
C ALA E 125 16.95 -54.55 -10.45
N TRP E 126 17.29 -53.27 -10.56
CA TRP E 126 16.52 -52.19 -9.98
C TRP E 126 16.39 -52.34 -8.48
N GLU E 127 17.41 -52.88 -7.83
CA GLU E 127 17.37 -53.11 -6.40
C GLU E 127 17.16 -51.80 -5.65
N THR E 128 16.20 -51.80 -4.75
CA THR E 128 15.79 -50.62 -4.01
C THR E 128 15.64 -50.86 -2.51
N ILE E 129 15.99 -49.85 -1.74
CA ILE E 129 15.76 -49.86 -0.30
C ILE E 129 14.96 -48.62 0.08
N CYS E 130 13.91 -48.83 0.87
CA CYS E 130 13.07 -47.75 1.35
C CYS E 130 13.25 -47.58 2.86
N LYS E 131 13.35 -46.32 3.30
CA LYS E 131 13.42 -45.98 4.70
C LYS E 131 12.41 -44.88 4.92
N PRO E 132 11.74 -44.90 6.06
CA PRO E 132 10.65 -44.01 6.39
C PRO E 132 10.97 -42.54 6.52
N ILE E 133 9.98 -41.71 6.24
CA ILE E 133 10.14 -40.27 6.46
C ILE E 133 9.12 -39.84 7.50
N VAL E 134 9.54 -38.94 8.39
CA VAL E 134 8.66 -38.44 9.44
C VAL E 134 8.65 -36.94 9.51
N ILE E 135 7.48 -36.36 9.34
CA ILE E 135 7.28 -34.92 9.46
C ILE E 135 6.52 -34.60 10.73
N GLU E 136 7.19 -34.02 11.70
CA GLU E 136 6.52 -33.66 12.94
C GLU E 136 5.54 -32.49 12.79
N ASP E 137 4.77 -32.22 13.84
CA ASP E 137 3.80 -31.16 13.95
C ASP E 137 4.33 -29.76 13.68
N ASP E 138 3.48 -28.95 13.05
CA ASP E 138 3.72 -27.52 12.91
C ASP E 138 4.92 -27.19 12.01
N VAL E 139 5.25 -28.13 11.14
CA VAL E 139 6.30 -27.91 10.18
C VAL E 139 5.77 -27.18 8.96
N TRP E 140 6.63 -26.37 8.37
CA TRP E 140 6.34 -25.74 7.06
C TRP E 140 7.43 -26.08 6.04
N ILE E 141 7.10 -26.96 5.10
CA ILE E 141 7.96 -27.25 3.97
C ILE E 141 7.56 -26.39 2.76
N GLY E 142 8.52 -25.63 2.23
CA GLY E 142 8.28 -24.80 1.07
C GLY E 142 8.12 -25.60 -0.19
N GLY E 143 8.09 -24.92 -1.34
CA GLY E 143 7.85 -25.59 -2.61
C GLY E 143 9.08 -26.11 -3.29
N ASN E 144 8.91 -27.08 -4.16
CA ASN E 144 10.00 -27.69 -4.95
C ASN E 144 11.12 -28.32 -4.10
N VAL E 145 10.74 -28.76 -2.90
CA VAL E 145 11.67 -29.40 -1.96
C VAL E 145 11.77 -30.89 -2.18
N VAL E 146 12.97 -31.39 -2.03
CA VAL E 146 13.21 -32.81 -1.98
C VAL E 146 13.54 -33.21 -0.52
N ILE E 147 12.80 -34.18 0.02
CA ILE E 147 13.13 -34.75 1.30
C ILE E 147 13.49 -36.16 0.98
N ASN E 148 14.74 -36.53 1.26
CA ASN E 148 15.16 -37.91 0.99
C ASN E 148 14.86 -38.91 2.11
N GLN E 149 15.20 -40.18 1.86
CA GLN E 149 14.77 -41.31 2.69
C GLN E 149 15.38 -41.27 4.11
N GLY E 150 14.61 -41.74 5.10
CA GLY E 150 15.09 -41.92 6.46
C GLY E 150 15.29 -40.64 7.25
N VAL E 151 14.64 -39.57 6.81
CA VAL E 151 14.71 -38.26 7.45
C VAL E 151 13.53 -38.00 8.39
N THR E 152 13.78 -37.21 9.41
CA THR E 152 12.77 -36.79 10.34
C THR E 152 12.82 -35.28 10.34
N ILE E 153 11.66 -34.63 10.23
CA ILE E 153 11.65 -33.19 10.31
C ILE E 153 11.11 -32.79 11.67
N GLY E 154 11.92 -32.04 12.41
CA GLY E 154 11.56 -31.62 13.74
C GLY E 154 10.42 -30.63 13.83
N ALA E 155 9.71 -30.69 14.94
CA ALA E 155 8.54 -29.87 15.14
C ALA E 155 8.80 -28.38 15.04
N ARG E 156 7.85 -27.67 14.44
CA ARG E 156 7.90 -26.22 14.29
C ARG E 156 9.12 -25.75 13.52
N SER E 157 9.47 -26.51 12.50
CA SER E 157 10.61 -26.21 11.68
C SER E 157 10.18 -25.82 10.27
N VAL E 158 11.00 -25.01 9.63
CA VAL E 158 10.74 -24.56 8.27
C VAL E 158 11.82 -24.98 7.28
N VAL E 159 11.41 -25.59 6.17
CA VAL E 159 12.32 -25.92 5.06
C VAL E 159 12.15 -24.99 3.85
N ALA E 160 13.19 -24.21 3.53
CA ALA E 160 13.19 -23.28 2.38
C ALA E 160 12.93 -23.89 0.98
N ALA E 161 12.36 -23.10 0.09
CA ALA E 161 12.02 -23.60 -1.25
C ALA E 161 13.22 -24.21 -1.93
N ASN E 162 13.00 -25.31 -2.63
CA ASN E 162 14.03 -25.95 -3.44
C ASN E 162 15.18 -26.59 -2.70
N SER E 163 14.98 -26.89 -1.43
CA SER E 163 15.99 -27.55 -0.62
C SER E 163 16.07 -29.04 -0.92
N VAL E 164 17.19 -29.64 -0.59
CA VAL E 164 17.23 -31.09 -0.59
C VAL E 164 17.67 -31.50 0.81
N VAL E 165 16.81 -32.20 1.51
CA VAL E 165 17.06 -32.58 2.87
C VAL E 165 17.53 -34.01 2.96
N ASN E 166 18.81 -34.20 3.23
CA ASN E 166 19.37 -35.53 3.32
C ASN E 166 19.40 -36.06 4.74
N GLN E 167 19.28 -35.18 5.71
CA GLN E 167 19.37 -35.66 7.08
C GLN E 167 18.46 -34.93 8.00
N ASP E 168 18.36 -35.43 9.21
CA ASP E 168 17.36 -34.92 10.12
C ASP E 168 17.49 -33.40 10.25
N VAL E 169 16.37 -32.76 10.52
CA VAL E 169 16.30 -31.32 10.70
C VAL E 169 15.90 -31.15 12.17
N PRO E 170 16.78 -30.54 12.98
CA PRO E 170 16.31 -30.37 14.35
C PRO E 170 15.09 -29.45 14.39
N PRO E 171 14.28 -29.54 15.43
CA PRO E 171 13.07 -28.74 15.70
C PRO E 171 13.40 -27.27 15.91
N ASP E 172 12.38 -26.44 15.71
CA ASP E 172 12.46 -24.99 15.90
C ASP E 172 13.51 -24.34 15.02
N THR E 173 13.62 -24.80 13.78
CA THR E 173 14.73 -24.37 12.94
C THR E 173 14.37 -24.09 11.49
N LEU E 174 14.96 -23.05 10.92
CA LEU E 174 14.89 -22.83 9.47
C LEU E 174 16.12 -23.43 8.81
N VAL E 175 15.92 -24.30 7.82
CA VAL E 175 17.05 -24.80 7.03
C VAL E 175 16.84 -24.57 5.53
N GLY E 176 17.92 -24.56 4.78
CA GLY E 176 17.86 -24.32 3.36
C GLY E 176 19.04 -24.81 2.56
N GLY E 177 18.83 -25.00 1.27
CA GLY E 177 19.88 -25.43 0.39
C GLY E 177 19.94 -26.89 0.05
N THR E 178 20.93 -27.24 -0.75
CA THR E 178 21.16 -28.59 -1.18
C THR E 178 22.64 -28.93 -1.09
N PRO E 179 23.01 -29.74 -0.13
CA PRO E 179 22.10 -30.25 0.89
C PRO E 179 21.71 -29.13 1.85
N ALA E 180 20.59 -29.33 2.56
CA ALA E 180 20.09 -28.34 3.49
C ALA E 180 21.03 -28.10 4.65
N ARG E 181 21.07 -26.85 5.09
CA ARG E 181 21.91 -26.39 6.18
C ARG E 181 21.08 -25.52 7.10
N ILE E 182 21.53 -25.32 8.32
CA ILE E 182 20.82 -24.47 9.25
C ILE E 182 21.07 -23.00 8.92
N LEU E 183 19.99 -22.27 8.69
CA LEU E 183 20.08 -20.86 8.37
C LEU E 183 19.80 -19.99 9.57
N ARG E 184 18.82 -20.39 10.35
CA ARG E 184 18.45 -19.66 11.55
C ARG E 184 17.67 -20.51 12.54
N SER E 185 17.78 -20.18 13.81
CA SER E 185 17.01 -20.82 14.86
C SER E 185 15.72 -20.03 15.01
N LEU E 186 14.61 -20.74 15.09
CA LEU E 186 13.32 -20.09 15.24
C LEU E 186 12.81 -20.07 16.68
N LYS E 187 13.60 -20.57 17.61
CA LYS E 187 13.20 -20.64 19.02
C LYS E 187 13.13 -19.23 19.57
N ASP E 188 12.21 -19.01 20.51
CA ASP E 188 12.01 -17.71 21.15
C ASP E 188 13.25 -17.31 21.90
N MSE F 6 -13.08 -4.66 3.86
CA MSE F 6 -12.97 -5.35 2.56
C MSE F 6 -13.52 -6.78 2.64
O MSE F 6 -13.48 -7.43 3.69
CB MSE F 6 -11.51 -5.41 2.10
CG MSE F 6 -10.58 -4.38 2.66
SE MSE F 6 -8.79 -4.60 1.88
CE MSE F 6 -7.90 -5.52 3.36
N SER F 7 -13.96 -7.28 1.50
CA SER F 7 -14.42 -8.65 1.37
C SER F 7 -13.17 -9.48 1.56
N GLU F 8 -13.33 -10.74 1.93
CA GLU F 8 -12.20 -11.63 2.17
C GLU F 8 -11.37 -11.76 0.89
N LEU F 9 -12.04 -11.75 -0.24
CA LEU F 9 -11.40 -11.79 -1.55
C LEU F 9 -10.53 -10.54 -1.78
N GLU F 10 -11.03 -9.39 -1.35
CA GLU F 10 -10.31 -8.14 -1.44
C GLU F 10 -9.03 -8.17 -0.61
N LYS F 11 -9.12 -8.74 0.58
CA LYS F 11 -7.96 -8.85 1.46
C LYS F 11 -6.84 -9.71 0.89
N MSE F 12 -7.21 -10.85 0.29
CA MSE F 12 -6.24 -11.77 -0.28
C MSE F 12 -5.45 -11.11 -1.40
O MSE F 12 -4.24 -11.24 -1.48
CB MSE F 12 -6.96 -13.02 -0.79
CG MSE F 12 -6.13 -13.95 -1.66
SE MSE F 12 -7.02 -15.56 -2.23
CE MSE F 12 -7.64 -14.97 -3.94
N LEU F 13 -6.15 -10.36 -2.23
CA LEU F 13 -5.56 -9.61 -3.33
C LEU F 13 -4.62 -8.53 -2.87
N LYS F 14 -4.98 -7.88 -1.77
CA LYS F 14 -4.25 -6.73 -1.26
C LYS F 14 -3.16 -7.05 -0.23
N GLY F 15 -2.82 -8.32 -0.12
CA GLY F 15 -1.77 -8.72 0.80
C GLY F 15 -2.11 -8.59 2.25
N GLU F 16 -3.38 -8.77 2.56
CA GLU F 16 -3.87 -8.81 3.94
C GLU F 16 -4.24 -10.24 4.31
N HIS F 17 -4.34 -10.51 5.60
CA HIS F 17 -4.85 -11.80 6.07
C HIS F 17 -6.30 -12.05 5.61
N PHE F 18 -6.61 -13.27 5.19
CA PHE F 18 -7.92 -13.57 4.63
C PHE F 18 -8.45 -14.92 5.03
N ASP F 19 -9.76 -15.07 4.89
CA ASP F 19 -10.39 -16.32 5.21
C ASP F 19 -10.50 -17.10 3.91
N GLY F 20 -9.77 -18.21 3.84
CA GLY F 20 -9.71 -19.05 2.67
C GLY F 20 -11.02 -19.71 2.29
N ALA F 21 -11.88 -19.95 3.29
CA ALA F 21 -13.14 -20.66 3.12
C ALA F 21 -14.32 -19.82 2.66
N SER F 22 -14.08 -18.54 2.43
CA SER F 22 -15.12 -17.60 2.02
C SER F 22 -15.77 -18.05 0.72
N ALA F 23 -17.06 -17.81 0.59
CA ALA F 23 -17.85 -18.27 -0.55
C ALA F 23 -17.35 -17.70 -1.85
N GLU F 24 -16.98 -16.44 -1.83
CA GLU F 24 -16.47 -15.79 -3.01
C GLU F 24 -15.14 -16.38 -3.46
N ILE F 25 -14.28 -16.74 -2.51
CA ILE F 25 -12.97 -17.24 -2.87
C ILE F 25 -13.13 -18.68 -3.36
N GLU F 26 -14.06 -19.37 -2.71
CA GLU F 26 -14.35 -20.77 -3.04
C GLU F 26 -15.02 -20.93 -4.44
N ALA F 27 -15.78 -19.93 -4.88
CA ALA F 27 -16.36 -19.94 -6.23
C ALA F 27 -15.27 -19.84 -7.29
N LEU F 28 -14.33 -18.92 -7.09
CA LEU F 28 -13.25 -18.74 -8.04
C LEU F 28 -12.38 -20.01 -8.05
N ARG F 29 -12.14 -20.58 -6.88
CA ARG F 29 -11.36 -21.81 -6.77
C ARG F 29 -12.00 -22.95 -7.57
N SER F 30 -13.33 -22.95 -7.60
CA SER F 30 -14.10 -23.98 -8.26
C SER F 30 -14.15 -23.78 -9.75
N GLN F 31 -14.35 -22.53 -10.16
CA GLN F 31 -14.22 -22.15 -11.56
C GLN F 31 -12.87 -22.59 -12.14
N ALA F 32 -11.80 -22.25 -11.41
CA ALA F 32 -10.43 -22.54 -11.83
C ALA F 32 -10.19 -24.02 -11.92
N GLY F 33 -10.67 -24.77 -10.94
CA GLY F 33 -10.44 -26.20 -10.95
C GLY F 33 -11.03 -26.82 -12.21
N ARG F 34 -12.27 -26.44 -12.51
CA ARG F 34 -12.95 -26.97 -13.67
C ARG F 34 -12.22 -26.64 -14.96
N LEU F 35 -12.01 -25.34 -15.22
CA LEU F 35 -11.36 -24.92 -16.44
C LEU F 35 -9.97 -25.58 -16.60
N LYS F 36 -9.21 -25.59 -15.51
CA LYS F 36 -7.93 -26.29 -15.40
C LYS F 36 -8.02 -27.73 -15.94
N LEU F 37 -8.96 -28.50 -15.39
CA LEU F 37 -9.15 -29.88 -15.82
C LEU F 37 -9.51 -29.97 -17.29
N GLU F 38 -10.36 -29.07 -17.76
CA GLU F 38 -10.71 -29.10 -19.19
C GLU F 38 -9.51 -28.72 -20.05
N ILE F 39 -8.71 -27.75 -19.61
CA ILE F 39 -7.58 -27.30 -20.39
C ILE F 39 -6.51 -28.36 -20.46
N ASN F 40 -6.28 -29.03 -19.36
CA ASN F 40 -5.23 -30.03 -19.32
C ASN F 40 -5.60 -31.29 -20.11
N GLN F 41 -6.89 -31.50 -20.33
CA GLN F 41 -7.31 -32.68 -21.09
C GLN F 41 -7.67 -32.41 -22.55
N SER F 42 -7.48 -31.18 -23.02
CA SER F 42 -7.87 -30.78 -24.40
C SER F 42 -6.99 -31.32 -25.50
N LEU F 43 -7.57 -31.82 -26.57
CA LEU F 43 -6.75 -32.22 -27.70
C LEU F 43 -6.82 -31.15 -28.78
N ASP F 44 -7.63 -30.14 -28.53
CA ASP F 44 -7.91 -29.13 -29.53
C ASP F 44 -7.34 -27.78 -29.09
N GLU F 45 -6.29 -27.38 -29.79
CA GLU F 45 -5.55 -26.13 -29.57
C GLU F 45 -6.42 -24.86 -29.63
N ALA F 46 -7.35 -24.77 -30.56
CA ALA F 46 -8.27 -23.63 -30.53
C ALA F 46 -9.20 -23.68 -29.30
N GLU F 47 -9.69 -24.87 -28.97
CA GLU F 47 -10.49 -25.06 -27.76
C GLU F 47 -9.69 -24.67 -26.49
N ARG F 48 -8.43 -25.10 -26.46
CA ARG F 48 -7.55 -24.81 -25.33
C ARG F 48 -7.33 -23.31 -25.14
N TYR F 49 -7.12 -22.59 -26.24
CA TYR F 49 -6.97 -21.14 -26.20
C TYR F 49 -8.20 -20.48 -25.59
N ALA F 50 -9.36 -20.91 -26.05
CA ALA F 50 -10.62 -20.28 -25.67
C ALA F 50 -10.90 -20.55 -24.20
N LEU F 51 -10.59 -21.77 -23.75
CA LEU F 51 -10.71 -22.12 -22.34
C LEU F 51 -9.74 -21.31 -21.47
N GLN F 52 -8.51 -21.15 -21.96
CA GLN F 52 -7.50 -20.39 -21.24
C GLN F 52 -7.88 -18.90 -21.16
N ARG F 53 -8.60 -18.39 -22.17
CA ARG F 53 -9.18 -17.05 -22.09
C ARG F 53 -10.34 -16.94 -21.06
N GLU F 54 -10.96 -18.06 -20.71
CA GLU F 54 -11.96 -18.11 -19.62
C GLU F 54 -11.32 -18.18 -18.23
N LEU F 55 -10.24 -18.95 -18.12
CA LEU F 55 -9.47 -19.13 -16.84
C LEU F 55 -8.71 -17.88 -16.39
N PHE F 56 -7.84 -17.40 -17.27
CA PHE F 56 -6.96 -16.30 -16.94
C PHE F 56 -7.73 -14.99 -16.93
N GLY F 57 -7.10 -13.96 -16.38
CA GLY F 57 -7.68 -12.64 -16.35
C GLY F 57 -7.39 -11.99 -17.68
N HIS F 58 -6.20 -12.29 -18.21
CA HIS F 58 -5.79 -11.90 -19.56
C HIS F 58 -4.75 -12.83 -20.12
N LEU F 59 -4.81 -13.01 -21.43
CA LEU F 59 -3.90 -13.84 -22.18
C LEU F 59 -3.82 -13.19 -23.52
N GLY F 60 -2.66 -12.65 -23.83
CA GLY F 60 -2.51 -11.81 -24.99
C GLY F 60 -2.39 -12.49 -26.33
N HIS F 61 -2.23 -11.63 -27.33
CA HIS F 61 -2.14 -11.97 -28.74
C HIS F 61 -0.97 -12.88 -29.03
N LYS F 62 -1.25 -13.97 -29.72
CA LYS F 62 -0.26 -14.97 -30.12
C LYS F 62 0.50 -15.69 -28.99
N SER F 63 0.03 -15.55 -27.75
CA SER F 63 0.65 -16.25 -26.62
C SER F 63 0.23 -17.74 -26.42
N CYS F 64 1.16 -18.58 -26.01
CA CYS F 64 0.88 -20.00 -25.73
C CYS F 64 1.19 -20.44 -24.28
N VAL F 65 0.26 -21.21 -23.68
CA VAL F 65 0.46 -21.84 -22.37
C VAL F 65 0.26 -23.34 -22.54
N GLN F 66 1.36 -24.11 -22.49
CA GLN F 66 1.30 -25.57 -22.66
C GLN F 66 0.80 -26.33 -21.45
N PRO F 67 -0.18 -27.19 -21.67
CA PRO F 67 -0.65 -28.10 -20.61
C PRO F 67 0.37 -29.19 -20.27
N PRO F 68 0.34 -29.68 -19.03
CA PRO F 68 -0.60 -29.18 -18.02
C PRO F 68 -0.12 -27.95 -17.25
N PHE F 69 -1.03 -27.03 -16.99
CA PHE F 69 -0.74 -25.82 -16.26
C PHE F 69 -1.53 -25.88 -14.98
N HIS F 70 -0.91 -25.49 -13.88
CA HIS F 70 -1.58 -25.53 -12.58
C HIS F 70 -1.68 -24.17 -11.92
N CYS F 71 -2.86 -23.83 -11.46
CA CYS F 71 -3.13 -22.57 -10.81
C CYS F 71 -4.27 -22.70 -9.81
N GLU F 72 -4.44 -21.72 -8.95
CA GLU F 72 -5.50 -21.75 -7.95
C GLU F 72 -6.75 -20.97 -8.34
N PHE F 73 -6.57 -19.76 -8.85
CA PHE F 73 -7.70 -18.91 -9.19
C PHE F 73 -7.86 -18.49 -10.65
N GLY F 74 -6.76 -18.45 -11.40
CA GLY F 74 -6.81 -18.06 -12.79
C GLY F 74 -6.99 -16.58 -13.11
N LYS F 75 -8.00 -15.97 -12.52
CA LYS F 75 -8.42 -14.60 -12.80
C LYS F 75 -7.39 -13.51 -12.52
N THR F 76 -6.47 -13.80 -11.62
CA THR F 76 -5.50 -12.82 -11.21
C THR F 76 -4.28 -12.95 -12.06
N ILE F 77 -4.35 -13.81 -13.05
CA ILE F 77 -3.20 -13.97 -13.91
C ILE F 77 -3.41 -13.23 -15.22
N ARG F 78 -2.45 -12.41 -15.61
CA ARG F 78 -2.57 -11.60 -16.81
C ARG F 78 -1.27 -11.71 -17.63
N ILE F 79 -1.36 -12.32 -18.80
CA ILE F 79 -0.18 -12.57 -19.64
C ILE F 79 -0.22 -11.71 -20.92
N GLY F 80 0.93 -11.14 -21.30
CA GLY F 80 1.06 -10.28 -22.48
C GLY F 80 1.00 -10.96 -23.84
N ASP F 81 1.47 -10.30 -24.89
CA ASP F 81 1.44 -10.88 -26.26
C ASP F 81 2.76 -11.58 -26.61
N HIS F 82 2.68 -12.54 -27.54
CA HIS F 82 3.87 -13.33 -27.93
C HIS F 82 4.61 -13.93 -26.73
N THR F 83 3.87 -14.48 -25.76
CA THR F 83 4.49 -15.04 -24.57
C THR F 83 4.25 -16.54 -24.48
N PHE F 84 5.32 -17.29 -24.26
CA PHE F 84 5.25 -18.75 -24.20
C PHE F 84 5.60 -19.29 -22.80
N ILE F 85 4.63 -19.95 -22.19
CA ILE F 85 4.81 -20.63 -20.92
C ILE F 85 4.77 -22.15 -21.15
N ASN F 86 5.84 -22.85 -20.78
CA ASN F 86 6.01 -24.27 -21.11
C ASN F 86 5.22 -25.22 -20.18
N MSE F 87 5.42 -26.54 -20.30
CA MSE F 87 4.58 -27.48 -19.53
C MSE F 87 4.88 -27.55 -18.03
O MSE F 87 5.95 -27.18 -17.57
CB MSE F 87 4.69 -28.91 -20.06
CG MSE F 87 4.80 -29.00 -21.56
SE MSE F 87 5.10 -30.86 -22.11
CE MSE F 87 7.00 -30.85 -22.63
N ASN F 88 3.90 -28.09 -17.30
CA ASN F 88 4.06 -28.40 -15.90
C ASN F 88 4.36 -27.19 -15.02
N VAL F 89 3.90 -26.02 -15.43
CA VAL F 89 4.06 -24.82 -14.60
C VAL F 89 3.06 -24.80 -13.44
N VAL F 90 3.48 -24.26 -12.31
CA VAL F 90 2.59 -24.11 -11.17
C VAL F 90 2.59 -22.68 -10.66
N MSE F 91 1.40 -22.09 -10.56
CA MSE F 91 1.28 -20.75 -10.04
C MSE F 91 0.28 -20.69 -8.88
O MSE F 91 -0.85 -21.12 -8.99
CB MSE F 91 0.88 -19.77 -11.15
CG MSE F 91 2.00 -19.43 -12.13
SE MSE F 91 1.58 -18.11 -13.49
CE MSE F 91 3.01 -18.40 -14.70
N LEU F 92 0.71 -20.14 -7.75
CA LEU F 92 -0.16 -19.91 -6.63
C LEU F 92 -0.48 -18.44 -6.83
N ASP F 93 -1.72 -18.16 -7.18
CA ASP F 93 -2.14 -16.83 -7.61
C ASP F 93 -3.14 -16.07 -6.76
N GLY F 94 -3.01 -16.16 -5.44
CA GLY F 94 -3.88 -15.45 -4.54
C GLY F 94 -3.74 -13.96 -4.78
N ALA F 95 -2.51 -13.55 -5.03
CA ALA F 95 -2.18 -12.19 -5.39
C ALA F 95 -1.92 -12.17 -6.90
N PRO F 96 -2.06 -11.01 -7.51
CA PRO F 96 -1.91 -10.88 -8.97
C PRO F 96 -0.54 -11.23 -9.52
N ILE F 97 -0.54 -11.85 -10.68
CA ILE F 97 0.66 -12.22 -11.38
C ILE F 97 0.57 -11.53 -12.74
N THR F 98 1.53 -10.68 -13.04
CA THR F 98 1.49 -9.94 -14.28
C THR F 98 2.70 -10.28 -15.12
N ILE F 99 2.43 -10.66 -16.35
CA ILE F 99 3.47 -11.11 -17.26
C ILE F 99 3.43 -10.31 -18.57
N GLY F 100 4.58 -9.75 -18.92
CA GLY F 100 4.65 -8.86 -20.05
C GLY F 100 4.61 -9.54 -21.44
N ASP F 101 5.10 -8.81 -22.45
CA ASP F 101 5.20 -9.35 -23.79
C ASP F 101 6.53 -10.09 -24.01
N HIS F 102 6.52 -11.09 -24.89
CA HIS F 102 7.74 -11.71 -25.35
C HIS F 102 8.44 -12.45 -24.23
N VAL F 103 7.67 -13.07 -23.34
CA VAL F 103 8.26 -13.77 -22.20
C VAL F 103 8.34 -15.26 -22.47
N LEU F 104 9.48 -15.84 -22.09
CA LEU F 104 9.70 -17.27 -22.19
C LEU F 104 9.89 -17.88 -20.81
N ILE F 105 8.97 -18.78 -20.45
CA ILE F 105 8.98 -19.48 -19.15
C ILE F 105 9.12 -21.03 -19.27
N GLY F 106 10.19 -21.57 -18.70
CA GLY F 106 10.50 -22.97 -18.85
C GLY F 106 9.58 -23.91 -18.10
N PRO F 107 9.75 -25.23 -18.32
CA PRO F 107 8.89 -26.24 -17.70
C PRO F 107 9.12 -26.33 -16.20
N SER F 108 8.04 -26.58 -15.46
CA SER F 108 8.06 -26.95 -14.05
C SER F 108 8.49 -25.77 -13.23
N THR F 109 8.41 -24.61 -13.82
CA THR F 109 8.63 -23.39 -13.08
C THR F 109 7.44 -23.11 -12.14
N GLN F 110 7.76 -22.50 -11.00
CA GLN F 110 6.82 -22.21 -9.94
C GLN F 110 6.76 -20.72 -9.62
N PHE F 111 5.54 -20.20 -9.46
CA PHE F 111 5.31 -18.81 -9.04
C PHE F 111 4.52 -18.88 -7.75
N TYR F 112 5.11 -18.43 -6.65
CA TYR F 112 4.40 -18.48 -5.40
C TYR F 112 4.15 -17.04 -4.98
N THR F 113 2.91 -16.56 -5.07
CA THR F 113 2.62 -15.28 -4.46
C THR F 113 2.29 -15.44 -2.97
N ALA F 114 2.07 -16.68 -2.55
CA ALA F 114 1.70 -16.98 -1.17
C ALA F 114 2.94 -17.27 -0.31
N SER F 115 2.89 -16.83 0.95
CA SER F 115 3.87 -17.22 1.96
C SER F 115 3.21 -17.32 3.34
N HIS F 116 3.92 -17.87 4.31
CA HIS F 116 3.41 -18.00 5.66
C HIS F 116 4.42 -17.38 6.62
N SER F 117 4.00 -17.14 7.86
CA SER F 117 4.92 -16.66 8.86
C SER F 117 5.92 -17.73 9.23
N LEU F 118 7.11 -17.28 9.61
CA LEU F 118 8.14 -18.16 10.15
C LEU F 118 7.79 -18.59 11.58
N ASP F 119 6.91 -17.83 12.23
CA ASP F 119 6.44 -18.12 13.58
C ASP F 119 5.31 -19.19 13.56
N TYR F 120 5.55 -20.35 14.13
CA TYR F 120 4.64 -21.46 13.90
C TYR F 120 3.25 -21.20 14.48
N ARG F 121 3.19 -20.43 15.55
CA ARG F 121 1.91 -20.08 16.15
C ARG F 121 1.00 -19.25 15.22
N ARG F 122 1.58 -18.65 14.19
CA ARG F 122 0.74 -17.94 13.23
C ARG F 122 0.53 -18.76 11.94
N ARG F 123 0.56 -20.07 12.07
CA ARG F 123 0.42 -20.95 10.91
C ARG F 123 -0.71 -21.97 11.15
N GLN F 124 -1.23 -22.00 12.35
CA GLN F 124 -2.23 -22.99 12.75
C GLN F 124 -3.60 -22.95 12.04
N ALA F 125 -4.01 -21.76 11.63
CA ALA F 125 -5.24 -21.57 10.90
C ALA F 125 -4.95 -21.43 9.41
N TRP F 126 -3.75 -21.85 9.01
CA TRP F 126 -3.26 -21.76 7.63
C TRP F 126 -3.22 -20.32 7.15
N GLU F 127 -2.84 -19.42 8.03
CA GLU F 127 -2.78 -18.01 7.71
C GLU F 127 -1.83 -17.83 6.53
N THR F 128 -2.24 -17.02 5.57
CA THR F 128 -1.46 -16.81 4.35
C THR F 128 -1.42 -15.35 3.95
N ILE F 129 -0.31 -14.93 3.36
CA ILE F 129 -0.17 -13.58 2.84
C ILE F 129 0.21 -13.67 1.39
N CYS F 130 -0.49 -12.95 0.53
CA CYS F 130 -0.19 -12.99 -0.89
C CYS F 130 0.27 -11.64 -1.45
N LYS F 131 1.40 -11.62 -2.12
CA LYS F 131 1.92 -10.38 -2.72
C LYS F 131 2.23 -10.59 -4.18
N PRO F 132 2.03 -9.55 -5.01
CA PRO F 132 2.00 -9.86 -6.44
C PRO F 132 3.37 -10.21 -7.00
N ILE F 133 3.34 -10.92 -8.12
CA ILE F 133 4.55 -11.17 -8.87
C ILE F 133 4.47 -10.49 -10.24
N VAL F 134 5.59 -9.95 -10.72
CA VAL F 134 5.61 -9.22 -11.98
C VAL F 134 6.78 -9.65 -12.87
N ILE F 135 6.48 -10.16 -14.06
CA ILE F 135 7.50 -10.40 -15.09
C ILE F 135 7.42 -9.36 -16.24
N GLU F 136 8.51 -8.63 -16.47
CA GLU F 136 8.51 -7.54 -17.47
C GLU F 136 8.82 -8.11 -18.84
N ASP F 137 8.73 -7.25 -19.85
CA ASP F 137 8.90 -7.69 -21.23
C ASP F 137 10.23 -8.35 -21.50
N ASP F 138 10.24 -9.29 -22.44
CA ASP F 138 11.49 -9.86 -22.96
C ASP F 138 12.32 -10.60 -21.92
N VAL F 139 11.65 -11.21 -20.96
CA VAL F 139 12.33 -12.02 -19.98
C VAL F 139 12.36 -13.48 -20.40
N TRP F 140 13.49 -14.13 -20.17
CA TRP F 140 13.59 -15.57 -20.30
C TRP F 140 13.87 -16.20 -18.91
N ILE F 141 13.02 -17.14 -18.51
CA ILE F 141 13.10 -17.86 -17.23
C ILE F 141 13.30 -19.36 -17.46
N GLY F 142 14.35 -19.93 -16.87
CA GLY F 142 14.73 -21.33 -17.08
C GLY F 142 13.73 -22.28 -16.48
N GLY F 143 13.97 -23.58 -16.63
CA GLY F 143 13.09 -24.59 -16.08
C GLY F 143 13.37 -24.83 -14.61
N ASN F 144 12.38 -25.41 -13.93
CA ASN F 144 12.47 -25.71 -12.51
C ASN F 144 12.84 -24.51 -11.64
N VAL F 145 12.42 -23.31 -12.07
CA VAL F 145 12.70 -22.12 -11.31
C VAL F 145 11.60 -21.85 -10.30
N VAL F 146 11.98 -21.35 -9.14
CA VAL F 146 11.01 -20.87 -8.18
C VAL F 146 11.10 -19.37 -8.12
N ILE F 147 9.97 -18.69 -8.25
CA ILE F 147 9.89 -17.23 -8.09
C ILE F 147 8.99 -16.90 -6.94
N ASN F 148 9.53 -16.25 -5.94
CA ASN F 148 8.74 -15.98 -4.75
C ASN F 148 8.00 -14.65 -4.73
N GLN F 149 7.25 -14.42 -3.67
CA GLN F 149 6.25 -13.35 -3.64
C GLN F 149 6.82 -11.93 -3.72
N GLY F 150 6.02 -10.99 -4.19
CA GLY F 150 6.37 -9.57 -4.21
C GLY F 150 7.61 -9.28 -5.04
N VAL F 151 7.87 -10.15 -6.01
CA VAL F 151 9.05 -10.06 -6.85
C VAL F 151 8.73 -9.48 -8.24
N THR F 152 9.64 -8.62 -8.71
CA THR F 152 9.59 -8.07 -10.06
C THR F 152 10.83 -8.46 -10.84
N ILE F 153 10.62 -9.17 -11.94
CA ILE F 153 11.75 -9.54 -12.77
C ILE F 153 11.95 -8.56 -13.93
N GLY F 154 13.11 -7.88 -13.89
CA GLY F 154 13.42 -6.78 -14.78
C GLY F 154 13.61 -7.16 -16.24
N ALA F 155 13.23 -6.23 -17.13
CA ALA F 155 13.16 -6.48 -18.57
C ALA F 155 14.46 -7.02 -19.18
N ARG F 156 14.31 -7.92 -20.15
CA ARG F 156 15.47 -8.38 -20.92
C ARG F 156 16.50 -9.09 -20.02
N SER F 157 16.04 -9.62 -18.89
CA SER F 157 16.90 -10.43 -18.03
C SER F 157 16.67 -11.90 -18.29
N VAL F 158 17.54 -12.73 -17.72
CA VAL F 158 17.35 -14.17 -17.82
C VAL F 158 17.60 -14.85 -16.48
N VAL F 159 16.79 -15.86 -16.14
CA VAL F 159 16.98 -16.63 -14.92
C VAL F 159 17.43 -18.07 -15.21
N ALA F 160 18.63 -18.41 -14.72
CA ALA F 160 19.18 -19.77 -14.80
C ALA F 160 18.21 -20.84 -14.33
N ALA F 161 18.24 -22.01 -14.96
CA ALA F 161 17.45 -23.13 -14.46
C ALA F 161 17.70 -23.47 -12.97
N ASN F 162 16.65 -23.89 -12.26
CA ASN F 162 16.74 -24.25 -10.85
C ASN F 162 17.08 -23.11 -9.93
N SER F 163 16.91 -21.88 -10.38
CA SER F 163 17.15 -20.78 -9.46
C SER F 163 15.90 -20.57 -8.65
N VAL F 164 16.09 -19.95 -7.49
CA VAL F 164 14.99 -19.49 -6.67
C VAL F 164 15.20 -18.00 -6.47
N VAL F 165 14.19 -17.24 -6.83
CA VAL F 165 14.26 -15.78 -6.79
C VAL F 165 13.51 -15.23 -5.57
N ASN F 166 14.23 -14.62 -4.64
CA ASN F 166 13.61 -14.10 -3.43
C ASN F 166 13.49 -12.60 -3.46
N GLN F 167 14.25 -11.98 -4.34
CA GLN F 167 14.15 -10.53 -4.45
C GLN F 167 14.23 -10.04 -5.90
N ASP F 168 13.73 -8.84 -6.15
CA ASP F 168 13.72 -8.29 -7.51
C ASP F 168 15.00 -8.57 -8.34
N VAL F 169 14.79 -8.81 -9.62
CA VAL F 169 15.88 -9.09 -10.52
C VAL F 169 16.05 -7.89 -11.43
N PRO F 170 17.25 -7.30 -11.42
CA PRO F 170 17.48 -6.11 -12.24
C PRO F 170 17.36 -6.45 -13.72
N PRO F 171 17.04 -5.46 -14.55
CA PRO F 171 16.91 -5.65 -16.00
C PRO F 171 18.25 -5.77 -16.73
N ASP F 172 18.23 -6.41 -17.89
CA ASP F 172 19.44 -6.60 -18.68
C ASP F 172 20.46 -7.36 -17.88
N THR F 173 19.99 -8.30 -17.08
CA THR F 173 20.85 -9.04 -16.18
C THR F 173 20.63 -10.54 -16.26
N LEU F 174 21.68 -11.28 -15.97
CA LEU F 174 21.57 -12.71 -15.85
C LEU F 174 21.78 -13.01 -14.38
N VAL F 175 20.87 -13.76 -13.78
CA VAL F 175 20.95 -14.14 -12.37
C VAL F 175 20.79 -15.64 -12.28
N GLY F 176 21.33 -16.22 -11.22
CA GLY F 176 21.26 -17.65 -11.00
C GLY F 176 21.53 -18.10 -9.58
N GLY F 177 21.14 -19.34 -9.31
CA GLY F 177 21.37 -19.97 -8.03
C GLY F 177 20.27 -19.83 -7.02
N THR F 178 20.46 -20.45 -5.87
CA THR F 178 19.49 -20.39 -4.81
C THR F 178 20.11 -19.88 -3.53
N PRO F 179 19.70 -18.72 -3.07
CA PRO F 179 18.85 -17.76 -3.81
C PRO F 179 19.60 -17.10 -4.95
N ALA F 180 18.89 -16.59 -5.94
CA ALA F 180 19.55 -16.04 -7.13
C ALA F 180 20.52 -14.90 -6.83
N ARG F 181 21.61 -14.85 -7.60
CA ARG F 181 22.60 -13.79 -7.53
C ARG F 181 22.99 -13.35 -8.94
N ILE F 182 23.48 -12.12 -9.09
CA ILE F 182 23.88 -11.65 -10.41
C ILE F 182 25.05 -12.46 -10.94
N LEU F 183 24.94 -12.88 -12.20
CA LEU F 183 25.98 -13.64 -12.85
C LEU F 183 26.71 -12.84 -13.91
N ARG F 184 25.95 -12.05 -14.66
CA ARG F 184 26.51 -11.29 -15.74
C ARG F 184 25.62 -10.13 -16.11
N SER F 185 26.20 -9.17 -16.81
CA SER F 185 25.44 -8.06 -17.33
C SER F 185 25.07 -8.43 -18.75
N LEU F 186 23.81 -8.26 -19.08
CA LEU F 186 23.36 -8.54 -20.43
C LEU F 186 23.29 -7.23 -21.19
N LYS F 187 23.72 -6.15 -20.55
CA LYS F 187 23.65 -4.81 -21.10
C LYS F 187 24.57 -4.67 -22.28
N ASP F 188 24.27 -3.71 -23.15
CA ASP F 188 24.98 -3.59 -24.41
C ASP F 188 25.48 -2.16 -24.65
N MSE G 6 5.90 0.68 28.04
CA MSE G 6 5.40 1.78 27.22
C MSE G 6 5.50 3.12 27.92
O MSE G 6 4.90 3.32 28.97
CB MSE G 6 3.95 1.52 26.79
CG MSE G 6 3.79 1.12 25.34
SE MSE G 6 2.31 2.03 24.44
CE MSE G 6 1.45 0.51 23.58
N SER G 7 6.27 4.04 27.36
CA SER G 7 6.40 5.38 27.92
C SER G 7 5.13 6.19 27.68
N GLU G 8 5.06 7.35 28.29
CA GLU G 8 3.92 8.22 28.10
C GLU G 8 3.85 8.70 26.66
N LEU G 9 5.02 8.94 26.06
CA LEU G 9 5.15 9.34 24.68
C LEU G 9 4.67 8.25 23.74
N GLU G 10 5.20 7.04 23.92
CA GLU G 10 4.67 5.89 23.17
C GLU G 10 3.16 5.83 23.25
N LYS G 11 2.61 5.95 24.46
CA LYS G 11 1.15 5.86 24.64
C LYS G 11 0.43 6.91 23.77
N MSE G 12 0.90 8.14 23.83
CA MSE G 12 0.25 9.19 23.06
C MSE G 12 0.25 8.85 21.59
O MSE G 12 -0.80 8.90 20.94
CB MSE G 12 0.96 10.51 23.28
CG MSE G 12 0.32 11.67 22.51
SE MSE G 12 1.26 13.33 22.83
CE MSE G 12 2.76 13.09 21.59
N LEU G 13 1.42 8.47 21.08
CA LEU G 13 1.60 8.09 19.67
C LEU G 13 0.69 6.96 19.21
N LYS G 14 0.49 6.00 20.10
CA LYS G 14 -0.12 4.72 19.74
C LYS G 14 -1.59 4.87 19.96
N GLY G 15 -2.00 6.03 20.43
CA GLY G 15 -3.41 6.31 20.53
C GLY G 15 -4.00 5.83 21.83
N GLU G 16 -3.22 5.85 22.90
CA GLU G 16 -3.79 5.51 24.21
C GLU G 16 -3.87 6.76 25.05
N HIS G 17 -4.50 6.64 26.20
CA HIS G 17 -4.47 7.78 27.10
C HIS G 17 -3.05 7.92 27.60
N PHE G 18 -2.73 9.12 28.05
CA PHE G 18 -1.37 9.42 28.35
C PHE G 18 -1.29 10.63 29.26
N ASP G 19 -0.10 10.83 29.84
CA ASP G 19 0.16 11.99 30.67
C ASP G 19 0.89 12.99 29.81
N GLY G 20 0.26 14.13 29.62
CA GLY G 20 0.80 15.20 28.80
C GLY G 20 1.92 16.00 29.47
N ALA G 21 2.01 15.89 30.80
CA ALA G 21 3.02 16.61 31.54
C ALA G 21 4.29 15.77 31.60
N SER G 22 4.25 14.59 30.96
CA SER G 22 5.37 13.68 31.07
C SER G 22 6.60 14.31 30.46
N ALA G 23 7.75 14.02 31.03
CA ALA G 23 8.97 14.74 30.74
C ALA G 23 9.38 14.71 29.25
N GLU G 24 9.24 13.55 28.61
N GLU G 24 9.26 13.54 28.64
CA GLU G 24 9.64 13.45 27.22
CA GLU G 24 9.59 13.39 27.22
C GLU G 24 8.62 14.14 26.31
C GLU G 24 8.64 14.24 26.38
N ILE G 25 7.37 14.26 26.79
CA ILE G 25 6.32 14.95 26.06
C ILE G 25 6.44 16.47 26.20
N GLU G 26 6.76 16.95 27.40
CA GLU G 26 7.00 18.37 27.63
C GLU G 26 8.28 18.87 26.94
N ALA G 27 9.24 17.97 26.79
CA ALA G 27 10.47 18.31 26.11
C ALA G 27 10.16 18.53 24.63
N LEU G 28 9.34 17.66 24.05
CA LEU G 28 8.97 17.78 22.65
C LEU G 28 8.22 19.09 22.42
N ARG G 29 7.20 19.33 23.23
CA ARG G 29 6.45 20.57 23.21
C ARG G 29 7.33 21.81 23.27
N SER G 30 8.32 21.84 24.18
CA SER G 30 9.19 23.01 24.30
C SER G 30 10.03 23.22 23.06
N GLN G 31 10.49 22.13 22.50
CA GLN G 31 11.34 22.17 21.35
C GLN G 31 10.53 22.73 20.16
N ALA G 32 9.29 22.28 19.98
CA ALA G 32 8.51 22.75 18.85
C ALA G 32 8.18 24.22 19.04
N GLY G 33 7.95 24.60 20.30
CA GLY G 33 7.54 25.96 20.62
C GLY G 33 8.65 26.92 20.22
N ARG G 34 9.88 26.55 20.54
CA ARG G 34 11.04 27.36 20.14
C ARG G 34 11.17 27.37 18.60
N LEU G 35 11.04 26.21 17.98
CA LEU G 35 11.28 26.09 16.55
C LEU G 35 10.27 26.90 15.76
N LYS G 36 9.01 26.78 16.16
CA LYS G 36 7.88 27.47 15.53
C LYS G 36 8.07 28.97 15.45
N LEU G 37 8.47 29.59 16.57
CA LEU G 37 8.54 31.04 16.60
C LEU G 37 9.76 31.54 15.82
N GLU G 38 10.89 30.88 16.01
CA GLU G 38 12.05 31.07 15.16
C GLU G 38 11.67 31.06 13.65
N ILE G 39 10.86 30.10 13.24
CA ILE G 39 10.56 29.88 11.84
C ILE G 39 9.57 30.90 11.40
N ASN G 40 8.60 31.10 12.26
CA ASN G 40 7.53 31.99 11.92
C ASN G 40 8.04 33.41 11.81
N GLN G 41 9.18 33.68 12.46
CA GLN G 41 9.78 35.02 12.51
C GLN G 41 11.00 35.24 11.60
N SER G 42 11.43 34.21 10.89
CA SER G 42 12.56 34.37 9.96
C SER G 42 12.11 34.85 8.58
N LEU G 43 12.89 35.76 7.99
CA LEU G 43 12.61 36.24 6.62
C LEU G 43 13.55 35.64 5.62
N ASP G 44 14.12 34.51 6.01
CA ASP G 44 15.16 33.86 5.25
C ASP G 44 14.68 32.43 4.98
N GLU G 45 14.28 32.21 3.74
CA GLU G 45 13.63 30.97 3.39
C GLU G 45 14.53 29.75 3.65
N ALA G 46 15.82 29.89 3.43
CA ALA G 46 16.70 28.76 3.68
C ALA G 46 16.94 28.57 5.21
N GLU G 47 16.82 29.62 6.01
CA GLU G 47 16.82 29.42 7.47
C GLU G 47 15.55 28.67 7.89
N ARG G 48 14.39 29.06 7.34
CA ARG G 48 13.11 28.40 7.65
C ARG G 48 13.12 26.92 7.28
N TYR G 49 13.62 26.62 6.09
CA TYR G 49 13.68 25.24 5.67
C TYR G 49 14.58 24.43 6.62
N ALA G 50 15.79 24.90 6.79
CA ALA G 50 16.76 24.25 7.64
C ALA G 50 16.15 23.95 9.02
N LEU G 51 15.56 24.98 9.64
CA LEU G 51 14.95 24.90 10.95
C LEU G 51 13.74 23.95 10.97
N GLN G 52 13.00 23.93 9.88
CA GLN G 52 11.91 23.00 9.64
C GLN G 52 12.41 21.57 9.59
N ARG G 53 13.63 21.39 9.10
CA ARG G 53 14.28 20.09 9.04
C ARG G 53 14.41 19.58 10.47
N GLU G 54 14.75 20.48 11.38
CA GLU G 54 14.80 20.21 12.81
C GLU G 54 13.45 20.00 13.49
N LEU G 55 12.45 20.79 13.13
CA LEU G 55 11.13 20.68 13.76
C LEU G 55 10.39 19.38 13.41
N PHE G 56 10.45 18.99 12.14
CA PHE G 56 9.65 17.91 11.60
C PHE G 56 10.38 16.56 11.62
N GLY G 57 9.61 15.49 11.57
CA GLY G 57 10.17 14.15 11.44
C GLY G 57 10.92 14.04 10.14
N HIS G 58 10.30 14.55 9.09
CA HIS G 58 10.89 14.60 7.78
C HIS G 58 10.34 15.74 6.92
N LEU G 59 11.20 16.38 6.14
CA LEU G 59 10.74 17.33 5.14
C LEU G 59 11.47 17.03 3.85
N GLY G 60 10.72 16.68 2.82
CA GLY G 60 11.27 16.23 1.56
C GLY G 60 12.08 17.25 0.76
N HIS G 61 12.62 16.76 -0.34
CA HIS G 61 13.31 17.59 -1.33
C HIS G 61 12.35 18.59 -2.04
N LYS G 62 12.75 19.87 -2.02
CA LYS G 62 12.00 20.93 -2.69
C LYS G 62 10.55 20.97 -2.25
N SER G 63 10.32 20.68 -0.96
CA SER G 63 9.03 20.94 -0.35
C SER G 63 9.09 22.26 0.41
N CYS G 64 7.92 22.83 0.70
CA CYS G 64 7.86 24.20 1.13
C CYS G 64 6.69 24.43 2.10
N VAL G 65 6.99 24.96 3.29
CA VAL G 65 5.95 25.25 4.28
C VAL G 65 6.00 26.73 4.64
N GLN G 66 4.92 27.44 4.36
CA GLN G 66 4.89 28.92 4.54
C GLN G 66 4.55 29.39 5.95
N PRO G 67 5.27 30.39 6.46
CA PRO G 67 4.89 30.93 7.78
C PRO G 67 3.62 31.74 7.71
N PRO G 68 2.90 31.84 8.83
CA PRO G 68 3.24 31.09 10.04
C PRO G 68 2.62 29.68 10.00
N PHE G 69 3.33 28.72 10.57
CA PHE G 69 2.85 27.35 10.68
C PHE G 69 2.78 26.94 12.17
N HIS G 70 1.63 26.45 12.60
CA HIS G 70 1.41 26.08 13.99
C HIS G 70 1.18 24.58 14.17
N CYS G 71 2.04 23.96 14.97
CA CYS G 71 1.84 22.55 15.34
C CYS G 71 2.23 22.43 16.78
N GLU G 72 2.03 21.25 17.36
CA GLU G 72 2.31 21.09 18.78
C GLU G 72 3.66 20.41 19.05
N PHE G 73 3.98 19.37 18.28
CA PHE G 73 5.12 18.50 18.58
C PHE G 73 6.26 18.44 17.53
N GLY G 74 5.91 18.63 16.25
CA GLY G 74 6.86 18.58 15.15
C GLY G 74 7.32 17.21 14.64
N LYS G 75 7.88 16.41 15.53
CA LYS G 75 8.59 15.19 15.09
C LYS G 75 7.70 14.05 14.59
N THR G 76 6.41 14.10 14.92
CA THR G 76 5.39 13.22 14.37
C THR G 76 5.00 13.58 12.90
N ILE G 77 5.40 14.78 12.45
CA ILE G 77 5.05 15.23 11.10
C ILE G 77 6.12 14.82 10.08
N ARG G 78 5.72 14.05 9.07
CA ARG G 78 6.60 13.70 7.97
C ARG G 78 6.01 14.14 6.61
N ILE G 79 6.75 15.00 5.91
CA ILE G 79 6.32 15.53 4.61
C ILE G 79 7.24 15.07 3.49
N GLY G 80 6.66 14.64 2.37
CA GLY G 80 7.42 14.10 1.24
C GLY G 80 8.06 15.16 0.34
N ASP G 81 8.37 14.77 -0.89
CA ASP G 81 8.96 15.70 -1.87
C ASP G 81 7.92 16.45 -2.74
N HIS G 82 8.25 17.68 -3.12
CA HIS G 82 7.42 18.48 -4.01
C HIS G 82 6.07 18.77 -3.44
N THR G 83 6.01 18.84 -2.12
CA THR G 83 4.80 19.19 -1.42
C THR G 83 4.86 20.63 -0.96
N PHE G 84 3.72 21.29 -0.95
CA PHE G 84 3.63 22.70 -0.59
C PHE G 84 2.49 22.90 0.41
N ILE G 85 2.73 23.64 1.47
CA ILE G 85 1.69 23.87 2.47
C ILE G 85 1.66 25.38 2.67
N ASN G 86 0.49 25.97 2.49
CA ASN G 86 0.38 27.43 2.49
C ASN G 86 0.37 27.97 3.91
N MSE G 87 0.10 29.27 4.06
CA MSE G 87 0.11 29.96 5.35
C MSE G 87 -0.98 29.55 6.37
O MSE G 87 -2.13 29.15 6.01
CB MSE G 87 -0.07 31.45 5.06
CG MSE G 87 1.07 32.06 4.30
SE MSE G 87 0.81 33.94 3.75
CE MSE G 87 -0.82 33.74 2.67
N ASN G 88 -0.63 29.70 7.65
CA ASN G 88 -1.59 29.61 8.77
C ASN G 88 -2.20 28.24 8.99
N VAL G 89 -1.49 27.21 8.59
CA VAL G 89 -1.93 25.85 8.84
C VAL G 89 -1.71 25.48 10.31
N VAL G 90 -2.68 24.81 10.91
CA VAL G 90 -2.59 24.35 12.28
C VAL G 90 -2.69 22.83 12.28
N MSE G 91 -1.73 22.16 12.89
CA MSE G 91 -1.78 20.71 13.02
C MSE G 91 -1.63 20.30 14.48
O MSE G 91 -0.70 20.71 15.14
CB MSE G 91 -0.66 20.06 12.20
CG MSE G 91 -0.69 20.33 10.72
SE MSE G 91 0.46 19.14 9.73
CE MSE G 91 0.20 19.84 7.98
N LEU G 92 -2.54 19.47 14.96
CA LEU G 92 -2.41 18.91 16.29
C LEU G 92 -1.78 17.56 16.00
N ASP G 93 -0.52 17.43 16.32
CA ASP G 93 0.26 16.26 15.93
C ASP G 93 0.70 15.28 17.01
N GLY G 94 -0.19 14.99 17.95
CA GLY G 94 0.08 14.04 19.02
C GLY G 94 0.38 12.67 18.43
N ALA G 95 -0.35 12.31 17.37
CA ALA G 95 -0.15 11.07 16.63
C ALA G 95 0.48 11.40 15.29
N PRO G 96 1.07 10.42 14.61
CA PRO G 96 1.80 10.78 13.39
C PRO G 96 0.92 11.42 12.29
N ILE G 97 1.49 12.37 11.56
CA ILE G 97 0.86 12.92 10.36
C ILE G 97 1.76 12.67 9.17
N THR G 98 1.36 11.78 8.28
CA THR G 98 2.19 11.41 7.15
C THR G 98 1.71 12.05 5.83
N ILE G 99 2.56 12.86 5.22
CA ILE G 99 2.17 13.52 4.01
C ILE G 99 3.10 13.23 2.84
N GLY G 100 2.50 12.76 1.74
CA GLY G 100 3.26 12.32 0.59
C GLY G 100 3.83 13.39 -0.32
N ASP G 101 4.17 12.94 -1.54
CA ASP G 101 4.83 13.74 -2.55
C ASP G 101 3.78 14.48 -3.35
N HIS G 102 4.11 15.68 -3.82
CA HIS G 102 3.22 16.46 -4.72
C HIS G 102 1.89 16.80 -4.05
N VAL G 103 1.88 16.88 -2.75
CA VAL G 103 0.66 17.26 -2.08
C VAL G 103 0.61 18.77 -2.04
N LEU G 104 -0.60 19.32 -2.17
CA LEU G 104 -0.80 20.76 -1.93
C LEU G 104 -1.90 21.01 -0.89
N ILE G 105 -1.55 21.85 0.07
CA ILE G 105 -2.44 22.17 1.15
C ILE G 105 -2.72 23.68 1.23
N GLY G 106 -3.99 24.03 1.21
CA GLY G 106 -4.39 25.42 1.24
C GLY G 106 -4.23 26.12 2.57
N PRO G 107 -4.25 27.45 2.51
CA PRO G 107 -4.04 28.22 3.73
C PRO G 107 -5.13 27.96 4.78
N SER G 108 -4.73 28.06 6.05
CA SER G 108 -5.62 27.95 7.19
C SER G 108 -6.23 26.57 7.33
N THR G 109 -5.60 25.57 6.72
CA THR G 109 -6.06 24.20 6.95
C THR G 109 -5.61 23.59 8.30
N GLN G 110 -6.50 22.79 8.90
CA GLN G 110 -6.32 22.16 10.21
C GLN G 110 -6.26 20.63 10.10
N PHE G 111 -5.27 20.05 10.77
CA PHE G 111 -5.21 18.61 10.93
C PHE G 111 -5.40 18.29 12.40
N TYR G 112 -6.47 17.60 12.75
CA TYR G 112 -6.67 17.27 14.16
C TYR G 112 -6.46 15.75 14.47
N THR G 113 -5.28 15.36 14.94
CA THR G 113 -5.12 13.96 15.36
C THR G 113 -5.76 13.73 16.74
N ALA G 114 -5.74 14.76 17.55
CA ALA G 114 -6.36 14.72 18.85
C ALA G 114 -7.88 14.71 18.77
N SER G 115 -8.54 14.02 19.71
CA SER G 115 -9.99 14.11 19.90
C SER G 115 -10.35 13.71 21.33
N HIS G 116 -11.59 13.98 21.72
CA HIS G 116 -12.05 13.69 23.08
C HIS G 116 -13.33 12.86 23.12
N SER G 117 -13.69 12.42 24.33
CA SER G 117 -14.96 11.76 24.56
C SER G 117 -16.13 12.72 24.47
N LEU G 118 -17.24 12.19 23.98
CA LEU G 118 -18.48 12.92 23.92
C LEU G 118 -19.06 13.02 25.33
N ASP G 119 -18.59 12.13 26.20
CA ASP G 119 -18.96 12.12 27.60
C ASP G 119 -18.17 13.12 28.41
N TYR G 120 -18.81 14.13 28.97
CA TYR G 120 -18.06 15.20 29.61
C TYR G 120 -17.34 14.63 30.87
N ARG G 121 -17.88 13.58 31.46
CA ARG G 121 -17.26 13.03 32.64
C ARG G 121 -15.87 12.54 32.29
N ARG G 122 -15.64 12.35 30.99
CA ARG G 122 -14.41 11.76 30.52
C ARG G 122 -13.52 12.79 29.88
N ARG G 123 -13.78 14.06 30.14
CA ARG G 123 -12.98 15.12 29.54
C ARG G 123 -12.36 15.99 30.60
N GLN G 124 -12.80 15.76 31.83
CA GLN G 124 -12.43 16.64 32.93
C GLN G 124 -10.95 16.63 33.24
N ALA G 125 -10.27 15.56 32.88
CA ALA G 125 -8.82 15.60 33.02
C ALA G 125 -8.14 15.97 31.70
N TRP G 126 -8.93 16.49 30.74
CA TRP G 126 -8.44 16.83 29.40
C TRP G 126 -7.91 15.58 28.70
N GLU G 127 -8.46 14.43 29.04
CA GLU G 127 -8.11 13.18 28.37
C GLU G 127 -8.18 13.28 26.83
N THR G 128 -7.17 12.72 26.16
CA THR G 128 -7.02 12.90 24.73
C THR G 128 -6.57 11.62 24.03
N ILE G 129 -7.22 11.31 22.92
CA ILE G 129 -6.82 10.18 22.13
C ILE G 129 -6.38 10.72 20.77
N CYS G 130 -5.20 10.32 20.34
CA CYS G 130 -4.66 10.82 19.10
C CYS G 130 -4.57 9.66 18.12
N LYS G 131 -5.04 9.91 16.89
CA LYS G 131 -5.05 8.90 15.83
C LYS G 131 -4.46 9.53 14.59
N PRO G 132 -3.58 8.80 13.91
CA PRO G 132 -2.80 9.27 12.76
C PRO G 132 -3.65 9.75 11.58
N ILE G 133 -3.13 10.76 10.89
CA ILE G 133 -3.71 11.28 9.68
C ILE G 133 -2.71 11.00 8.57
N VAL G 134 -3.18 10.40 7.48
CA VAL G 134 -2.32 10.17 6.33
C VAL G 134 -2.83 10.90 5.09
N ILE G 135 -1.93 11.60 4.41
CA ILE G 135 -2.24 12.21 3.11
C ILE G 135 -1.41 11.56 2.02
N GLU G 136 -2.06 10.83 1.13
CA GLU G 136 -1.35 10.08 0.09
C GLU G 136 -0.92 11.02 -1.02
N ASP G 137 -0.14 10.54 -1.98
CA ASP G 137 0.49 11.42 -3.01
C ASP G 137 -0.51 12.14 -3.92
N ASP G 138 -0.11 13.33 -4.37
CA ASP G 138 -0.85 14.07 -5.39
C ASP G 138 -2.21 14.53 -4.93
N VAL G 139 -2.38 14.62 -3.62
CA VAL G 139 -3.59 15.18 -3.08
C VAL G 139 -3.55 16.70 -3.16
N TRP G 140 -4.71 17.28 -3.40
CA TRP G 140 -4.89 18.72 -3.27
C TRP G 140 -5.96 19.00 -2.23
N ILE G 141 -5.55 19.69 -1.15
CA ILE G 141 -6.50 20.10 -0.12
C ILE G 141 -6.69 21.61 -0.12
N GLY G 142 -7.95 22.04 -0.23
CA GLY G 142 -8.30 23.45 -0.29
C GLY G 142 -8.06 24.15 1.04
N GLY G 143 -8.18 25.49 1.04
CA GLY G 143 -8.01 26.26 2.25
C GLY G 143 -9.18 26.08 3.19
N ASN G 144 -8.94 26.26 4.48
CA ASN G 144 -10.00 26.30 5.50
C ASN G 144 -10.68 24.97 5.74
N VAL G 145 -9.96 23.92 5.39
CA VAL G 145 -10.41 22.55 5.56
C VAL G 145 -9.97 21.99 6.92
N VAL G 146 -10.90 21.31 7.56
CA VAL G 146 -10.62 20.53 8.76
C VAL G 146 -10.50 19.03 8.43
N ILE G 147 -9.40 18.42 8.82
CA ILE G 147 -9.24 17.00 8.63
C ILE G 147 -9.09 16.37 9.99
N ASN G 148 -10.04 15.51 10.36
CA ASN G 148 -10.03 14.86 11.67
C ASN G 148 -9.20 13.58 11.76
N GLN G 149 -9.14 13.04 12.97
CA GLN G 149 -8.21 11.98 13.31
C GLN G 149 -8.52 10.64 12.61
N GLY G 150 -7.46 9.89 12.35
CA GLY G 150 -7.56 8.53 11.86
C GLY G 150 -8.02 8.48 10.40
N VAL G 151 -7.82 9.58 9.69
CA VAL G 151 -8.33 9.75 8.34
C VAL G 151 -7.21 9.56 7.35
N THR G 152 -7.47 8.75 6.33
CA THR G 152 -6.58 8.72 5.18
C THR G 152 -7.24 9.40 4.00
N ILE G 153 -6.47 10.23 3.29
CA ILE G 153 -6.90 10.81 2.03
C ILE G 153 -6.19 10.05 0.92
N GLY G 154 -6.98 9.40 0.04
CA GLY G 154 -6.43 8.57 -1.04
C GLY G 154 -5.75 9.44 -2.10
N ALA G 155 -4.84 8.82 -2.85
CA ALA G 155 -3.97 9.52 -3.79
C ALA G 155 -4.73 10.22 -4.93
N ARG G 156 -4.23 11.39 -5.34
CA ARG G 156 -4.77 12.08 -6.51
C ARG G 156 -6.21 12.52 -6.29
N SER G 157 -6.59 12.71 -5.03
CA SER G 157 -7.89 13.29 -4.74
C SER G 157 -7.82 14.78 -4.36
N VAL G 158 -8.99 15.37 -4.20
CA VAL G 158 -9.09 16.80 -4.00
C VAL G 158 -10.19 17.03 -2.99
N VAL G 159 -9.96 17.90 -2.01
CA VAL G 159 -10.97 18.19 -1.00
C VAL G 159 -11.27 19.65 -1.12
N ALA G 160 -12.53 19.99 -1.31
CA ALA G 160 -12.90 21.39 -1.61
C ALA G 160 -12.73 22.24 -0.35
N ALA G 161 -12.56 23.56 -0.53
CA ALA G 161 -12.54 24.51 0.60
C ALA G 161 -13.65 24.35 1.66
N ASN G 162 -13.35 24.75 2.90
CA ASN G 162 -14.28 24.82 4.04
C ASN G 162 -14.93 23.48 4.36
N SER G 163 -14.30 22.44 3.90
CA SER G 163 -14.78 21.10 4.05
C SER G 163 -14.29 20.51 5.39
N VAL G 164 -15.07 19.59 5.95
CA VAL G 164 -14.64 18.88 7.14
C VAL G 164 -14.64 17.39 6.83
N VAL G 165 -13.48 16.78 6.86
CA VAL G 165 -13.38 15.37 6.59
C VAL G 165 -13.27 14.51 7.89
N ASN G 166 -14.20 13.57 8.05
CA ASN G 166 -14.33 12.71 9.22
C ASN G 166 -13.94 11.27 8.94
N GLN G 167 -14.07 10.86 7.69
CA GLN G 167 -13.87 9.47 7.29
C GLN G 167 -12.91 9.43 6.13
N ASP G 168 -12.33 8.25 5.88
CA ASP G 168 -11.39 8.03 4.80
C ASP G 168 -11.97 8.49 3.47
N VAL G 169 -11.09 8.94 2.58
CA VAL G 169 -11.48 9.41 1.28
C VAL G 169 -10.77 8.57 0.22
N PRO G 170 -11.55 7.99 -0.72
CA PRO G 170 -11.04 7.09 -1.77
C PRO G 170 -10.06 7.83 -2.67
N PRO G 171 -9.17 7.10 -3.34
CA PRO G 171 -8.34 7.64 -4.44
C PRO G 171 -9.18 8.21 -5.60
N ASP G 172 -8.62 9.19 -6.32
CA ASP G 172 -9.21 9.72 -7.55
C ASP G 172 -10.63 10.27 -7.41
N THR G 173 -10.82 11.16 -6.43
CA THR G 173 -12.14 11.58 -5.99
C THR G 173 -12.06 13.04 -5.54
N LEU G 174 -13.14 13.76 -5.78
CA LEU G 174 -13.22 15.12 -5.29
C LEU G 174 -14.27 15.00 -4.21
N VAL G 175 -14.00 15.49 -3.00
CA VAL G 175 -15.02 15.43 -1.96
C VAL G 175 -15.18 16.83 -1.49
N GLY G 176 -16.18 17.09 -0.64
CA GLY G 176 -16.51 18.46 -0.32
C GLY G 176 -17.67 18.50 0.62
N GLY G 177 -17.69 19.51 1.49
CA GLY G 177 -18.76 19.69 2.47
C GLY G 177 -18.44 19.40 3.94
N THR G 178 -19.44 19.62 4.80
CA THR G 178 -19.32 19.41 6.23
C THR G 178 -20.46 18.54 6.77
N PRO G 179 -20.20 17.22 6.91
CA PRO G 179 -18.94 16.55 6.53
C PRO G 179 -18.83 16.26 5.04
N ALA G 180 -17.59 16.04 4.58
CA ALA G 180 -17.34 15.74 3.18
C ALA G 180 -18.12 14.55 2.62
N ARG G 181 -18.84 14.82 1.53
CA ARG G 181 -19.50 13.79 0.76
C ARG G 181 -18.88 13.84 -0.64
N ILE G 182 -18.86 12.71 -1.32
CA ILE G 182 -18.29 12.63 -2.66
C ILE G 182 -19.03 13.56 -3.60
N LEU G 183 -18.30 14.27 -4.46
CA LEU G 183 -19.00 15.10 -5.42
C LEU G 183 -18.74 14.51 -6.77
N ARG G 184 -17.54 14.00 -6.97
CA ARG G 184 -17.19 13.54 -8.31
C ARG G 184 -16.03 12.59 -8.33
N SER G 185 -16.09 11.60 -9.22
CA SER G 185 -14.93 10.79 -9.49
C SER G 185 -14.05 11.58 -10.43
N LEU G 186 -12.73 11.40 -10.28
CA LEU G 186 -11.74 12.15 -11.03
C LEU G 186 -10.91 11.30 -11.98
N LYS G 187 -11.16 10.00 -12.03
CA LYS G 187 -10.39 9.09 -12.87
C LYS G 187 -10.54 9.36 -14.37
N MSE H 6 -23.20 57.77 30.93
CA MSE H 6 -22.69 56.52 30.39
C MSE H 6 -21.49 56.76 29.48
O MSE H 6 -21.65 57.29 28.37
CB MSE H 6 -23.79 55.77 29.64
CG MSE H 6 -24.25 54.49 30.33
SE MSE H 6 -24.86 53.14 29.07
CE MSE H 6 -26.23 54.17 28.14
N SER H 7 -20.31 56.37 29.93
CA SER H 7 -19.09 56.53 29.15
C SER H 7 -19.14 55.70 27.87
N GLU H 8 -18.55 56.18 26.80
CA GLU H 8 -18.71 55.50 25.54
C GLU H 8 -18.24 54.06 25.69
N LEU H 9 -17.33 53.83 26.61
CA LEU H 9 -16.89 52.47 26.87
C LEU H 9 -18.02 51.60 27.38
N GLU H 10 -18.77 52.10 28.34
CA GLU H 10 -19.85 51.31 28.93
C GLU H 10 -21.04 51.17 27.98
N LYS H 11 -21.21 52.14 27.11
CA LYS H 11 -22.19 52.05 26.04
C LYS H 11 -21.85 50.87 25.10
N MSE H 12 -20.56 50.65 24.88
CA MSE H 12 -20.08 49.45 24.18
C MSE H 12 -20.41 48.14 24.90
O MSE H 12 -21.06 47.25 24.33
CB MSE H 12 -18.57 49.51 24.01
CG MSE H 12 -18.01 48.29 23.30
SE MSE H 12 -16.14 48.43 22.77
CE MSE H 12 -15.33 48.19 24.54
N LEU H 13 -19.94 48.03 26.14
CA LEU H 13 -20.19 46.87 26.98
C LEU H 13 -21.68 46.53 27.13
N LYS H 14 -22.53 47.54 26.94
CA LYS H 14 -23.97 47.45 27.13
C LYS H 14 -24.87 47.21 25.91
N GLY H 15 -24.30 46.97 24.75
CA GLY H 15 -25.09 46.79 23.55
C GLY H 15 -25.61 48.07 22.90
N GLU H 16 -25.10 49.21 23.31
CA GLU H 16 -25.47 50.45 22.69
C GLU H 16 -24.50 50.77 21.56
N HIS H 17 -24.81 51.74 20.73
CA HIS H 17 -23.87 52.15 19.72
C HIS H 17 -22.80 52.93 20.45
N PHE H 18 -21.55 52.72 20.10
CA PHE H 18 -20.47 53.39 20.81
C PHE H 18 -19.42 54.03 19.91
N ASP H 19 -18.68 54.97 20.50
CA ASP H 19 -17.56 55.61 19.81
C ASP H 19 -16.35 54.75 20.10
N GLY H 20 -15.98 53.96 19.11
CA GLY H 20 -14.86 53.03 19.19
C GLY H 20 -13.51 53.71 19.23
N ALA H 21 -13.52 55.02 19.01
CA ALA H 21 -12.33 55.85 19.01
C ALA H 21 -12.21 56.68 20.28
N SER H 22 -13.11 56.45 21.21
CA SER H 22 -13.13 57.18 22.47
C SER H 22 -11.87 56.76 23.21
N ALA H 23 -11.39 57.60 24.11
CA ALA H 23 -10.12 57.35 24.78
C ALA H 23 -9.97 56.10 25.63
N GLU H 24 -10.94 55.80 26.50
CA GLU H 24 -10.79 54.62 27.36
C GLU H 24 -10.74 53.36 26.53
N ILE H 25 -11.55 53.33 25.48
CA ILE H 25 -11.60 52.21 24.57
C ILE H 25 -10.25 52.03 23.87
N GLU H 26 -9.69 53.14 23.43
CA GLU H 26 -8.38 53.14 22.78
C GLU H 26 -7.30 52.72 23.74
N ALA H 27 -7.39 53.17 25.00
CA ALA H 27 -6.41 52.79 26.00
C ALA H 27 -6.40 51.26 26.23
N LEU H 28 -7.58 50.67 26.28
CA LEU H 28 -7.64 49.24 26.59
C LEU H 28 -7.19 48.43 25.38
N ARG H 29 -7.66 48.82 24.21
CA ARG H 29 -7.19 48.20 22.99
C ARG H 29 -5.65 48.19 22.95
N SER H 30 -5.06 49.35 23.23
CA SER H 30 -3.60 49.48 23.14
C SER H 30 -2.91 48.55 24.11
N GLN H 31 -3.50 48.43 25.29
CA GLN H 31 -2.97 47.60 26.34
C GLN H 31 -2.97 46.16 25.85
N ALA H 32 -4.05 45.76 25.21
CA ALA H 32 -4.19 44.39 24.78
C ALA H 32 -3.22 44.09 23.64
N GLY H 33 -3.04 45.07 22.76
CA GLY H 33 -2.10 44.90 21.67
C GLY H 33 -0.72 44.56 22.21
N ARG H 34 -0.31 45.26 23.25
CA ARG H 34 1.02 45.05 23.83
C ARG H 34 1.18 43.66 24.45
N LEU H 35 0.18 43.28 25.24
CA LEU H 35 0.21 42.00 25.93
C LEU H 35 0.04 40.76 25.00
N LYS H 36 -0.76 40.91 23.95
CA LYS H 36 -0.83 39.95 22.87
C LYS H 36 0.56 39.70 22.30
N LEU H 37 1.21 40.78 21.87
CA LEU H 37 2.55 40.63 21.38
C LEU H 37 3.47 39.87 22.32
N GLU H 38 3.57 40.28 23.58
CA GLU H 38 4.40 39.55 24.53
C GLU H 38 3.95 38.11 24.76
N ILE H 39 2.65 37.89 24.89
CA ILE H 39 2.17 36.54 25.07
C ILE H 39 2.58 35.67 23.89
N ASN H 40 2.20 36.07 22.69
CA ASN H 40 2.39 35.24 21.52
C ASN H 40 3.84 35.04 21.15
N GLN H 41 4.73 35.79 21.79
CA GLN H 41 6.13 35.77 21.42
C GLN H 41 7.00 35.20 22.56
N SER H 42 6.41 34.93 23.72
CA SER H 42 7.10 34.30 24.85
C SER H 42 7.48 32.81 24.69
N LEU H 43 8.72 32.50 25.08
CA LEU H 43 9.17 31.11 25.16
C LEU H 43 9.12 30.57 26.56
N ASP H 44 8.53 31.34 27.48
CA ASP H 44 8.61 31.06 28.90
C ASP H 44 7.21 30.85 29.47
N GLU H 45 6.91 29.63 29.86
CA GLU H 45 5.53 29.30 30.17
C GLU H 45 4.98 30.09 31.37
N ALA H 46 5.77 30.23 32.43
CA ALA H 46 5.34 31.00 33.59
C ALA H 46 5.11 32.48 33.24
N GLU H 47 6.06 33.07 32.55
CA GLU H 47 5.85 34.45 32.14
C GLU H 47 4.60 34.59 31.24
N ARG H 48 4.35 33.57 30.41
N ARG H 48 4.35 33.57 30.41
CA ARG H 48 3.17 33.55 29.53
CA ARG H 48 3.17 33.55 29.53
C ARG H 48 1.82 33.55 30.28
C ARG H 48 1.82 33.55 30.28
N TYR H 49 1.71 32.74 31.32
CA TYR H 49 0.51 32.74 32.16
C TYR H 49 0.32 34.06 32.96
N ALA H 50 1.36 34.49 33.66
CA ALA H 50 1.39 35.81 34.30
C ALA H 50 0.97 36.97 33.37
N LEU H 51 1.48 36.94 32.14
CA LEU H 51 1.13 37.95 31.14
C LEU H 51 -0.36 37.83 30.83
N GLN H 52 -0.82 36.60 30.66
CA GLN H 52 -2.23 36.33 30.31
C GLN H 52 -3.22 36.79 31.37
N ARG H 53 -2.76 36.81 32.62
CA ARG H 53 -3.60 37.23 33.74
C ARG H 53 -3.72 38.75 33.75
N GLU H 54 -2.76 39.43 33.16
CA GLU H 54 -2.82 40.88 33.04
C GLU H 54 -3.65 41.26 31.83
N LEU H 55 -3.61 40.42 30.80
CA LEU H 55 -4.51 40.62 29.64
C LEU H 55 -5.97 40.37 30.00
N PHE H 56 -6.24 39.23 30.64
CA PHE H 56 -7.62 38.81 30.83
C PHE H 56 -8.24 39.37 32.09
N GLY H 57 -9.56 39.47 32.09
CA GLY H 57 -10.23 39.97 33.27
C GLY H 57 -10.07 38.91 34.31
N HIS H 58 -10.18 37.66 33.87
CA HIS H 58 -9.89 36.53 34.75
C HIS H 58 -9.40 35.30 34.00
N LEU H 59 -8.53 34.53 34.65
CA LEU H 59 -8.07 33.26 34.09
C LEU H 59 -7.88 32.28 35.22
N GLY H 60 -8.68 31.22 35.25
CA GLY H 60 -8.70 30.33 36.39
C GLY H 60 -7.56 29.35 36.61
N HIS H 61 -7.71 28.61 37.70
CA HIS H 61 -6.72 27.62 38.12
C HIS H 61 -6.48 26.48 37.13
N LYS H 62 -5.22 26.33 36.74
CA LYS H 62 -4.77 25.32 35.80
C LYS H 62 -5.41 25.47 34.43
N SER H 63 -5.75 26.69 34.03
CA SER H 63 -6.34 26.87 32.73
C SER H 63 -5.24 27.31 31.81
N CYS H 64 -5.39 26.94 30.56
CA CYS H 64 -4.35 27.15 29.58
C CYS H 64 -4.95 27.82 28.34
N VAL H 65 -4.25 28.84 27.82
CA VAL H 65 -4.62 29.45 26.57
C VAL H 65 -3.41 29.40 25.65
N GLN H 66 -3.45 28.54 24.66
CA GLN H 66 -2.32 28.37 23.73
C GLN H 66 -2.10 29.50 22.68
N PRO H 67 -0.86 30.04 22.59
CA PRO H 67 -0.49 31.07 21.60
C PRO H 67 -0.33 30.45 20.23
N PRO H 68 -0.58 31.24 19.19
CA PRO H 68 -0.93 32.66 19.29
C PRO H 68 -2.38 32.82 19.56
N PHE H 69 -2.76 33.83 20.33
CA PHE H 69 -4.17 34.08 20.66
C PHE H 69 -4.50 35.51 20.26
N HIS H 70 -5.67 35.73 19.69
CA HIS H 70 -6.05 37.09 19.27
C HIS H 70 -7.35 37.60 19.84
N CYS H 71 -7.31 38.80 20.40
CA CYS H 71 -8.45 39.45 20.98
C CYS H 71 -8.28 40.96 20.85
N GLU H 72 -9.36 41.70 21.00
CA GLU H 72 -9.29 43.15 20.94
C GLU H 72 -8.99 43.84 22.27
N PHE H 73 -9.68 43.43 23.32
CA PHE H 73 -9.62 44.11 24.61
C PHE H 73 -9.11 43.33 25.81
N GLY H 74 -9.27 42.02 25.81
CA GLY H 74 -8.80 41.16 26.88
C GLY H 74 -9.50 41.08 28.25
N LYS H 75 -9.66 42.22 28.90
CA LYS H 75 -10.19 42.33 30.27
C LYS H 75 -11.62 41.84 30.38
N THR H 76 -12.27 41.85 29.25
CA THR H 76 -13.69 41.55 29.12
C THR H 76 -13.89 40.02 29.08
N ILE H 77 -12.78 39.30 29.09
CA ILE H 77 -12.81 37.86 28.93
C ILE H 77 -12.51 37.19 30.25
N ARG H 78 -13.41 36.33 30.70
CA ARG H 78 -13.26 35.63 31.97
C ARG H 78 -13.36 34.13 31.74
N ILE H 79 -12.36 33.39 32.20
CA ILE H 79 -12.22 31.97 31.88
C ILE H 79 -12.08 31.20 33.18
N GLY H 80 -12.74 30.05 33.26
CA GLY H 80 -12.81 29.35 34.52
C GLY H 80 -11.60 28.51 34.84
N ASP H 81 -11.87 27.40 35.50
CA ASP H 81 -10.84 26.51 35.97
C ASP H 81 -10.73 25.29 35.10
N HIS H 82 -9.51 24.80 34.90
CA HIS H 82 -9.28 23.62 34.11
C HIS H 82 -9.88 23.73 32.72
N THR H 83 -9.78 24.90 32.14
CA THR H 83 -10.30 25.17 30.81
C THR H 83 -9.12 25.28 29.85
N PHE H 84 -9.17 24.56 28.74
CA PHE H 84 -8.11 24.61 27.78
C PHE H 84 -8.55 25.22 26.46
N ILE H 85 -7.81 26.24 26.03
CA ILE H 85 -8.06 26.93 24.78
C ILE H 85 -6.85 26.70 23.91
N ASN H 86 -7.07 26.20 22.71
CA ASN H 86 -6.03 25.87 21.77
C ASN H 86 -5.52 27.03 20.90
N MSE H 87 -4.66 26.68 19.95
CA MSE H 87 -4.04 27.64 19.06
C MSE H 87 -4.93 28.37 18.08
O MSE H 87 -5.91 27.84 17.59
CB MSE H 87 -2.95 26.96 18.27
CG MSE H 87 -1.86 26.40 19.11
SE MSE H 87 -0.65 25.33 18.09
CE MSE H 87 0.81 26.55 18.09
N ASN H 88 -4.56 29.62 17.80
CA ASN H 88 -5.14 30.47 16.77
C ASN H 88 -6.57 30.95 16.98
N VAL H 89 -7.03 30.94 18.22
CA VAL H 89 -8.37 31.39 18.54
C VAL H 89 -8.44 32.91 18.46
N VAL H 90 -9.55 33.41 17.91
CA VAL H 90 -9.79 34.84 17.79
C VAL H 90 -11.02 35.22 18.58
N MSE H 91 -10.93 36.26 19.39
CA MSE H 91 -12.10 36.70 20.11
C MSE H 91 -12.36 38.19 19.95
O MSE H 91 -11.56 39.01 20.33
CB MSE H 91 -11.99 36.33 21.60
CG MSE H 91 -12.26 34.86 21.91
SE MSE H 91 -12.19 34.38 23.78
CE MSE H 91 -12.21 32.48 23.64
N LEU H 92 -13.52 38.51 19.39
CA LEU H 92 -13.91 39.90 19.25
C LEU H 92 -14.72 40.18 20.49
N ASP H 93 -14.12 40.94 21.40
CA ASP H 93 -14.64 41.15 22.74
C ASP H 93 -15.10 42.54 23.17
N GLY H 94 -15.80 43.24 22.31
CA GLY H 94 -16.36 44.53 22.66
C GLY H 94 -17.34 44.36 23.80
N ALA H 95 -17.84 43.15 23.96
CA ALA H 95 -18.75 42.78 25.04
C ALA H 95 -18.16 41.60 25.81
N PRO H 96 -18.61 41.41 27.04
CA PRO H 96 -18.07 40.35 27.89
C PRO H 96 -18.22 38.93 27.36
N ILE H 97 -17.16 38.14 27.48
CA ILE H 97 -17.18 36.73 27.13
C ILE H 97 -16.86 35.95 28.41
N THR H 98 -17.75 35.06 28.82
CA THR H 98 -17.57 34.32 30.05
C THR H 98 -17.53 32.84 29.77
N ILE H 99 -16.48 32.19 30.23
CA ILE H 99 -16.24 30.79 29.95
C ILE H 99 -16.07 30.00 31.24
N GLY H 100 -16.70 28.83 31.31
CA GLY H 100 -16.73 28.10 32.56
C GLY H 100 -15.48 27.30 32.90
N ASP H 101 -15.70 26.24 33.69
CA ASP H 101 -14.62 25.31 34.08
C ASP H 101 -14.72 24.05 33.22
N HIS H 102 -13.59 23.33 33.08
CA HIS H 102 -13.55 22.11 32.26
C HIS H 102 -14.08 22.34 30.85
N VAL H 103 -13.83 23.54 30.34
CA VAL H 103 -14.14 23.85 28.96
C VAL H 103 -12.96 23.61 28.02
N LEU H 104 -13.30 23.07 26.84
CA LEU H 104 -12.32 22.71 25.82
C LEU H 104 -12.68 23.45 24.55
N ILE H 105 -11.80 24.34 24.08
CA ILE H 105 -12.03 24.99 22.80
C ILE H 105 -10.91 24.67 21.83
N GLY H 106 -11.30 24.28 20.62
CA GLY H 106 -10.39 23.90 19.54
C GLY H 106 -9.62 24.97 18.75
N PRO H 107 -8.57 24.56 18.05
CA PRO H 107 -7.74 25.57 17.39
C PRO H 107 -8.58 26.37 16.39
N SER H 108 -8.16 27.59 16.12
CA SER H 108 -8.82 28.45 15.13
C SER H 108 -10.28 28.74 15.41
N THR H 109 -10.77 28.57 16.63
CA THR H 109 -12.16 28.96 16.86
C THR H 109 -12.34 30.49 16.98
N GLN H 110 -13.51 30.99 16.56
CA GLN H 110 -13.84 32.42 16.55
C GLN H 110 -14.98 32.76 17.50
N PHE H 111 -14.85 33.85 18.25
CA PHE H 111 -15.93 34.39 19.09
C PHE H 111 -16.22 35.82 18.70
N TYR H 112 -17.42 36.05 18.18
CA TYR H 112 -17.83 37.37 17.72
C TYR H 112 -18.93 37.93 18.63
N THR H 113 -18.58 38.79 19.60
CA THR H 113 -19.62 39.51 20.34
C THR H 113 -20.21 40.63 19.48
N ALA H 114 -19.45 41.08 18.49
CA ALA H 114 -19.83 42.26 17.73
C ALA H 114 -20.55 41.91 16.40
N SER H 115 -21.49 42.75 16.01
CA SER H 115 -22.16 42.57 14.74
C SER H 115 -22.52 43.92 14.14
N HIS H 116 -23.04 43.90 12.91
CA HIS H 116 -23.51 45.13 12.26
C HIS H 116 -24.94 44.98 11.76
N SER H 117 -25.44 46.05 11.16
CA SER H 117 -26.76 46.08 10.58
C SER H 117 -26.71 45.56 9.17
N LEU H 118 -27.81 44.99 8.70
CA LEU H 118 -27.88 44.49 7.34
C LEU H 118 -28.10 45.62 6.35
N ASP H 119 -28.57 46.76 6.85
CA ASP H 119 -28.77 47.96 6.04
C ASP H 119 -27.43 48.69 5.87
N TYR H 120 -26.92 48.74 4.63
CA TYR H 120 -25.60 49.30 4.36
C TYR H 120 -25.50 50.79 4.76
N ARG H 121 -26.65 51.43 4.89
CA ARG H 121 -26.69 52.86 5.22
C ARG H 121 -26.41 53.10 6.70
N ARG H 122 -26.58 52.07 7.52
CA ARG H 122 -26.24 52.11 8.94
C ARG H 122 -24.92 51.42 9.26
N ARG H 123 -24.03 51.33 8.27
CA ARG H 123 -22.73 50.68 8.45
C ARG H 123 -21.61 51.62 8.04
N GLN H 124 -21.96 52.79 7.54
CA GLN H 124 -20.95 53.68 6.98
C GLN H 124 -20.11 54.37 8.03
N ALA H 125 -20.59 54.35 9.28
CA ALA H 125 -19.81 54.84 10.39
C ALA H 125 -19.14 53.69 11.15
N TRP H 126 -19.12 52.51 10.56
CA TRP H 126 -18.60 51.35 11.25
C TRP H 126 -19.37 51.12 12.57
N GLU H 127 -20.69 51.32 12.55
CA GLU H 127 -21.50 51.13 13.77
C GLU H 127 -21.55 49.68 14.22
N THR H 128 -21.50 49.47 15.53
CA THR H 128 -21.35 48.13 16.05
C THR H 128 -22.12 47.81 17.32
N ILE H 129 -22.76 46.66 17.33
CA ILE H 129 -23.52 46.22 18.48
C ILE H 129 -22.79 45.03 19.07
N CYS H 130 -22.48 45.12 20.36
CA CYS H 130 -21.81 44.02 21.01
C CYS H 130 -22.70 43.35 22.03
N LYS H 131 -22.78 42.03 21.94
CA LYS H 131 -23.56 41.26 22.89
C LYS H 131 -22.75 40.11 23.50
N PRO H 132 -22.95 39.88 24.79
CA PRO H 132 -22.11 38.92 25.50
C PRO H 132 -22.29 37.47 25.06
N ILE H 133 -21.19 36.75 25.09
CA ILE H 133 -21.21 35.31 24.90
C ILE H 133 -20.86 34.65 26.24
N VAL H 134 -21.60 33.61 26.57
CA VAL H 134 -21.40 32.86 27.80
C VAL H 134 -21.17 31.38 27.46
N ILE H 135 -20.08 30.80 27.92
CA ILE H 135 -19.86 29.37 27.72
C ILE H 135 -19.88 28.65 29.05
N GLU H 136 -20.79 27.69 29.19
CA GLU H 136 -20.98 26.99 30.45
C GLU H 136 -19.92 25.91 30.69
N ASP H 137 -19.99 25.28 31.87
CA ASP H 137 -19.02 24.25 32.27
C ASP H 137 -19.07 22.99 31.38
N ASP H 138 -17.93 22.32 31.23
CA ASP H 138 -17.92 20.99 30.59
C ASP H 138 -18.31 20.99 29.12
N VAL H 139 -18.21 22.16 28.49
CA VAL H 139 -18.59 22.30 27.08
C VAL H 139 -17.38 21.96 26.24
N TRP H 140 -17.61 21.25 25.14
CA TRP H 140 -16.56 20.99 24.16
C TRP H 140 -16.84 21.72 22.83
N ILE H 141 -15.93 22.62 22.43
CA ILE H 141 -16.02 23.31 21.15
C ILE H 141 -14.90 22.90 20.20
N GLY H 142 -15.30 22.41 19.03
CA GLY H 142 -14.36 21.89 18.05
C GLY H 142 -13.53 22.96 17.37
N GLY H 143 -12.65 22.52 16.48
CA GLY H 143 -11.79 23.46 15.80
C GLY H 143 -12.58 24.21 14.78
N ASN H 144 -12.16 25.42 14.45
CA ASN H 144 -12.73 26.18 13.34
C ASN H 144 -14.22 26.44 13.50
N VAL H 145 -14.67 26.60 14.73
CA VAL H 145 -16.06 26.92 14.98
C VAL H 145 -16.26 28.45 14.96
N VAL H 146 -17.45 28.90 14.60
CA VAL H 146 -17.82 30.30 14.82
C VAL H 146 -18.97 30.36 15.79
N ILE H 147 -18.83 31.22 16.79
CA ILE H 147 -19.89 31.45 17.79
C ILE H 147 -20.27 32.92 17.82
N ASN H 148 -21.50 33.22 17.41
CA ASN H 148 -21.97 34.60 17.33
C ASN H 148 -22.47 35.30 18.61
N GLN H 149 -22.83 36.57 18.47
CA GLN H 149 -23.21 37.42 19.61
C GLN H 149 -24.47 36.93 20.29
N GLY H 150 -24.60 37.17 21.59
CA GLY H 150 -25.79 36.83 22.34
C GLY H 150 -25.98 35.36 22.72
N VAL H 151 -25.02 34.52 22.36
CA VAL H 151 -25.14 33.09 22.51
C VAL H 151 -24.70 32.54 23.87
N THR H 152 -25.41 31.54 24.34
CA THR H 152 -25.03 30.82 25.52
C THR H 152 -24.87 29.39 25.08
N ILE H 153 -23.74 28.78 25.37
CA ILE H 153 -23.61 27.37 25.04
C ILE H 153 -23.79 26.62 26.32
N GLY H 154 -24.78 25.73 26.32
CA GLY H 154 -25.17 24.98 27.48
C GLY H 154 -24.14 24.02 27.99
N ALA H 155 -24.14 23.84 29.30
CA ALA H 155 -23.18 22.98 29.96
C ALA H 155 -23.25 21.56 29.45
N ARG H 156 -22.10 20.97 29.27
CA ARG H 156 -21.96 19.57 28.89
C ARG H 156 -22.37 19.29 27.46
N SER H 157 -22.52 20.36 26.69
CA SER H 157 -22.83 20.27 25.27
C SER H 157 -21.58 20.18 24.44
N VAL H 158 -21.71 19.65 23.22
CA VAL H 158 -20.60 19.52 22.29
C VAL H 158 -20.96 20.18 20.94
N VAL H 159 -20.05 21.01 20.44
CA VAL H 159 -20.20 21.69 19.13
C VAL H 159 -19.23 21.13 18.07
N ALA H 160 -19.78 20.70 16.95
CA ALA H 160 -19.03 20.06 15.88
C ALA H 160 -18.09 21.03 15.18
N ALA H 161 -16.97 20.52 14.70
CA ALA H 161 -16.01 21.37 14.02
C ALA H 161 -16.68 22.03 12.82
N ASN H 162 -16.35 23.28 12.63
CA ASN H 162 -16.82 24.13 11.52
C ASN H 162 -18.27 24.58 11.58
N SER H 163 -18.89 24.42 12.72
CA SER H 163 -20.27 24.84 12.93
C SER H 163 -20.33 26.33 13.08
N VAL H 164 -21.50 26.92 12.83
CA VAL H 164 -21.69 28.31 13.13
C VAL H 164 -22.92 28.37 14.05
N VAL H 165 -22.72 28.84 15.27
CA VAL H 165 -23.79 28.94 16.26
C VAL H 165 -24.33 30.37 16.30
N ASN H 166 -25.60 30.56 15.91
CA ASN H 166 -26.24 31.89 16.03
C ASN H 166 -27.21 32.08 17.18
N GLN H 167 -27.57 31.00 17.86
CA GLN H 167 -28.49 31.10 18.97
C GLN H 167 -28.14 30.06 20.03
N ASP H 168 -28.72 30.22 21.22
CA ASP H 168 -28.33 29.43 22.39
C ASP H 168 -28.37 27.94 22.11
N VAL H 169 -27.48 27.20 22.77
CA VAL H 169 -27.45 25.75 22.71
C VAL H 169 -27.80 25.17 24.06
N PRO H 170 -28.83 24.35 24.11
CA PRO H 170 -29.27 23.54 25.25
C PRO H 170 -28.17 22.66 25.84
N PRO H 171 -28.17 22.49 27.17
CA PRO H 171 -27.23 21.62 27.88
C PRO H 171 -27.30 20.16 27.45
N ASP H 172 -26.16 19.50 27.56
CA ASP H 172 -26.05 18.07 27.32
C ASP H 172 -26.50 17.74 25.94
N THR H 173 -25.95 18.47 24.98
CA THR H 173 -26.40 18.44 23.59
C THR H 173 -25.22 18.44 22.63
N LEU H 174 -25.37 17.69 21.53
CA LEU H 174 -24.43 17.74 20.43
C LEU H 174 -25.01 18.62 19.30
N VAL H 175 -24.41 19.77 18.96
CA VAL H 175 -24.91 20.56 17.83
C VAL H 175 -23.88 20.68 16.73
N GLY H 176 -24.32 20.86 15.50
CA GLY H 176 -23.41 20.96 14.38
C GLY H 176 -24.02 21.56 13.13
N GLY H 177 -23.17 22.02 12.23
CA GLY H 177 -23.65 22.63 11.00
C GLY H 177 -23.65 24.14 11.01
N THR H 178 -23.91 24.71 9.84
CA THR H 178 -23.92 26.16 9.65
C THR H 178 -25.24 26.58 9.00
N PRO H 179 -26.16 27.19 9.78
CA PRO H 179 -26.20 27.36 11.24
C PRO H 179 -26.30 26.05 12.05
N ALA H 180 -25.73 26.02 13.26
CA ALA H 180 -25.70 24.76 13.99
C ALA H 180 -27.11 24.27 14.31
N ARG H 181 -27.29 22.97 14.21
CA ARG H 181 -28.56 22.32 14.52
C ARG H 181 -28.32 21.13 15.47
N ILE H 182 -29.31 20.87 16.33
CA ILE H 182 -29.21 19.73 17.25
C ILE H 182 -29.05 18.44 16.47
N LEU H 183 -28.00 17.69 16.78
CA LEU H 183 -27.74 16.43 16.12
C LEU H 183 -28.13 15.28 17.04
N ARG H 184 -27.89 15.47 18.34
CA ARG H 184 -28.38 14.49 19.33
C ARG H 184 -28.26 14.99 20.75
N SER H 185 -28.96 14.34 21.68
CA SER H 185 -28.75 14.57 23.11
C SER H 185 -27.61 13.68 23.61
N LEU H 186 -26.84 14.22 24.56
CA LEU H 186 -25.76 13.47 25.18
C LEU H 186 -26.24 12.83 26.49
N LYS H 187 -27.51 13.04 26.83
CA LYS H 187 -28.07 12.49 28.05
C LYS H 187 -28.02 10.96 27.97
N ASP H 188 -28.14 10.31 29.13
CA ASP H 188 -27.85 8.88 29.24
C ASP H 188 -29.08 7.95 29.27
N LYS I 5 9.26 40.69 -24.37
CA LYS I 5 8.39 39.56 -24.03
C LYS I 5 7.87 39.69 -22.59
N MSE I 6 6.67 39.15 -22.33
CA MSE I 6 6.00 39.36 -21.04
C MSE I 6 6.78 38.73 -19.88
O MSE I 6 7.30 37.62 -20.01
CB MSE I 6 4.55 38.85 -21.09
CG MSE I 6 3.66 39.48 -20.04
SE MSE I 6 1.72 39.16 -20.23
CE MSE I 6 1.67 37.24 -20.22
N SER I 7 6.88 39.44 -18.76
CA SER I 7 7.53 38.90 -17.55
C SER I 7 6.66 37.86 -16.83
N GLU I 8 7.32 36.94 -16.14
CA GLU I 8 6.63 35.87 -15.37
C GLU I 8 5.62 36.45 -14.37
N LEU I 9 5.97 37.59 -13.80
CA LEU I 9 5.13 38.26 -12.81
C LEU I 9 3.85 38.77 -13.48
N GLU I 10 4.03 39.45 -14.62
CA GLU I 10 2.91 39.94 -15.38
C GLU I 10 2.06 38.78 -15.91
N LYS I 11 2.71 37.68 -16.26
CA LYS I 11 2.01 36.47 -16.62
C LYS I 11 1.14 36.01 -15.45
N MSE I 12 1.67 36.09 -14.22
CA MSE I 12 0.91 35.71 -13.03
C MSE I 12 -0.31 36.58 -12.77
O MSE I 12 -1.39 36.09 -12.45
CB MSE I 12 1.80 35.71 -11.80
CG MSE I 12 1.05 35.70 -10.47
SE MSE I 12 2.16 35.60 -8.91
CE MSE I 12 2.30 37.47 -8.51
N LEU I 13 -0.15 37.89 -12.93
CA LEU I 13 -1.21 38.86 -12.72
C LEU I 13 -2.31 38.75 -13.78
N LYS I 14 -1.93 38.19 -14.93
CA LYS I 14 -2.82 38.10 -16.07
C LYS I 14 -3.55 36.77 -16.22
N GLY I 15 -3.56 35.97 -15.17
CA GLY I 15 -4.20 34.67 -15.17
C GLY I 15 -3.59 33.67 -16.12
N GLU I 16 -2.28 33.73 -16.27
CA GLU I 16 -1.54 32.85 -17.14
C GLU I 16 -0.55 32.06 -16.33
N HIS I 17 -0.14 30.90 -16.83
CA HIS I 17 0.83 30.10 -16.11
C HIS I 17 2.11 30.90 -16.00
N PHE I 18 2.76 30.81 -14.85
CA PHE I 18 3.91 31.62 -14.54
C PHE I 18 4.92 30.80 -13.77
N ASP I 19 6.15 31.30 -13.74
CA ASP I 19 7.20 30.66 -12.98
C ASP I 19 7.23 31.34 -11.63
N GLY I 20 6.96 30.57 -10.58
CA GLY I 20 6.96 31.07 -9.22
C GLY I 20 8.34 31.52 -8.79
N ALA I 21 9.32 30.78 -9.27
CA ALA I 21 10.73 30.97 -8.97
C ALA I 21 11.34 32.21 -9.62
N SER I 22 10.60 32.83 -10.52
CA SER I 22 11.10 33.99 -11.24
C SER I 22 11.57 35.02 -10.21
N ALA I 23 12.67 35.66 -10.52
CA ALA I 23 13.30 36.63 -9.63
C ALA I 23 12.48 37.87 -9.24
N GLU I 24 11.76 38.47 -10.18
CA GLU I 24 10.96 39.64 -9.82
C GLU I 24 9.88 39.23 -8.84
N ILE I 25 9.31 38.05 -9.06
CA ILE I 25 8.33 37.51 -8.14
C ILE I 25 8.93 37.18 -6.78
N GLU I 26 10.13 36.60 -6.77
CA GLU I 26 10.80 36.25 -5.52
C GLU I 26 11.15 37.45 -4.64
N ALA I 27 11.68 38.49 -5.26
CA ALA I 27 11.94 39.78 -4.59
C ALA I 27 10.69 40.44 -4.00
N LEU I 28 9.55 40.31 -4.68
CA LEU I 28 8.34 41.00 -4.26
C LEU I 28 7.76 40.32 -3.06
N ARG I 29 7.82 38.99 -3.12
N ARG I 29 7.78 38.99 -3.13
CA ARG I 29 7.37 38.15 -2.03
CA ARG I 29 7.33 38.14 -2.03
C ARG I 29 8.26 38.39 -0.84
C ARG I 29 8.25 38.39 -0.84
N SER I 30 9.54 38.51 -1.13
CA SER I 30 10.50 38.80 -0.08
C SER I 30 10.13 40.11 0.63
N GLN I 31 9.96 41.19 -0.14
CA GLN I 31 9.57 42.48 0.42
C GLN I 31 8.25 42.43 1.20
N ALA I 32 7.29 41.70 0.69
CA ALA I 32 6.05 41.64 1.41
C ALA I 32 6.31 40.91 2.71
N GLY I 33 7.16 39.89 2.66
CA GLY I 33 7.46 39.13 3.85
C GLY I 33 8.09 39.97 4.96
N ARG I 34 8.98 40.89 4.56
CA ARG I 34 9.59 41.80 5.52
C ARG I 34 8.56 42.74 6.11
N LEU I 35 7.79 43.39 5.24
CA LEU I 35 6.83 44.37 5.73
C LEU I 35 5.70 43.80 6.63
N LYS I 36 5.26 42.58 6.32
CA LYS I 36 4.13 41.98 7.06
C LYS I 36 4.59 41.74 8.48
N LEU I 37 5.77 41.12 8.55
CA LEU I 37 6.38 40.83 9.83
C LEU I 37 6.53 42.10 10.63
N GLU I 38 7.04 43.17 10.02
CA GLU I 38 7.22 44.41 10.77
C GLU I 38 5.88 44.96 11.17
N ILE I 39 4.89 44.74 10.31
CA ILE I 39 3.55 45.26 10.55
C ILE I 39 2.90 44.52 11.71
N ASN I 40 3.03 43.20 11.70
CA ASN I 40 2.40 42.34 12.67
C ASN I 40 2.93 42.44 14.08
N GLN I 41 4.17 42.89 14.20
CA GLN I 41 4.85 43.07 15.46
C GLN I 41 4.85 44.49 16.00
N SER I 42 4.21 45.41 15.30
CA SER I 42 4.26 46.82 15.68
C SER I 42 3.13 47.39 16.53
N LEU I 43 3.49 47.86 17.71
CA LEU I 43 2.57 48.51 18.66
C LEU I 43 1.99 49.86 18.26
N ASP I 44 2.82 50.69 17.62
CA ASP I 44 2.44 52.04 17.22
C ASP I 44 1.52 52.04 15.99
N GLU I 45 0.36 52.66 16.14
CA GLU I 45 -0.66 52.73 15.11
C GLU I 45 -0.29 53.48 13.85
N ALA I 46 0.35 54.63 14.01
CA ALA I 46 0.78 55.44 12.89
C ALA I 46 1.81 54.69 12.03
N GLU I 47 2.79 54.10 12.71
CA GLU I 47 3.87 53.38 12.05
C GLU I 47 3.24 52.24 11.29
N ARG I 48 2.32 51.58 11.97
CA ARG I 48 1.64 50.49 11.33
C ARG I 48 1.02 50.93 10.01
N TYR I 49 0.36 52.08 10.00
CA TYR I 49 -0.32 52.57 8.81
C TYR I 49 0.70 52.93 7.72
N ALA I 50 1.85 53.52 8.13
CA ALA I 50 2.92 53.82 7.18
C ALA I 50 3.49 52.59 6.53
N LEU I 51 3.77 51.56 7.33
CA LEU I 51 4.30 50.31 6.80
C LEU I 51 3.28 49.62 5.86
N GLN I 52 2.00 49.85 6.14
CA GLN I 52 0.96 49.17 5.42
C GLN I 52 0.80 49.82 4.04
N ARG I 53 1.02 51.13 4.01
CA ARG I 53 1.07 51.87 2.76
C ARG I 53 2.29 51.43 1.92
N GLU I 54 3.27 50.77 2.54
CA GLU I 54 4.41 50.25 1.77
C GLU I 54 4.16 48.84 1.26
N LEU I 55 3.37 48.09 2.02
CA LEU I 55 3.00 46.71 1.68
C LEU I 55 1.99 46.64 0.52
N PHE I 56 0.89 47.38 0.68
CA PHE I 56 -0.20 47.37 -0.32
C PHE I 56 0.04 48.24 -1.57
N GLY I 57 -0.75 48.00 -2.63
CA GLY I 57 -0.81 48.90 -3.77
C GLY I 57 -1.50 50.20 -3.37
N HIS I 58 -2.57 50.08 -2.59
CA HIS I 58 -3.23 51.25 -2.05
C HIS I 58 -3.93 50.97 -0.74
N LEU I 59 -3.90 51.94 0.14
CA LEU I 59 -4.70 51.88 1.37
C LEU I 59 -5.32 53.25 1.66
N GLY I 60 -6.64 53.30 1.60
CA GLY I 60 -7.36 54.56 1.71
C GLY I 60 -7.44 55.27 3.04
N HIS I 61 -7.99 56.48 2.97
CA HIS I 61 -8.16 57.40 4.10
C HIS I 61 -9.10 56.83 5.16
N LYS I 62 -8.68 56.89 6.42
CA LYS I 62 -9.48 56.36 7.52
C LYS I 62 -9.88 54.90 7.28
N SER I 63 -8.94 54.14 6.76
CA SER I 63 -9.08 52.70 6.60
C SER I 63 -8.16 51.97 7.59
N CYS I 64 -8.61 50.86 8.17
CA CYS I 64 -7.76 50.12 9.13
C CYS I 64 -7.60 48.65 8.80
N VAL I 65 -6.36 48.19 8.88
CA VAL I 65 -6.06 46.78 8.76
C VAL I 65 -5.41 46.23 10.04
N GLN I 66 -6.19 45.42 10.75
CA GLN I 66 -5.87 44.86 12.05
C GLN I 66 -4.88 43.71 11.97
N PRO I 67 -3.77 43.81 12.71
CA PRO I 67 -2.79 42.69 12.80
C PRO I 67 -3.37 41.49 13.53
N PRO I 68 -2.92 40.28 13.19
CA PRO I 68 -1.91 40.09 12.15
C PRO I 68 -2.57 39.86 10.81
N PHE I 69 -1.98 40.40 9.73
CA PHE I 69 -2.53 40.23 8.39
C PHE I 69 -1.55 39.46 7.53
N HIS I 70 -2.08 38.52 6.76
CA HIS I 70 -1.28 37.67 5.89
C HIS I 70 -1.61 37.75 4.42
N CYS I 71 -0.59 38.01 3.63
CA CYS I 71 -0.68 38.11 2.19
C CYS I 71 0.65 37.63 1.67
N GLU I 72 0.77 37.39 0.37
CA GLU I 72 2.06 36.97 -0.17
C GLU I 72 2.73 38.00 -1.05
N PHE I 73 1.96 38.93 -1.61
CA PHE I 73 2.52 39.94 -2.49
C PHE I 73 2.30 41.38 -2.08
N GLY I 74 1.18 41.66 -1.41
CA GLY I 74 0.90 42.99 -0.92
C GLY I 74 0.53 44.05 -1.92
N LYS I 75 1.38 44.24 -2.91
CA LYS I 75 1.26 45.29 -3.93
C LYS I 75 0.07 45.14 -4.85
N THR I 76 -0.45 43.93 -4.94
CA THR I 76 -1.62 43.65 -5.74
C THR I 76 -2.91 44.07 -5.05
N ILE I 77 -2.83 44.60 -3.84
CA ILE I 77 -4.01 44.93 -3.06
C ILE I 77 -4.32 46.42 -3.01
N ARG I 78 -5.54 46.75 -3.37
CA ARG I 78 -6.04 48.11 -3.38
C ARG I 78 -7.16 48.18 -2.38
N ILE I 79 -7.07 49.07 -1.41
CA ILE I 79 -8.11 49.22 -0.41
C ILE I 79 -8.56 50.65 -0.37
N GLY I 80 -9.86 50.86 -0.39
CA GLY I 80 -10.45 52.19 -0.41
C GLY I 80 -10.59 52.89 0.92
N ASP I 81 -11.28 54.02 0.88
CA ASP I 81 -11.56 54.84 2.05
C ASP I 81 -12.62 54.29 2.99
N HIS I 82 -12.43 54.52 4.27
CA HIS I 82 -13.39 54.15 5.29
C HIS I 82 -13.69 52.67 5.30
N THR I 83 -12.70 51.89 4.94
CA THR I 83 -12.82 50.46 4.96
C THR I 83 -12.11 49.82 6.19
N PHE I 84 -12.78 48.88 6.85
CA PHE I 84 -12.19 48.17 7.99
C PHE I 84 -11.96 46.67 7.74
N ILE I 85 -10.74 46.22 7.94
CA ILE I 85 -10.43 44.80 7.89
C ILE I 85 -9.92 44.29 9.26
N ASN I 86 -10.63 43.32 9.80
CA ASN I 86 -10.35 42.71 11.09
C ASN I 86 -9.22 41.67 11.01
N MSE I 87 -8.77 41.21 12.17
CA MSE I 87 -7.60 40.33 12.31
C MSE I 87 -7.61 38.89 11.74
O MSE I 87 -8.65 38.26 11.58
CB MSE I 87 -7.07 40.33 13.74
CG MSE I 87 -8.09 40.14 14.85
SE MSE I 87 -7.49 40.65 16.63
CE MSE I 87 -9.20 40.77 17.49
N ASN I 88 -6.41 38.42 11.42
CA ASN I 88 -6.19 37.05 11.01
C ASN I 88 -6.65 36.74 9.59
N VAL I 89 -6.85 37.78 8.81
CA VAL I 89 -7.24 37.69 7.42
C VAL I 89 -6.09 37.20 6.51
N VAL I 90 -6.40 36.32 5.57
CA VAL I 90 -5.40 35.77 4.66
C VAL I 90 -5.76 36.05 3.20
N MSE I 91 -4.82 36.57 2.42
CA MSE I 91 -5.05 36.82 1.00
C MSE I 91 -3.96 36.20 0.12
O MSE I 91 -2.83 36.69 0.07
CB MSE I 91 -5.21 38.30 0.67
CG MSE I 91 -6.30 38.99 1.52
SE MSE I 91 -6.77 40.85 0.98
CE MSE I 91 -8.18 41.31 2.24
N LEU I 92 -4.34 35.21 -0.66
CA LEU I 92 -3.46 34.66 -1.66
C LEU I 92 -3.73 35.68 -2.76
N ASP I 93 -2.80 36.60 -2.95
CA ASP I 93 -3.01 37.77 -3.78
C ASP I 93 -2.13 37.81 -5.05
N GLY I 94 -1.90 36.63 -5.62
CA GLY I 94 -1.12 36.53 -6.85
C GLY I 94 -1.67 37.42 -7.95
N ALA I 95 -2.99 37.52 -8.00
CA ALA I 95 -3.65 38.45 -8.91
C ALA I 95 -4.22 39.59 -8.07
N PRO I 96 -4.60 40.70 -8.74
CA PRO I 96 -5.08 41.88 -8.01
C PRO I 96 -6.30 41.61 -7.15
N ILE I 97 -6.37 42.33 -6.04
CA ILE I 97 -7.51 42.20 -5.17
C ILE I 97 -7.93 43.62 -4.91
N THR I 98 -9.21 43.89 -5.12
CA THR I 98 -9.62 45.28 -5.19
C THR I 98 -10.79 45.52 -4.26
N ILE I 99 -10.66 46.48 -3.37
CA ILE I 99 -11.67 46.69 -2.32
C ILE I 99 -12.12 48.13 -2.18
N GLY I 100 -13.43 48.34 -2.22
CA GLY I 100 -14.00 49.68 -2.26
C GLY I 100 -14.09 50.41 -0.93
N ASP I 101 -14.92 51.45 -0.89
CA ASP I 101 -15.13 52.31 0.27
C ASP I 101 -16.13 51.71 1.23
N HIS I 102 -16.00 52.00 2.52
CA HIS I 102 -16.94 51.50 3.51
C HIS I 102 -17.12 49.99 3.49
N VAL I 103 -16.03 49.25 3.27
CA VAL I 103 -16.10 47.78 3.30
C VAL I 103 -15.73 47.26 4.70
N LEU I 104 -16.38 46.17 5.12
CA LEU I 104 -16.10 45.55 6.41
C LEU I 104 -15.80 44.05 6.23
N ILE I 105 -14.64 43.61 6.68
CA ILE I 105 -14.24 42.21 6.47
C ILE I 105 -13.90 41.56 7.80
N GLY I 106 -14.66 40.55 8.21
CA GLY I 106 -14.46 39.87 9.49
C GLY I 106 -13.18 39.07 9.66
N PRO I 107 -12.81 38.75 10.92
CA PRO I 107 -11.57 38.03 11.22
C PRO I 107 -11.48 36.70 10.47
N SER I 108 -10.26 36.28 10.13
CA SER I 108 -10.02 34.96 9.60
C SER I 108 -10.70 34.72 8.25
N THR I 109 -11.14 35.80 7.59
CA THR I 109 -11.65 35.67 6.23
C THR I 109 -10.47 35.39 5.31
N GLN I 110 -10.69 34.52 4.33
CA GLN I 110 -9.68 34.15 3.30
C GLN I 110 -10.07 34.60 1.88
N PHE I 111 -9.14 35.25 1.16
CA PHE I 111 -9.25 35.49 -0.29
C PHE I 111 -8.24 34.63 -1.01
N TYR I 112 -8.72 33.86 -1.97
CA TYR I 112 -7.89 32.94 -2.71
C TYR I 112 -7.95 33.28 -4.20
N THR I 113 -7.07 34.15 -4.60
CA THR I 113 -6.84 34.49 -5.98
C THR I 113 -6.31 33.30 -6.79
N ALA I 114 -5.79 32.31 -6.08
CA ALA I 114 -5.02 31.26 -6.73
C ALA I 114 -5.88 30.03 -6.89
N SER I 115 -5.54 29.19 -7.85
CA SER I 115 -6.19 27.90 -7.94
C SER I 115 -5.36 26.89 -8.73
N HIS I 116 -5.81 25.64 -8.75
CA HIS I 116 -5.10 24.58 -9.45
C HIS I 116 -6.06 23.79 -10.33
N SER I 117 -5.52 22.84 -11.08
CA SER I 117 -6.36 21.98 -11.91
C SER I 117 -6.75 20.75 -11.11
N LEU I 118 -7.97 20.26 -11.35
CA LEU I 118 -8.50 19.05 -10.70
C LEU I 118 -7.78 17.81 -11.17
N ASP I 119 -6.98 17.98 -12.22
CA ASP I 119 -6.24 16.88 -12.80
C ASP I 119 -4.83 16.88 -12.17
N TYR I 120 -4.52 15.82 -11.43
CA TYR I 120 -3.32 15.77 -10.61
C TYR I 120 -2.05 15.85 -11.46
N ARG I 121 -2.19 15.54 -12.75
CA ARG I 121 -1.05 15.61 -13.66
C ARG I 121 -0.63 17.05 -13.94
N ARG I 122 -1.58 17.96 -13.84
CA ARG I 122 -1.32 19.37 -14.15
C ARG I 122 -1.12 20.20 -12.86
N ARG I 123 -0.66 19.53 -11.80
CA ARG I 123 -0.40 20.17 -10.49
C ARG I 123 0.98 19.84 -9.98
N GLN I 124 1.73 19.05 -10.74
CA GLN I 124 2.93 18.44 -10.20
C GLN I 124 4.13 19.37 -10.22
N ALA I 125 4.01 20.42 -11.01
CA ALA I 125 4.95 21.50 -11.05
C ALA I 125 4.32 22.64 -10.24
N TRP I 126 3.32 22.32 -9.44
CA TRP I 126 2.60 23.35 -8.67
C TRP I 126 2.00 24.41 -9.62
N GLU I 127 1.51 24.00 -10.76
CA GLU I 127 1.03 24.99 -11.69
C GLU I 127 -0.09 25.77 -11.05
N THR I 128 -0.03 27.07 -11.16
CA THR I 128 -1.03 27.88 -10.51
C THR I 128 -1.59 28.92 -11.47
N ILE I 129 -2.87 29.17 -11.30
CA ILE I 129 -3.58 30.15 -12.07
C ILE I 129 -4.27 31.13 -11.10
N CYS I 130 -3.91 32.40 -11.20
CA CYS I 130 -4.48 33.47 -10.41
C CYS I 130 -5.53 34.36 -11.13
N LYS I 131 -6.68 34.55 -10.47
CA LYS I 131 -7.78 35.34 -11.02
C LYS I 131 -8.28 36.28 -9.95
N PRO I 132 -8.54 37.51 -10.39
CA PRO I 132 -8.75 38.67 -9.51
C PRO I 132 -10.01 38.59 -8.64
N ILE I 133 -10.03 39.42 -7.61
CA ILE I 133 -11.18 39.55 -6.75
C ILE I 133 -11.52 41.00 -6.53
N VAL I 134 -12.80 41.30 -6.61
CA VAL I 134 -13.26 42.67 -6.53
C VAL I 134 -14.38 42.72 -5.52
N ILE I 135 -14.21 43.56 -4.50
CA ILE I 135 -15.29 43.77 -3.53
C ILE I 135 -15.69 45.22 -3.70
N GLU I 136 -16.93 45.41 -4.08
CA GLU I 136 -17.45 46.73 -4.36
C GLU I 136 -17.75 47.40 -3.02
N ASP I 137 -18.28 48.61 -3.08
CA ASP I 137 -18.50 49.46 -1.92
C ASP I 137 -19.58 48.95 -0.98
N ASP I 138 -19.42 49.24 0.30
CA ASP I 138 -20.49 49.10 1.27
C ASP I 138 -20.83 47.63 1.45
N VAL I 139 -19.87 46.78 1.18
CA VAL I 139 -20.10 45.38 1.39
C VAL I 139 -19.71 44.96 2.80
N TRP I 140 -20.53 44.10 3.40
CA TRP I 140 -20.21 43.54 4.71
C TRP I 140 -19.90 42.04 4.56
N ILE I 141 -18.67 41.64 4.87
CA ILE I 141 -18.26 40.23 4.79
C ILE I 141 -18.02 39.62 6.17
N GLY I 142 -18.73 38.53 6.44
CA GLY I 142 -18.68 37.90 7.74
C GLY I 142 -17.33 37.30 8.04
N GLY I 143 -17.19 36.73 9.26
CA GLY I 143 -15.94 36.15 9.71
C GLY I 143 -15.80 34.72 9.19
N ASN I 144 -14.56 34.31 8.96
CA ASN I 144 -14.23 32.97 8.46
C ASN I 144 -14.86 32.67 7.11
N VAL I 145 -14.97 33.69 6.26
CA VAL I 145 -15.51 33.51 4.93
C VAL I 145 -14.37 33.13 3.99
N VAL I 146 -14.65 32.25 3.04
CA VAL I 146 -13.69 31.97 1.98
C VAL I 146 -14.18 32.58 0.69
N ILE I 147 -13.31 33.33 0.02
CA ILE I 147 -13.64 33.95 -1.25
C ILE I 147 -12.72 33.46 -2.36
N ASN I 148 -13.28 32.69 -3.31
CA ASN I 148 -12.46 32.10 -4.36
C ASN I 148 -12.21 33.03 -5.52
N GLN I 149 -11.40 32.58 -6.44
CA GLN I 149 -10.91 33.42 -7.52
C GLN I 149 -11.89 33.85 -8.58
N GLY I 150 -11.65 35.04 -9.11
CA GLY I 150 -12.40 35.48 -10.28
C GLY I 150 -13.79 35.93 -9.91
N VAL I 151 -13.93 36.33 -8.65
CA VAL I 151 -15.21 36.66 -8.06
C VAL I 151 -15.33 38.15 -7.71
N THR I 152 -16.52 38.66 -7.95
CA THR I 152 -16.82 40.06 -7.78
C THR I 152 -17.95 40.11 -6.78
N ILE I 153 -17.80 40.85 -5.70
CA ILE I 153 -18.95 41.00 -4.81
C ILE I 153 -19.61 42.34 -5.03
N GLY I 154 -20.85 42.27 -5.49
CA GLY I 154 -21.63 43.47 -5.80
C GLY I 154 -21.83 44.41 -4.63
N ALA I 155 -21.91 45.69 -4.95
CA ALA I 155 -22.02 46.74 -3.97
C ALA I 155 -23.15 46.49 -2.97
N ARG I 156 -22.88 46.87 -1.73
CA ARG I 156 -23.88 46.91 -0.67
C ARG I 156 -24.40 45.51 -0.33
N SER I 157 -23.64 44.48 -0.66
CA SER I 157 -24.06 43.14 -0.35
C SER I 157 -23.50 42.63 1.00
N VAL I 158 -24.03 41.50 1.48
CA VAL I 158 -23.60 40.93 2.74
C VAL I 158 -23.35 39.45 2.50
N VAL I 159 -22.21 38.95 2.98
CA VAL I 159 -21.87 37.51 2.98
C VAL I 159 -21.86 36.92 4.41
N ALA I 160 -22.60 35.84 4.63
CA ALA I 160 -22.80 35.26 5.97
C ALA I 160 -21.53 34.60 6.57
N ALA I 161 -21.42 34.54 7.90
CA ALA I 161 -20.22 33.92 8.44
C ALA I 161 -20.04 32.49 7.95
N ASN I 162 -18.79 32.14 7.66
CA ASN I 162 -18.38 30.78 7.26
C ASN I 162 -18.77 30.30 5.85
N SER I 163 -19.17 31.23 4.98
CA SER I 163 -19.56 30.87 3.61
C SER I 163 -18.37 30.65 2.70
N VAL I 164 -18.60 29.90 1.64
CA VAL I 164 -17.67 29.78 0.52
C VAL I 164 -18.29 30.43 -0.75
N VAL I 165 -17.70 31.52 -1.20
CA VAL I 165 -18.21 32.25 -2.33
C VAL I 165 -17.45 31.83 -3.59
N ASN I 166 -18.17 31.20 -4.53
CA ASN I 166 -17.54 30.57 -5.69
C ASN I 166 -17.77 31.32 -6.96
N GLN I 167 -18.80 32.15 -6.99
CA GLN I 167 -19.12 32.89 -8.20
C GLN I 167 -19.72 34.23 -7.83
N ASP I 168 -19.94 35.07 -8.83
CA ASP I 168 -20.36 36.45 -8.61
C ASP I 168 -21.52 36.59 -7.62
N VAL I 169 -21.51 37.68 -6.85
CA VAL I 169 -22.58 37.97 -5.90
C VAL I 169 -23.18 39.28 -6.31
N PRO I 170 -24.49 39.30 -6.56
CA PRO I 170 -25.19 40.53 -7.01
C PRO I 170 -25.30 41.61 -5.92
N PRO I 171 -25.40 42.88 -6.30
CA PRO I 171 -25.54 43.99 -5.34
C PRO I 171 -26.83 43.86 -4.51
N ASP I 172 -26.89 44.61 -3.40
CA ASP I 172 -28.04 44.63 -2.48
C ASP I 172 -28.58 43.24 -2.12
N THR I 173 -27.66 42.32 -1.85
CA THR I 173 -28.03 40.94 -1.55
C THR I 173 -27.34 40.37 -0.30
N LEU I 174 -28.09 39.58 0.44
CA LEU I 174 -27.55 38.73 1.49
C LEU I 174 -27.38 37.30 0.96
N VAL I 175 -26.17 36.74 1.08
CA VAL I 175 -25.87 35.35 0.67
C VAL I 175 -25.19 34.57 1.80
N GLY I 176 -25.42 33.26 1.82
CA GLY I 176 -24.89 32.41 2.85
C GLY I 176 -24.66 31.02 2.32
N GLY I 177 -23.73 30.30 2.95
CA GLY I 177 -23.62 28.88 2.69
C GLY I 177 -22.35 28.41 1.99
N THR I 178 -22.26 27.11 1.79
CA THR I 178 -21.11 26.57 1.11
C THR I 178 -21.64 25.54 0.16
N PRO I 179 -21.62 25.87 -1.14
CA PRO I 179 -21.21 27.21 -1.60
C PRO I 179 -22.29 28.25 -1.31
N ALA I 180 -21.93 29.53 -1.41
CA ALA I 180 -22.89 30.59 -1.13
C ALA I 180 -24.16 30.55 -2.00
N ARG I 181 -25.30 30.79 -1.36
CA ARG I 181 -26.56 30.86 -2.04
C ARG I 181 -27.29 32.13 -1.62
N ILE I 182 -28.09 32.70 -2.51
CA ILE I 182 -28.81 33.92 -2.19
C ILE I 182 -29.79 33.62 -1.06
N LEU I 183 -29.71 34.41 0.00
CA LEU I 183 -30.55 34.21 1.16
C LEU I 183 -31.78 35.12 1.12
N ARG I 184 -31.54 36.38 0.82
CA ARG I 184 -32.61 37.35 0.75
C ARG I 184 -32.13 38.59 0.03
N SER I 185 -33.08 39.33 -0.54
CA SER I 185 -32.77 40.59 -1.18
C SER I 185 -32.77 41.68 -0.12
N LEU I 186 -31.75 42.51 -0.17
CA LEU I 186 -31.60 43.62 0.74
C LEU I 186 -32.15 44.89 0.13
N LYS I 187 -32.70 44.78 -1.07
CA LYS I 187 -33.17 45.93 -1.81
C LYS I 187 -34.50 46.43 -1.26
N ASP I 188 -34.85 47.67 -1.59
CA ASP I 188 -36.17 48.19 -1.22
C ASP I 188 -37.18 47.91 -2.32
N ALA J 3 6.55 76.63 38.25
CA ALA J 3 6.56 76.88 39.69
C ALA J 3 7.95 77.29 40.07
N MSE J 4 8.21 77.35 41.37
CA MSE J 4 9.54 77.58 41.86
C MSE J 4 10.18 76.22 42.13
O MSE J 4 11.31 76.12 42.60
CB MSE J 4 9.54 78.48 43.06
CG MSE J 4 8.80 77.95 44.25
SE MSE J 4 8.91 79.36 45.52
CE MSE J 4 9.27 78.35 47.10
N LYS J 5 9.44 75.17 41.80
CA LYS J 5 9.94 73.84 41.88
C LYS J 5 10.02 73.38 40.43
N MSE J 6 11.19 72.97 40.01
CA MSE J 6 11.40 72.47 38.66
C MSE J 6 10.86 71.05 38.53
O MSE J 6 10.80 70.33 39.50
CB MSE J 6 12.88 72.45 38.34
CG MSE J 6 13.26 73.08 37.06
SE MSE J 6 15.16 73.29 37.09
CE MSE J 6 15.32 74.34 38.70
N SER J 7 10.51 70.66 37.32
CA SER J 7 10.06 69.30 37.11
C SER J 7 11.27 68.40 37.16
N GLU J 8 11.05 67.14 37.53
CA GLU J 8 12.14 66.17 37.53
C GLU J 8 12.87 66.12 36.19
N LEU J 9 12.11 66.09 35.10
CA LEU J 9 12.66 66.05 33.76
C LEU J 9 13.54 67.27 33.49
N GLU J 10 13.07 68.45 33.90
CA GLU J 10 13.90 69.64 33.85
C GLU J 10 15.15 69.57 34.72
N LYS J 11 15.03 69.03 35.94
CA LYS J 11 16.21 68.92 36.84
C LYS J 11 17.31 68.01 36.30
N MSE J 12 16.93 66.81 35.84
CA MSE J 12 17.87 65.92 35.17
C MSE J 12 18.65 66.64 34.07
O MSE J 12 19.88 66.46 33.92
CB MSE J 12 17.09 64.79 34.50
CG MSE J 12 18.01 63.91 33.69
SE MSE J 12 17.15 62.27 33.10
CE MSE J 12 18.73 61.09 33.10
N LEU J 13 17.89 67.38 33.27
CA LEU J 13 18.35 68.07 32.10
C LEU J 13 19.34 69.16 32.42
N LYS J 14 19.05 69.87 33.51
CA LYS J 14 19.82 71.02 33.95
C LYS J 14 20.94 70.77 34.96
N GLY J 15 21.21 69.53 35.33
CA GLY J 15 22.29 69.25 36.26
C GLY J 15 21.99 69.08 37.73
N GLU J 16 20.71 68.97 38.07
CA GLU J 16 20.25 68.77 39.42
C GLU J 16 19.86 67.32 39.69
N HIS J 17 19.75 66.97 40.95
CA HIS J 17 19.27 65.65 41.33
C HIS J 17 17.81 65.58 40.93
N PHE J 18 17.37 64.39 40.56
CA PHE J 18 16.05 64.17 40.00
C PHE J 18 15.47 62.78 40.30
N ASP J 19 14.14 62.69 40.26
CA ASP J 19 13.52 61.42 40.46
C ASP J 19 13.32 60.80 39.11
N GLY J 20 14.17 59.83 38.83
CA GLY J 20 14.16 59.09 37.57
C GLY J 20 12.86 58.34 37.24
N ALA J 21 12.12 57.96 38.27
CA ALA J 21 10.83 57.28 38.10
C ALA J 21 9.69 58.24 37.79
N SER J 22 10.01 59.52 37.65
CA SER J 22 9.02 60.48 37.19
C SER J 22 8.35 59.98 35.91
N ALA J 23 7.07 60.26 35.76
CA ALA J 23 6.33 59.79 34.61
C ALA J 23 6.79 60.39 33.26
N GLU J 24 7.35 61.59 33.28
CA GLU J 24 7.77 62.19 32.01
C GLU J 24 9.12 61.61 31.58
N ILE J 25 9.96 61.36 32.58
CA ILE J 25 11.22 60.68 32.33
C ILE J 25 10.95 59.24 31.82
N GLU J 26 10.15 58.48 32.57
CA GLU J 26 9.80 57.11 32.19
C GLU J 26 9.21 57.05 30.77
N ALA J 27 8.42 58.06 30.41
CA ALA J 27 7.74 58.08 29.13
C ALA J 27 8.73 58.24 27.98
N LEU J 28 9.74 59.08 28.19
CA LEU J 28 10.77 59.30 27.18
C LEU J 28 11.70 58.07 27.15
N ARG J 29 11.86 57.41 28.29
CA ARG J 29 12.68 56.20 28.30
C ARG J 29 11.95 55.09 27.50
N SER J 30 10.63 55.05 27.62
CA SER J 30 9.81 54.07 26.89
C SER J 30 9.83 54.27 25.39
N GLN J 31 9.54 55.50 24.96
CA GLN J 31 9.70 55.84 23.54
C GLN J 31 11.06 55.43 22.96
N ALA J 32 12.16 55.85 23.60
CA ALA J 32 13.52 55.57 23.17
C ALA J 32 13.79 54.09 23.02
N GLY J 33 13.34 53.38 24.04
CA GLY J 33 13.54 51.94 24.13
C GLY J 33 12.84 51.23 22.98
N ARG J 34 11.61 51.63 22.70
CA ARG J 34 10.87 51.00 21.64
C ARG J 34 11.63 51.28 20.37
N LEU J 35 11.99 52.55 20.16
CA LEU J 35 12.55 52.95 18.86
C LEU J 35 13.93 52.31 18.60
N LYS J 36 14.71 52.17 19.67
CA LYS J 36 16.02 51.51 19.57
C LYS J 36 15.88 50.05 19.09
N LEU J 37 14.92 49.33 19.66
CA LEU J 37 14.68 47.95 19.31
C LEU J 37 14.27 47.88 17.85
N GLU J 38 13.48 48.84 17.40
CA GLU J 38 13.18 48.88 15.96
C GLU J 38 14.37 49.24 15.09
N ILE J 39 15.13 50.26 15.48
CA ILE J 39 16.31 50.66 14.73
C ILE J 39 17.35 49.56 14.65
N ASN J 40 17.58 48.93 15.79
CA ASN J 40 18.57 47.86 15.89
C ASN J 40 18.20 46.56 15.18
N GLN J 41 16.93 46.39 14.82
CA GLN J 41 16.50 45.20 14.10
C GLN J 41 16.17 45.55 12.67
N SER J 42 16.26 46.83 12.32
CA SER J 42 15.86 47.24 10.96
C SER J 42 16.84 46.81 9.84
N LEU J 43 16.31 46.28 8.76
CA LEU J 43 17.16 45.89 7.63
C LEU J 43 17.21 46.99 6.58
N ASP J 44 16.30 47.94 6.70
CA ASP J 44 16.03 48.91 5.64
C ASP J 44 16.61 50.29 5.96
N GLU J 45 17.67 50.66 5.26
CA GLU J 45 18.38 51.91 5.54
C GLU J 45 17.50 53.14 5.66
N ALA J 46 16.47 53.22 4.83
CA ALA J 46 15.63 54.40 4.81
C ALA J 46 14.69 54.37 6.00
N GLU J 47 14.45 53.17 6.48
CA GLU J 47 13.54 52.97 7.60
C GLU J 47 14.30 53.28 8.90
N ARG J 48 15.56 52.86 8.98
CA ARG J 48 16.36 53.20 10.15
C ARG J 48 16.44 54.70 10.28
N TYR J 49 16.69 55.36 9.14
CA TYR J 49 17.00 56.79 9.17
C TYR J 49 15.77 57.58 9.56
N ALA J 50 14.62 57.15 9.06
CA ALA J 50 13.35 57.77 9.46
C ALA J 50 13.09 57.51 10.95
N LEU J 51 13.37 56.28 11.37
CA LEU J 51 13.21 55.93 12.77
C LEU J 51 14.17 56.73 13.68
N GLN J 52 15.41 56.82 13.25
CA GLN J 52 16.39 57.59 13.99
C GLN J 52 15.96 59.06 14.17
N ARG J 53 15.23 59.60 13.19
CA ARG J 53 14.76 60.99 13.35
C ARG J 53 13.56 61.15 14.31
N GLU J 54 12.85 60.06 14.58
CA GLU J 54 11.87 60.02 15.67
C GLU J 54 12.58 59.84 17.02
N LEU J 55 13.74 59.19 16.99
CA LEU J 55 14.46 58.95 18.24
C LEU J 55 15.24 60.17 18.73
N PHE J 56 16.08 60.73 17.84
CA PHE J 56 16.97 61.84 18.21
C PHE J 56 16.28 63.19 18.17
N GLY J 57 16.85 64.18 18.84
CA GLY J 57 16.30 65.50 18.81
C GLY J 57 16.55 66.11 17.45
N HIS J 58 17.63 65.64 16.82
CA HIS J 58 18.02 66.02 15.49
C HIS J 58 19.01 65.02 14.92
N LEU J 59 18.77 64.61 13.68
CA LEU J 59 19.76 63.86 12.93
C LEU J 59 19.92 64.56 11.59
N GLY J 60 21.11 65.08 11.32
CA GLY J 60 21.33 66.01 10.23
C GLY J 60 21.46 65.41 8.85
N HIS J 61 21.59 66.29 7.87
CA HIS J 61 21.70 65.91 6.48
C HIS J 61 22.88 64.96 6.25
N LYS J 62 22.60 63.84 5.58
CA LYS J 62 23.66 62.90 5.18
C LYS J 62 24.41 62.27 6.36
N SER J 63 23.80 62.25 7.53
CA SER J 63 24.41 61.54 8.65
C SER J 63 23.90 60.10 8.88
N CYS J 64 24.80 59.21 9.30
CA CYS J 64 24.54 57.81 9.51
C CYS J 64 24.93 57.33 10.93
N VAL J 65 24.03 56.59 11.58
CA VAL J 65 24.37 55.98 12.85
C VAL J 65 24.16 54.47 12.67
N GLN J 66 25.25 53.70 12.78
CA GLN J 66 25.20 52.27 12.54
C GLN J 66 24.73 51.50 13.76
N PRO J 67 23.73 50.63 13.56
CA PRO J 67 23.22 49.77 14.63
C PRO J 67 24.23 48.71 15.06
N PRO J 68 24.15 48.22 16.29
CA PRO J 68 23.15 48.64 17.28
C PRO J 68 23.60 49.90 18.00
N PHE J 69 22.64 50.74 18.36
CA PHE J 69 22.91 51.98 19.08
C PHE J 69 22.13 52.00 20.38
N HIS J 70 22.80 52.38 21.45
CA HIS J 70 22.22 52.39 22.78
C HIS J 70 22.23 53.76 23.42
N CYS J 71 21.08 54.16 23.91
CA CYS J 71 20.90 55.45 24.52
C CYS J 71 19.73 55.33 25.47
N GLU J 72 19.56 56.30 26.36
CA GLU J 72 18.47 56.24 27.30
C GLU J 72 17.21 57.01 26.88
N PHE J 73 17.40 58.24 26.42
CA PHE J 73 16.27 59.08 26.05
C PHE J 73 16.21 59.48 24.59
N GLY J 74 17.34 59.59 23.93
CA GLY J 74 17.37 59.94 22.53
C GLY J 74 17.14 61.38 22.14
N LYS J 75 16.10 61.98 22.70
CA LYS J 75 15.67 63.32 22.36
C LYS J 75 16.65 64.43 22.68
N THR J 76 17.51 64.21 23.66
CA THR J 76 18.51 65.18 24.07
C THR J 76 19.70 65.11 23.16
N ILE J 77 19.66 64.17 22.22
CA ILE J 77 20.79 63.96 21.34
C ILE J 77 20.54 64.68 20.00
N ARG J 78 21.52 65.50 19.61
CA ARG J 78 21.40 66.24 18.36
C ARG J 78 22.74 66.08 17.64
N ILE J 79 22.64 65.79 16.37
CA ILE J 79 23.80 65.40 15.60
C ILE J 79 23.81 66.19 14.29
N GLY J 80 24.96 66.74 13.93
CA GLY J 80 25.04 67.58 12.75
C GLY J 80 24.94 66.84 11.44
N ASP J 81 25.58 67.42 10.44
CA ASP J 81 25.53 66.94 9.07
C ASP J 81 26.82 66.28 8.67
N HIS J 82 26.66 65.31 7.76
CA HIS J 82 27.80 64.59 7.23
C HIS J 82 28.53 63.97 8.38
N THR J 83 27.78 63.51 9.38
CA THR J 83 28.37 62.91 10.58
C THR J 83 28.11 61.42 10.66
N PHE J 84 29.18 60.69 10.98
CA PHE J 84 29.15 59.24 10.97
C PHE J 84 29.46 58.68 12.37
N ILE J 85 28.52 57.94 12.93
CA ILE J 85 28.78 57.22 14.17
C ILE J 85 28.73 55.73 13.93
N ASN J 86 29.76 55.01 14.35
CA ASN J 86 29.91 53.61 13.97
C ASN J 86 29.11 52.73 14.93
N MSE J 87 29.28 51.42 14.83
CA MSE J 87 28.51 50.44 15.64
C MSE J 87 28.74 50.40 17.17
O MSE J 87 29.88 50.54 17.68
CB MSE J 87 28.80 49.00 15.15
CG MSE J 87 28.22 48.70 13.82
SE MSE J 87 28.85 47.00 13.09
CE MSE J 87 30.77 47.36 13.01
N ASN J 88 27.66 50.13 17.88
CA ASN J 88 27.77 49.65 19.23
C ASN J 88 28.14 50.77 20.19
N VAL J 89 27.69 51.97 19.87
CA VAL J 89 27.90 53.14 20.71
C VAL J 89 26.89 53.18 21.89
N VAL J 90 27.38 53.61 23.04
CA VAL J 90 26.50 53.80 24.15
C VAL J 90 26.56 55.25 24.58
N MSE J 91 25.37 55.83 24.80
CA MSE J 91 25.28 57.21 25.26
C MSE J 91 24.30 57.31 26.40
O MSE J 91 23.12 56.98 26.26
CB MSE J 91 24.87 58.18 24.13
CG MSE J 91 25.90 58.41 23.02
SE MSE J 91 25.36 59.81 21.68
CE MSE J 91 26.79 59.54 20.38
N LEU J 92 24.81 57.76 27.52
CA LEU J 92 23.95 58.07 28.65
C LEU J 92 23.62 59.54 28.54
N ASP J 93 22.38 59.81 28.13
CA ASP J 93 22.02 61.09 27.58
C ASP J 93 20.97 61.84 28.38
N GLY J 94 21.03 61.77 29.70
CA GLY J 94 20.13 62.58 30.52
C GLY J 94 20.32 64.08 30.31
N ALA J 95 21.50 64.45 29.81
CA ALA J 95 21.83 65.85 29.59
C ALA J 95 22.07 65.91 28.10
N PRO J 96 21.95 67.11 27.53
CA PRO J 96 22.11 67.22 26.06
C PRO J 96 23.46 66.72 25.56
N ILE J 97 23.46 66.15 24.37
CA ILE J 97 24.66 65.71 23.71
C ILE J 97 24.60 66.30 22.35
N THR J 98 25.43 67.31 22.10
CA THR J 98 25.45 67.99 20.82
C THR J 98 26.68 67.61 20.02
N ILE J 99 26.49 67.06 18.84
CA ILE J 99 27.59 66.73 17.93
C ILE J 99 27.46 67.54 16.62
N GLY J 100 28.57 68.10 16.17
CA GLY J 100 28.53 68.95 15.00
C GLY J 100 28.58 68.23 13.64
N ASP J 101 29.14 68.96 12.68
CA ASP J 101 29.21 68.52 11.30
C ASP J 101 30.51 67.73 11.11
N HIS J 102 30.52 66.75 10.21
CA HIS J 102 31.74 66.04 9.84
C HIS J 102 32.44 65.41 11.05
N VAL J 103 31.66 64.81 11.93
CA VAL J 103 32.24 64.15 13.09
C VAL J 103 32.34 62.65 12.86
N LEU J 104 33.46 62.05 13.27
CA LEU J 104 33.63 60.61 13.18
C LEU J 104 33.80 59.98 14.55
N ILE J 105 32.97 58.96 14.81
CA ILE J 105 32.93 58.26 16.08
C ILE J 105 33.09 56.77 15.87
N GLY J 106 34.10 56.18 16.52
CA GLY J 106 34.38 54.78 16.31
C GLY J 106 33.40 53.91 17.05
N PRO J 107 33.50 52.60 16.84
CA PRO J 107 32.62 51.58 17.42
C PRO J 107 32.85 51.43 18.94
N SER J 108 31.80 51.05 19.67
CA SER J 108 31.84 50.79 21.11
C SER J 108 32.33 51.99 21.94
N THR J 109 32.23 53.17 21.36
CA THR J 109 32.51 54.39 22.11
C THR J 109 31.39 54.81 23.08
N GLN J 110 31.77 55.34 24.25
CA GLN J 110 30.82 55.63 25.32
C GLN J 110 30.72 57.10 25.57
N PHE J 111 29.50 57.65 25.67
CA PHE J 111 29.30 59.06 26.04
C PHE J 111 28.53 59.09 27.33
N TYR J 112 29.16 59.51 28.44
CA TYR J 112 28.44 59.56 29.73
C TYR J 112 28.09 60.96 30.25
N THR J 113 26.86 61.45 30.08
CA THR J 113 26.52 62.71 30.75
C THR J 113 26.25 62.51 32.26
N ALA J 114 26.15 61.26 32.67
CA ALA J 114 25.78 60.95 34.06
C ALA J 114 26.99 60.69 34.96
N SER J 115 26.88 61.13 36.20
CA SER J 115 27.88 60.85 37.21
C SER J 115 27.24 60.73 38.59
N HIS J 116 27.99 60.21 39.55
CA HIS J 116 27.49 60.10 40.92
C HIS J 116 28.52 60.75 41.78
N SER J 117 28.17 60.98 43.04
CA SER J 117 29.13 61.43 44.05
C SER J 117 30.12 60.33 44.45
N LEU J 118 31.31 60.72 44.88
CA LEU J 118 32.30 59.80 45.43
C LEU J 118 31.93 59.36 46.85
N ASP J 119 31.04 60.14 47.47
CA ASP J 119 30.57 59.86 48.82
C ASP J 119 29.46 58.81 48.69
N TYR J 120 29.71 57.61 49.22
CA TYR J 120 28.74 56.53 49.12
C TYR J 120 27.41 56.85 49.82
N ARG J 121 27.47 57.70 50.83
CA ARG J 121 26.25 58.13 51.50
C ARG J 121 25.35 58.89 50.54
N ARG J 122 25.94 59.50 49.53
CA ARG J 122 25.14 60.25 48.56
C ARG J 122 24.75 59.48 47.27
N ARG J 123 24.88 58.16 47.27
CA ARG J 123 24.59 57.31 46.12
C ARG J 123 23.50 56.26 46.43
N GLN J 124 23.01 56.24 47.66
CA GLN J 124 22.12 55.19 48.09
C GLN J 124 20.69 55.39 47.55
N ALA J 125 20.43 56.56 46.97
CA ALA J 125 19.19 56.82 46.26
C ALA J 125 19.43 56.86 44.75
N TRP J 126 20.55 56.30 44.32
CA TRP J 126 20.93 56.38 42.92
C TRP J 126 21.04 57.82 42.42
N GLU J 127 21.25 58.76 43.35
CA GLU J 127 21.38 60.15 42.98
C GLU J 127 22.37 60.28 41.85
N THR J 128 21.98 61.05 40.84
CA THR J 128 22.73 61.19 39.62
C THR J 128 22.71 62.64 39.17
N ILE J 129 23.84 63.09 38.68
CA ILE J 129 23.90 64.40 38.11
C ILE J 129 24.33 64.28 36.66
N CYS J 130 23.54 64.85 35.77
CA CYS J 130 23.86 64.86 34.31
C CYS J 130 24.36 66.22 33.80
N LYS J 131 25.46 66.25 33.06
CA LYS J 131 25.99 67.48 32.47
C LYS J 131 26.32 67.28 31.01
N PRO J 132 26.05 68.28 30.16
CA PRO J 132 26.09 68.02 28.72
C PRO J 132 27.50 67.80 28.16
N ILE J 133 27.55 67.16 26.99
CA ILE J 133 28.77 66.93 26.25
C ILE J 133 28.59 67.56 24.88
N VAL J 134 29.66 68.18 24.39
CA VAL J 134 29.67 68.87 23.11
C VAL J 134 30.81 68.37 22.24
N ILE J 135 30.50 67.92 21.03
CA ILE J 135 31.54 67.58 20.07
C ILE J 135 31.44 68.52 18.86
N GLU J 136 32.48 69.33 18.66
CA GLU J 136 32.54 70.35 17.63
C GLU J 136 32.86 69.74 16.27
N ASP J 137 32.67 70.55 15.23
CA ASP J 137 32.94 70.12 13.86
C ASP J 137 34.30 69.43 13.64
N ASP J 138 34.32 68.48 12.70
CA ASP J 138 35.53 67.86 12.17
C ASP J 138 36.33 67.08 13.18
N VAL J 139 35.66 66.66 14.24
CA VAL J 139 36.32 65.84 15.20
C VAL J 139 36.25 64.37 14.81
N TRP J 140 37.35 63.67 15.03
CA TRP J 140 37.41 62.21 14.90
C TRP J 140 37.67 61.54 16.26
N ILE J 141 36.76 60.69 16.68
CA ILE J 141 36.94 60.00 17.92
C ILE J 141 37.19 58.54 17.61
N GLY J 142 38.30 58.00 18.11
CA GLY J 142 38.65 56.62 17.86
C GLY J 142 37.70 55.66 18.58
N GLY J 143 37.88 54.37 18.38
CA GLY J 143 36.97 53.42 18.97
C GLY J 143 37.27 53.10 20.42
N ASN J 144 36.23 52.70 21.14
CA ASN J 144 36.30 52.27 22.53
C ASN J 144 36.77 53.40 23.47
N VAL J 145 36.39 54.63 23.09
CA VAL J 145 36.66 55.81 23.87
C VAL J 145 35.53 56.12 24.84
N VAL J 146 35.93 56.59 26.00
CA VAL J 146 35.01 57.13 26.96
C VAL J 146 35.11 58.64 26.97
N ILE J 147 33.98 59.32 26.72
CA ILE J 147 33.83 60.76 26.94
C ILE J 147 32.99 61.00 28.18
N ASN J 148 33.53 61.69 29.16
CA ASN J 148 32.78 62.03 30.36
C ASN J 148 31.95 63.32 30.38
N GLN J 149 31.21 63.52 31.46
CA GLN J 149 30.27 64.63 31.52
C GLN J 149 30.95 65.98 31.49
N GLY J 150 30.26 66.96 30.90
CA GLY J 150 30.68 68.34 30.93
C GLY J 150 31.82 68.69 29.97
N VAL J 151 32.24 67.71 29.17
CA VAL J 151 33.32 67.88 28.20
C VAL J 151 32.90 68.48 26.84
N THR J 152 33.76 69.33 26.29
CA THR J 152 33.65 69.83 24.92
C THR J 152 34.89 69.37 24.18
N ILE J 153 34.74 68.54 23.14
CA ILE J 153 35.89 68.12 22.31
C ILE J 153 36.03 69.17 21.24
N GLY J 154 37.14 69.92 21.27
CA GLY J 154 37.33 71.08 20.42
C GLY J 154 37.50 70.71 18.96
N ALA J 155 37.00 71.61 18.09
CA ALA J 155 36.94 71.36 16.66
C ALA J 155 38.26 70.92 16.08
N ARG J 156 38.16 70.01 15.12
CA ARG J 156 39.30 69.61 14.31
C ARG J 156 40.25 68.67 15.04
N SER J 157 39.90 68.29 16.27
CA SER J 157 40.71 67.39 17.07
C SER J 157 40.44 65.89 16.90
N VAL J 158 41.43 65.06 17.25
CA VAL J 158 41.36 63.59 17.12
C VAL J 158 41.63 62.94 18.51
N VAL J 159 40.82 61.94 18.86
CA VAL J 159 40.94 61.28 20.14
C VAL J 159 41.35 59.84 19.91
N ALA J 160 42.49 59.41 20.48
CA ALA J 160 42.97 58.06 20.21
C ALA J 160 42.05 56.96 20.79
N ALA J 161 42.08 55.80 20.17
CA ALA J 161 41.33 54.65 20.63
C ALA J 161 41.64 54.30 22.11
N ASN J 162 40.60 53.85 22.82
CA ASN J 162 40.69 53.45 24.24
C ASN J 162 41.01 54.59 25.21
N SER J 163 41.03 55.83 24.72
CA SER J 163 41.30 56.94 25.61
C SER J 163 40.12 57.25 26.58
N VAL J 164 40.39 57.97 27.69
CA VAL J 164 39.29 58.52 28.51
C VAL J 164 39.39 60.01 28.76
N VAL J 165 38.40 60.76 28.31
CA VAL J 165 38.46 62.22 28.35
C VAL J 165 37.59 62.79 29.50
N ASN J 166 38.24 63.50 30.42
CA ASN J 166 37.58 64.01 31.61
C ASN J 166 37.47 65.52 31.61
N GLN J 167 38.16 66.18 30.70
CA GLN J 167 38.03 67.63 30.65
C GLN J 167 38.14 68.10 29.22
N ASP J 168 37.89 69.37 28.96
CA ASP J 168 37.86 69.83 27.58
C ASP J 168 39.08 69.41 26.74
N VAL J 169 38.86 69.25 25.45
CA VAL J 169 39.96 69.00 24.53
C VAL J 169 40.12 70.21 23.62
N PRO J 170 41.30 70.79 23.62
CA PRO J 170 41.49 71.97 22.76
C PRO J 170 41.42 71.54 21.31
N PRO J 171 41.04 72.48 20.42
CA PRO J 171 40.94 72.35 18.96
C PRO J 171 42.28 71.96 18.37
N ASP J 172 42.29 71.46 17.13
CA ASP J 172 43.56 71.25 16.40
C ASP J 172 44.58 70.52 17.25
N THR J 173 44.12 69.47 17.90
CA THR J 173 44.94 68.72 18.83
C THR J 173 44.63 67.23 18.80
N LEU J 174 45.68 66.41 18.87
CA LEU J 174 45.53 64.98 19.02
C LEU J 174 45.75 64.58 20.49
N VAL J 175 44.74 64.00 21.12
CA VAL J 175 44.92 63.54 22.50
C VAL J 175 44.69 62.04 22.61
N GLY J 176 45.24 61.49 23.68
CA GLY J 176 45.20 60.07 23.99
C GLY J 176 45.57 59.70 25.43
N GLY J 177 45.21 58.48 25.81
CA GLY J 177 45.51 57.98 27.13
C GLY J 177 44.31 58.00 28.06
N THR J 178 44.53 57.44 29.24
CA THR J 178 43.50 57.37 30.25
C THR J 178 44.02 57.84 31.58
N PRO J 179 43.67 59.07 32.00
CA PRO J 179 42.91 60.12 31.30
C PRO J 179 43.72 60.79 30.22
N ALA J 180 43.11 61.12 29.08
CA ALA J 180 43.89 61.63 27.96
C ALA J 180 44.77 62.84 28.29
N ARG J 181 45.87 62.95 27.55
CA ARG J 181 46.79 64.09 27.63
C ARG J 181 47.00 64.54 26.18
N ILE J 182 47.64 65.69 25.99
CA ILE J 182 48.00 66.16 24.65
C ILE J 182 49.10 65.30 24.03
N LEU J 183 48.92 64.88 22.81
CA LEU J 183 49.96 64.07 22.22
C LEU J 183 50.64 64.92 21.19
N ARG J 184 49.85 65.62 20.40
CA ARG J 184 50.39 66.30 19.26
C ARG J 184 49.43 67.39 18.89
N SER J 185 49.95 68.56 18.55
CA SER J 185 49.19 69.61 17.87
C SER J 185 48.92 69.15 16.44
N LEU J 186 47.75 69.48 15.93
CA LEU J 186 47.45 69.15 14.55
C LEU J 186 47.33 70.42 13.72
N LYS J 187 47.64 71.55 14.34
CA LYS J 187 47.56 72.80 13.60
C LYS J 187 48.56 72.75 12.44
N MSE K 6 39.81 48.99 -11.73
CA MSE K 6 39.70 48.37 -10.40
C MSE K 6 38.44 48.85 -9.71
O MSE K 6 38.20 50.06 -9.60
CB MSE K 6 40.93 48.67 -9.55
CG MSE K 6 40.83 48.20 -8.12
SE MSE K 6 42.40 48.65 -7.05
CE MSE K 6 43.59 47.22 -7.64
N SER K 7 37.63 47.90 -9.24
CA SER K 7 36.34 48.24 -8.63
C SER K 7 36.52 48.98 -7.31
N GLU K 8 35.42 49.49 -6.76
CA GLU K 8 35.49 50.16 -5.48
C GLU K 8 35.79 49.15 -4.40
N LEU K 9 35.21 47.95 -4.56
CA LEU K 9 35.36 46.87 -3.61
C LEU K 9 36.82 46.42 -3.46
N GLU K 10 37.50 46.24 -4.59
CA GLU K 10 38.92 45.89 -4.57
C GLU K 10 39.79 47.04 -4.02
N LYS K 11 39.51 48.28 -4.44
CA LYS K 11 40.18 49.43 -3.85
C LYS K 11 40.18 49.33 -2.31
N MSE K 12 39.01 49.06 -1.74
CA MSE K 12 38.87 48.88 -0.30
C MSE K 12 39.77 47.78 0.29
O MSE K 12 40.66 48.04 1.12
CB MSE K 12 37.41 48.57 0.02
CG MSE K 12 37.15 48.60 1.50
SE MSE K 12 35.29 48.19 1.91
CE MSE K 12 34.34 49.86 1.65
N LEU K 13 39.56 46.56 -0.14
CA LEU K 13 40.36 45.43 0.30
C LEU K 13 41.82 45.76 0.17
N LYS K 14 42.14 46.55 -0.84
CA LYS K 14 43.52 46.68 -1.21
C LYS K 14 44.09 47.96 -0.67
N GLY K 15 43.31 48.67 0.13
CA GLY K 15 43.87 49.72 0.96
C GLY K 15 44.07 51.07 0.31
N GLU K 16 43.43 51.27 -0.84
CA GLU K 16 43.31 52.60 -1.42
C GLU K 16 41.92 53.15 -1.07
N HIS K 17 41.69 54.43 -1.35
CA HIS K 17 40.36 55.01 -1.13
C HIS K 17 39.33 54.43 -2.08
N PHE K 18 38.07 54.45 -1.66
CA PHE K 18 36.98 53.81 -2.39
C PHE K 18 35.66 54.56 -2.35
N ASP K 19 34.76 54.20 -3.26
CA ASP K 19 33.42 54.76 -3.29
C ASP K 19 32.68 53.92 -2.27
N GLY K 20 32.34 54.52 -1.15
CA GLY K 20 31.71 53.84 -0.04
C GLY K 20 30.35 53.25 -0.34
N ALA K 21 29.59 53.97 -1.15
CA ALA K 21 28.24 53.56 -1.52
C ALA K 21 28.14 52.83 -2.85
N SER K 22 29.27 52.44 -3.44
CA SER K 22 29.22 51.72 -4.70
C SER K 22 28.31 50.51 -4.50
N ALA K 23 27.54 50.18 -5.54
CA ALA K 23 26.54 49.11 -5.45
C ALA K 23 27.03 47.81 -4.81
N GLU K 24 28.21 47.37 -5.22
CA GLU K 24 28.78 46.12 -4.79
C GLU K 24 29.01 46.16 -3.29
N ILE K 25 29.74 47.18 -2.83
CA ILE K 25 30.02 47.28 -1.41
C ILE K 25 28.75 47.29 -0.55
N GLU K 26 27.82 48.17 -0.83
CA GLU K 26 26.58 48.21 -0.05
C GLU K 26 25.84 46.89 -0.14
N ALA K 27 26.00 46.18 -1.24
CA ALA K 27 25.37 44.88 -1.42
C ALA K 27 25.94 43.84 -0.44
N LEU K 28 27.25 43.92 -0.20
CA LEU K 28 27.90 43.01 0.73
C LEU K 28 27.51 43.36 2.16
N ARG K 29 27.48 44.67 2.44
CA ARG K 29 27.05 45.22 3.72
C ARG K 29 25.59 44.87 4.05
N SER K 30 24.74 44.87 3.03
CA SER K 30 23.32 44.53 3.19
C SER K 30 23.18 43.10 3.59
N GLN K 31 23.89 42.23 2.87
CA GLN K 31 23.91 40.79 3.13
C GLN K 31 24.34 40.49 4.57
N ALA K 32 25.47 41.08 4.95
CA ALA K 32 26.05 40.95 6.30
C ALA K 32 25.09 41.45 7.39
N GLY K 33 24.29 42.45 7.08
CA GLY K 33 23.36 42.97 8.07
C GLY K 33 22.19 42.02 8.28
N ARG K 34 21.73 41.42 7.19
CA ARG K 34 20.68 40.42 7.30
C ARG K 34 21.14 39.17 8.08
N LEU K 35 22.35 38.68 7.77
CA LEU K 35 22.85 37.49 8.43
C LEU K 35 23.12 37.71 9.92
N LYS K 36 23.74 38.83 10.29
CA LYS K 36 23.95 39.21 11.71
C LYS K 36 22.69 39.18 12.54
N LEU K 37 21.62 39.75 12.00
CA LEU K 37 20.38 39.80 12.73
C LEU K 37 19.90 38.39 12.96
N GLU K 38 20.11 37.52 11.98
CA GLU K 38 19.61 36.16 12.07
C GLU K 38 20.47 35.35 13.08
N ILE K 39 21.78 35.63 13.09
CA ILE K 39 22.70 34.91 13.97
C ILE K 39 22.49 35.35 15.40
N ASN K 40 22.44 36.66 15.58
CA ASN K 40 22.31 37.23 16.92
C ASN K 40 20.95 36.95 17.58
N GLN K 41 20.00 36.47 16.79
CA GLN K 41 18.67 36.24 17.30
C GLN K 41 18.33 34.76 17.25
N SER K 42 19.29 33.93 16.86
CA SER K 42 19.05 32.49 16.78
C SER K 42 19.26 31.81 18.13
N LEU K 43 18.36 30.87 18.45
CA LEU K 43 18.54 29.97 19.61
C LEU K 43 18.94 28.55 19.17
N ASP K 44 19.51 28.45 17.97
CA ASP K 44 19.84 27.17 17.39
C ASP K 44 21.32 27.12 17.03
N GLU K 45 22.10 26.41 17.86
CA GLU K 45 23.54 26.46 17.70
C GLU K 45 23.93 26.01 16.30
N ALA K 46 23.28 24.96 15.82
CA ALA K 46 23.78 24.36 14.62
C ALA K 46 23.46 25.33 13.47
N GLU K 47 22.32 25.98 13.60
CA GLU K 47 21.81 26.80 12.52
C GLU K 47 22.51 28.13 12.56
N ARG K 48 22.92 28.51 13.75
CA ARG K 48 23.74 29.71 13.94
C ARG K 48 25.13 29.51 13.31
N TYR K 49 25.71 28.33 13.54
CA TYR K 49 26.94 27.95 12.89
C TYR K 49 26.85 27.96 11.36
N ALA K 50 25.82 27.30 10.81
CA ALA K 50 25.53 27.28 9.35
C ALA K 50 25.43 28.70 8.79
N LEU K 51 24.73 29.54 9.55
CA LEU K 51 24.50 30.91 9.16
C LEU K 51 25.84 31.62 9.11
N GLN K 52 26.65 31.40 10.13
CA GLN K 52 27.91 32.09 10.26
C GLN K 52 28.84 31.71 9.13
N ARG K 53 28.56 30.55 8.51
CA ARG K 53 29.34 30.13 7.35
C ARG K 53 28.93 30.85 6.02
N GLU K 54 27.71 31.38 5.95
CA GLU K 54 27.34 32.23 4.81
C GLU K 54 27.81 33.65 5.06
N LEU K 55 27.96 34.01 6.34
CA LEU K 55 28.40 35.36 6.70
C LEU K 55 29.89 35.58 6.48
N PHE K 56 30.69 34.64 6.94
CA PHE K 56 32.14 34.80 6.93
C PHE K 56 32.74 34.21 5.67
N GLY K 57 33.97 34.61 5.36
CA GLY K 57 34.70 34.04 4.26
C GLY K 57 35.00 32.60 4.57
N HIS K 58 35.29 32.31 5.83
CA HIS K 58 35.60 30.96 6.25
C HIS K 58 35.42 30.77 7.73
N LEU K 59 34.75 29.69 8.11
CA LEU K 59 34.61 29.29 9.50
C LEU K 59 35.06 27.84 9.61
N GLY K 60 36.07 27.56 10.43
CA GLY K 60 36.62 26.22 10.53
C GLY K 60 35.90 25.24 11.44
N HIS K 61 36.34 23.97 11.40
CA HIS K 61 35.84 22.88 12.25
C HIS K 61 35.85 23.18 13.77
N LYS K 62 34.70 23.02 14.41
CA LYS K 62 34.67 23.10 15.88
C LYS K 62 35.10 24.47 16.41
N SER K 63 34.68 25.52 15.73
CA SER K 63 34.99 26.87 16.15
C SER K 63 33.70 27.57 16.53
N CYS K 64 33.76 28.52 17.45
CA CYS K 64 32.52 29.14 17.91
C CYS K 64 32.66 30.62 17.93
N VAL K 65 31.63 31.31 17.44
CA VAL K 65 31.54 32.74 17.59
C VAL K 65 30.25 33.01 18.35
N GLN K 66 30.37 33.52 19.57
CA GLN K 66 29.20 33.74 20.42
C GLN K 66 28.46 35.03 20.10
N PRO K 67 27.12 34.97 20.06
CA PRO K 67 26.36 36.21 19.80
C PRO K 67 26.23 37.09 21.05
N PRO K 68 26.09 38.41 20.86
CA PRO K 68 26.03 39.09 19.56
C PRO K 68 27.41 39.33 18.96
N PHE K 69 27.49 39.23 17.63
CA PHE K 69 28.73 39.53 16.92
C PHE K 69 28.46 40.62 15.93
N HIS K 70 29.39 41.55 15.87
CA HIS K 70 29.25 42.67 14.99
C HIS K 70 30.40 42.84 14.01
N CYS K 71 30.04 42.91 12.72
CA CYS K 71 30.94 43.27 11.66
C CYS K 71 30.23 44.05 10.56
N GLU K 72 30.96 44.32 9.50
CA GLU K 72 30.41 45.16 8.46
C GLU K 72 30.18 44.37 7.15
N PHE K 73 31.07 43.43 6.83
CA PHE K 73 30.99 42.75 5.55
C PHE K 73 30.96 41.22 5.65
N GLY K 74 31.59 40.67 6.69
CA GLY K 74 31.62 39.22 6.86
C GLY K 74 32.60 38.45 5.99
N LYS K 75 32.38 38.46 4.69
CA LYS K 75 33.15 37.61 3.77
C LYS K 75 34.64 37.90 3.81
N THR K 76 34.99 39.03 4.41
CA THR K 76 36.37 39.43 4.57
C THR K 76 37.08 38.59 5.65
N ILE K 77 36.30 38.04 6.57
CA ILE K 77 36.87 37.35 7.73
C ILE K 77 37.02 35.86 7.48
N ARG K 78 38.19 35.32 7.81
CA ARG K 78 38.44 33.88 7.70
C ARG K 78 38.87 33.37 9.05
N ILE K 79 38.13 32.40 9.58
CA ILE K 79 38.44 31.90 10.90
C ILE K 79 38.84 30.45 10.86
N GLY K 80 39.92 30.12 11.59
CA GLY K 80 40.53 28.82 11.52
C GLY K 80 39.78 27.76 12.27
N ASP K 81 40.46 26.64 12.53
CA ASP K 81 39.94 25.51 13.28
C ASP K 81 40.13 25.64 14.80
N HIS K 82 39.25 25.01 15.56
CA HIS K 82 39.29 25.01 17.03
C HIS K 82 39.47 26.38 17.62
N THR K 83 38.73 27.35 17.12
CA THR K 83 38.96 28.70 17.51
C THR K 83 37.68 29.25 18.14
N PHE K 84 37.85 30.06 19.18
CA PHE K 84 36.72 30.50 19.96
C PHE K 84 36.67 32.02 20.07
N ILE K 85 35.49 32.58 19.87
CA ILE K 85 35.36 34.03 19.96
C ILE K 85 34.21 34.41 20.89
N ASN K 86 34.49 35.14 21.95
CA ASN K 86 33.41 35.50 22.85
C ASN K 86 32.41 36.56 22.35
N MSE K 87 31.40 36.79 23.17
CA MSE K 87 30.36 37.79 22.97
C MSE K 87 30.81 39.21 22.77
O MSE K 87 31.80 39.68 23.35
CB MSE K 87 29.42 37.79 24.17
CG MSE K 87 28.85 36.40 24.48
SE MSE K 87 27.73 36.33 26.09
CE MSE K 87 29.16 36.09 27.45
N ASN K 88 30.06 39.88 21.89
CA ASN K 88 30.01 41.33 21.71
C ASN K 88 31.27 41.83 21.07
N VAL K 89 31.84 41.00 20.22
CA VAL K 89 33.02 41.39 19.53
C VAL K 89 32.69 42.28 18.30
N VAL K 90 33.56 43.23 18.01
CA VAL K 90 33.36 44.10 16.87
C VAL K 90 34.51 44.08 15.85
N MSE K 91 34.18 43.85 14.58
CA MSE K 91 35.19 43.94 13.51
C MSE K 91 34.81 44.87 12.35
O MSE K 91 33.85 44.61 11.61
CB MSE K 91 35.55 42.54 12.98
CG MSE K 91 35.97 41.56 14.08
SE MSE K 91 36.54 39.79 13.36
CE MSE K 91 37.08 38.93 15.06
N LEU K 92 35.52 45.98 12.24
CA LEU K 92 35.51 46.78 10.99
C LEU K 92 36.34 46.02 9.95
N ASP K 93 35.65 45.33 9.05
CA ASP K 93 36.32 44.35 8.23
C ASP K 93 36.48 44.71 6.76
N GLY K 94 36.70 45.98 6.44
CA GLY K 94 36.92 46.46 5.07
C GLY K 94 38.10 45.85 4.32
N ALA K 95 39.18 45.59 5.04
CA ALA K 95 40.24 44.74 4.54
C ALA K 95 40.18 43.39 5.29
N PRO K 96 40.85 42.37 4.73
CA PRO K 96 40.82 40.99 5.25
C PRO K 96 41.29 40.84 6.69
N ILE K 97 40.49 40.14 7.47
CA ILE K 97 40.87 39.69 8.80
C ILE K 97 40.97 38.18 8.76
N THR K 98 42.16 37.68 9.05
CA THR K 98 42.51 36.26 8.96
C THR K 98 42.90 35.76 10.34
N ILE K 99 42.18 34.77 10.86
CA ILE K 99 42.35 34.26 12.22
C ILE K 99 42.70 32.78 12.20
N GLY K 100 43.74 32.39 12.92
CA GLY K 100 44.26 31.04 12.86
C GLY K 100 43.49 29.96 13.60
N ASP K 101 44.16 28.86 13.84
CA ASP K 101 43.60 27.75 14.62
C ASP K 101 44.00 27.90 16.07
N HIS K 102 43.17 27.39 16.97
CA HIS K 102 43.41 27.46 18.41
C HIS K 102 43.51 28.89 18.92
N VAL K 103 42.81 29.80 18.28
CA VAL K 103 42.77 31.17 18.73
C VAL K 103 41.61 31.39 19.69
N LEU K 104 41.88 32.19 20.71
CA LEU K 104 40.89 32.56 21.71
C LEU K 104 40.75 34.08 21.73
N ILE K 105 39.54 34.56 21.50
CA ILE K 105 39.25 35.98 21.64
C ILE K 105 38.16 36.32 22.68
N GLY K 106 38.55 37.16 23.63
CA GLY K 106 37.67 37.55 24.72
C GLY K 106 36.60 38.53 24.33
N PRO K 107 35.61 38.68 25.20
CA PRO K 107 34.42 39.50 24.97
C PRO K 107 34.74 40.93 24.61
N SER K 108 33.96 41.48 23.70
CA SER K 108 33.89 42.91 23.46
C SER K 108 35.22 43.42 22.95
N THR K 109 36.00 42.52 22.40
CA THR K 109 37.18 42.90 21.65
C THR K 109 36.88 43.58 20.31
N GLN K 110 37.79 44.47 19.90
CA GLN K 110 37.56 45.27 18.70
C GLN K 110 38.70 45.09 17.70
N PHE K 111 38.36 44.71 16.48
CA PHE K 111 39.26 44.75 15.31
C PHE K 111 38.89 45.92 14.37
N TYR K 112 39.87 46.77 14.09
CA TYR K 112 39.68 47.93 13.22
C TYR K 112 40.65 47.89 12.03
N THR K 113 40.22 47.33 10.89
CA THR K 113 41.07 47.40 9.70
C THR K 113 40.93 48.78 9.05
N ALA K 114 40.00 49.57 9.55
CA ALA K 114 39.72 50.86 8.98
C ALA K 114 40.41 51.97 9.73
N SER K 115 40.88 52.97 9.00
CA SER K 115 41.44 54.15 9.62
C SER K 115 41.20 55.42 8.77
N HIS K 116 41.50 56.59 9.35
CA HIS K 116 41.34 57.86 8.65
C HIS K 116 42.61 58.69 8.74
N SER K 117 42.61 59.84 8.09
CA SER K 117 43.74 60.75 8.15
C SER K 117 43.64 61.65 9.34
N LEU K 118 44.80 61.99 9.88
CA LEU K 118 44.86 62.92 11.01
C LEU K 118 44.48 64.33 10.58
N ASP K 119 44.57 64.61 9.29
CA ASP K 119 44.20 65.91 8.75
C ASP K 119 42.70 65.92 8.44
N TYR K 120 41.97 66.82 9.06
CA TYR K 120 40.53 66.84 8.99
C TYR K 120 40.05 67.18 7.59
N ARG K 121 40.84 68.00 6.89
CA ARG K 121 40.56 68.29 5.49
C ARG K 121 40.48 67.00 4.68
N ARG K 122 41.20 65.95 5.12
CA ARG K 122 41.24 64.66 4.41
C ARG K 122 40.23 63.71 4.97
N ARG K 123 39.28 64.25 5.72
CA ARG K 123 38.34 63.42 6.42
C ARG K 123 36.90 63.78 6.16
N GLN K 124 36.66 64.84 5.41
CA GLN K 124 35.31 65.40 5.28
C GLN K 124 34.45 64.61 4.33
N ALA K 125 35.06 63.75 3.52
CA ALA K 125 34.30 62.83 2.67
C ALA K 125 34.33 61.39 3.20
N TRP K 126 34.48 61.26 4.53
CA TRP K 126 34.63 59.98 5.21
C TRP K 126 35.66 59.04 4.54
N GLU K 127 36.70 59.60 3.92
CA GLU K 127 37.80 58.81 3.36
C GLU K 127 38.38 57.86 4.41
N THR K 128 38.59 56.62 3.98
CA THR K 128 38.94 55.53 4.86
C THR K 128 39.95 54.67 4.14
N ILE K 129 41.00 54.26 4.85
CA ILE K 129 41.90 53.27 4.29
C ILE K 129 41.76 52.02 5.13
N CYS K 130 41.77 50.86 4.49
CA CYS K 130 41.66 49.60 5.21
C CYS K 130 42.94 48.81 5.02
N LYS K 131 43.45 48.24 6.12
CA LYS K 131 44.62 47.39 6.08
C LYS K 131 44.31 46.08 6.80
N PRO K 132 44.78 44.96 6.24
CA PRO K 132 44.36 43.66 6.78
C PRO K 132 44.86 43.41 8.20
N ILE K 133 44.16 42.55 8.93
CA ILE K 133 44.62 42.13 10.26
C ILE K 133 44.85 40.62 10.23
N VAL K 134 45.99 40.15 10.73
CA VAL K 134 46.26 38.73 10.78
C VAL K 134 46.44 38.25 12.22
N ILE K 135 45.69 37.23 12.60
CA ILE K 135 45.97 36.56 13.87
C ILE K 135 46.42 35.12 13.71
N GLU K 136 47.66 34.85 14.08
CA GLU K 136 48.28 33.54 13.88
C GLU K 136 47.73 32.51 14.85
N ASP K 137 48.12 31.24 14.68
CA ASP K 137 47.63 30.13 15.51
C ASP K 137 47.97 30.28 17.00
N ASP K 138 47.09 29.73 17.83
CA ASP K 138 47.35 29.59 19.29
C ASP K 138 47.49 30.92 20.01
N VAL K 139 46.88 31.96 19.49
CA VAL K 139 46.92 33.23 20.16
C VAL K 139 45.78 33.44 21.17
N TRP K 140 46.09 34.06 22.29
CA TRP K 140 45.07 34.42 23.30
C TRP K 140 44.92 35.92 23.38
N ILE K 141 43.73 36.39 23.02
CA ILE K 141 43.40 37.79 23.10
C ILE K 141 42.37 38.03 24.16
N GLY K 142 42.70 38.89 25.10
CA GLY K 142 41.82 39.11 26.23
C GLY K 142 40.61 39.88 25.83
N GLY K 143 39.79 40.22 26.82
CA GLY K 143 38.58 40.97 26.59
C GLY K 143 38.83 42.46 26.60
N ASN K 144 37.94 43.18 25.92
CA ASN K 144 38.00 44.64 25.72
C ASN K 144 39.28 45.19 25.14
N VAL K 145 39.85 44.44 24.21
CA VAL K 145 41.10 44.77 23.55
C VAL K 145 40.82 45.50 22.21
N VAL K 146 41.67 46.44 21.83
CA VAL K 146 41.58 47.00 20.50
C VAL K 146 42.73 46.44 19.65
N ILE K 147 42.37 45.85 18.50
CA ILE K 147 43.38 45.55 17.48
C ILE K 147 43.26 46.46 16.26
N ASN K 148 44.30 47.29 16.05
CA ASN K 148 44.32 48.25 14.96
C ASN K 148 44.83 47.68 13.67
N GLN K 149 44.66 48.48 12.62
CA GLN K 149 44.77 48.02 11.24
C GLN K 149 46.14 47.50 10.85
N GLY K 150 46.18 46.55 9.91
CA GLY K 150 47.44 46.07 9.37
C GLY K 150 48.35 45.38 10.40
N VAL K 151 47.83 45.08 11.58
CA VAL K 151 48.63 44.42 12.59
C VAL K 151 48.65 42.90 12.40
N THR K 152 49.81 42.29 12.58
CA THR K 152 49.91 40.83 12.69
C THR K 152 50.24 40.43 14.12
N ILE K 153 49.41 39.58 14.71
CA ILE K 153 49.75 39.01 16.01
C ILE K 153 50.41 37.63 15.89
N GLY K 154 51.67 37.56 16.31
CA GLY K 154 52.47 36.36 16.22
C GLY K 154 51.93 35.13 16.95
N ALA K 155 52.23 33.97 16.36
CA ALA K 155 51.82 32.69 16.89
C ALA K 155 52.16 32.47 18.39
N ARG K 156 51.15 31.99 19.13
CA ARG K 156 51.31 31.62 20.52
C ARG K 156 51.55 32.82 21.45
N SER K 157 51.12 34.00 21.04
CA SER K 157 51.24 35.18 21.89
C SER K 157 49.94 35.48 22.63
N VAL K 158 49.99 36.38 23.62
CA VAL K 158 48.88 36.65 24.50
C VAL K 158 48.75 38.17 24.61
N VAL K 159 47.53 38.70 24.50
CA VAL K 159 47.34 40.14 24.61
C VAL K 159 46.50 40.43 25.85
N ALA K 160 47.08 41.19 26.76
CA ALA K 160 46.44 41.51 28.02
C ALA K 160 45.11 42.27 27.81
N ALA K 161 44.17 42.10 28.73
CA ALA K 161 42.94 42.89 28.70
C ALA K 161 43.11 44.39 28.45
N ASN K 162 42.15 44.93 27.67
CA ASN K 162 41.96 46.35 27.46
C ASN K 162 43.16 47.02 26.89
N SER K 163 44.03 46.24 26.26
CA SER K 163 45.19 46.83 25.64
C SER K 163 44.82 47.33 24.23
N VAL K 164 45.63 48.23 23.67
CA VAL K 164 45.45 48.62 22.28
C VAL K 164 46.75 48.26 21.57
N VAL K 165 46.61 47.59 20.44
CA VAL K 165 47.76 47.09 19.71
C VAL K 165 47.85 47.80 18.36
N ASN K 166 48.91 48.61 18.22
CA ASN K 166 49.11 49.40 17.05
C ASN K 166 50.13 48.75 16.15
N GLN K 167 50.89 47.84 16.70
CA GLN K 167 52.01 47.29 16.00
C GLN K 167 52.06 45.80 15.98
N ASP K 168 52.77 45.24 15.01
CA ASP K 168 53.01 43.80 15.02
C ASP K 168 53.54 43.31 16.35
N VAL K 169 53.05 42.14 16.74
CA VAL K 169 53.40 41.51 18.00
C VAL K 169 54.16 40.22 17.70
N PRO K 170 55.42 40.14 18.17
CA PRO K 170 56.24 38.96 17.89
C PRO K 170 55.60 37.69 18.45
N PRO K 171 56.03 36.52 17.94
CA PRO K 171 55.44 35.26 18.40
C PRO K 171 55.90 34.93 19.81
N ASP K 172 55.10 34.17 20.55
CA ASP K 172 55.60 33.63 21.81
C ASP K 172 55.84 34.76 22.85
N THR K 173 54.94 35.74 22.86
CA THR K 173 55.15 36.95 23.63
C THR K 173 53.89 37.35 24.38
N LEU K 174 54.02 37.85 25.61
CA LEU K 174 52.85 38.39 26.30
C LEU K 174 52.95 39.88 26.19
N VAL K 175 51.91 40.56 25.71
CA VAL K 175 51.95 42.01 25.66
C VAL K 175 50.70 42.63 26.28
N GLY K 176 50.79 43.91 26.62
CA GLY K 176 49.70 44.59 27.28
C GLY K 176 49.90 46.08 27.29
N GLY K 177 48.81 46.82 27.54
CA GLY K 177 48.90 48.27 27.56
C GLY K 177 48.35 49.04 26.36
N THR K 178 48.33 50.37 26.50
CA THR K 178 47.82 51.24 25.47
C THR K 178 48.79 52.40 25.29
N PRO K 179 49.63 52.34 24.26
CA PRO K 179 49.65 51.20 23.32
C PRO K 179 50.36 50.01 23.94
N ALA K 180 50.17 48.84 23.37
CA ALA K 180 50.71 47.63 23.97
C ALA K 180 52.22 47.62 23.91
N ARG K 181 52.83 47.14 24.98
CA ARG K 181 54.26 46.99 25.03
C ARG K 181 54.53 45.54 25.41
N ILE K 182 55.72 45.05 25.06
CA ILE K 182 56.06 43.70 25.46
C ILE K 182 56.14 43.65 26.97
N LEU K 183 55.41 42.72 27.57
CA LEU K 183 55.52 42.46 29.00
C LEU K 183 56.58 41.39 29.20
N ARG K 184 56.39 40.24 28.57
CA ARG K 184 57.42 39.20 28.66
C ARG K 184 57.39 38.12 27.59
N SER K 185 58.50 37.38 27.54
CA SER K 185 58.63 36.23 26.66
C SER K 185 57.95 35.03 27.29
N LEU K 186 57.30 34.23 26.48
CA LEU K 186 56.78 32.97 26.96
C LEU K 186 57.63 31.85 26.35
N LYS K 187 58.78 32.22 25.80
CA LYS K 187 59.80 31.25 25.38
C LYS K 187 60.70 30.88 26.56
N ASP K 188 61.77 30.14 26.26
CA ASP K 188 62.82 29.84 27.26
C ASP K 188 64.12 30.57 26.94
N MSE L 6 31.87 13.33 40.89
CA MSE L 6 31.82 14.79 40.80
C MSE L 6 31.48 15.30 39.38
O MSE L 6 32.19 15.00 38.40
CB MSE L 6 33.14 15.41 41.28
CG MSE L 6 32.99 16.70 42.11
SE MSE L 6 34.43 17.99 41.75
CE MSE L 6 34.51 18.91 43.47
N SER L 7 30.40 16.06 39.27
CA SER L 7 29.94 16.58 37.99
C SER L 7 30.90 17.60 37.35
N GLU L 8 30.86 17.67 36.03
CA GLU L 8 31.59 18.68 35.27
C GLU L 8 31.18 20.10 35.73
N LEU L 9 29.92 20.23 36.14
CA LEU L 9 29.39 21.51 36.60
C LEU L 9 30.02 21.98 37.92
N GLU L 10 30.04 21.09 38.92
CA GLU L 10 30.59 21.43 40.21
C GLU L 10 32.07 21.83 40.10
N LYS L 11 32.84 21.09 39.30
CA LYS L 11 34.22 21.44 39.04
C LYS L 11 34.39 22.88 38.52
N MSE L 12 33.57 23.25 37.52
CA MSE L 12 33.61 24.60 36.98
C MSE L 12 33.35 25.67 38.04
O MSE L 12 34.04 26.69 38.08
CB MSE L 12 32.61 24.77 35.82
CG MSE L 12 32.67 26.13 35.12
SE MSE L 12 31.23 26.33 33.75
CE MSE L 12 29.79 27.09 34.85
N LEU L 13 32.33 25.44 38.87
CA LEU L 13 31.97 26.39 39.91
C LEU L 13 33.04 26.36 41.02
N LYS L 14 33.73 25.24 41.15
CA LYS L 14 34.74 25.07 42.18
C LYS L 14 36.19 25.38 41.79
N GLY L 15 36.40 25.97 40.61
CA GLY L 15 37.72 26.35 40.15
C GLY L 15 38.57 25.26 39.52
N GLU L 16 37.91 24.18 39.15
CA GLU L 16 38.54 23.03 38.55
C GLU L 16 38.32 22.99 37.05
N HIS L 17 39.19 22.27 36.36
CA HIS L 17 39.08 22.10 34.92
C HIS L 17 37.80 21.33 34.67
N PHE L 18 37.22 21.52 33.50
CA PHE L 18 35.94 20.90 33.17
C PHE L 18 35.69 20.70 31.68
N ASP L 19 34.63 19.95 31.40
CA ASP L 19 34.16 19.70 30.05
C ASP L 19 32.99 20.64 29.79
N GLY L 20 33.21 21.69 29.01
CA GLY L 20 32.14 22.59 28.64
C GLY L 20 31.02 21.88 27.93
N ALA L 21 31.35 20.72 27.35
CA ALA L 21 30.40 19.91 26.60
C ALA L 21 29.37 19.18 27.45
N SER L 22 29.57 19.10 28.75
CA SER L 22 28.65 18.33 29.58
C SER L 22 27.25 18.85 29.37
N ALA L 23 26.30 17.94 29.33
CA ALA L 23 24.92 18.28 29.03
C ALA L 23 24.32 19.26 30.01
N GLU L 24 24.60 19.08 31.29
CA GLU L 24 24.06 19.96 32.31
C GLU L 24 24.54 21.37 32.08
N ILE L 25 25.82 21.50 31.76
CA ILE L 25 26.42 22.78 31.42
C ILE L 25 25.87 23.36 30.11
N GLU L 26 25.71 22.49 29.12
CA GLU L 26 25.15 22.86 27.85
C GLU L 26 23.71 23.27 28.04
N ALA L 27 23.00 22.50 28.86
CA ALA L 27 21.61 22.76 29.11
C ALA L 27 21.43 24.10 29.79
N LEU L 28 22.29 24.39 30.74
CA LEU L 28 22.25 25.64 31.45
C LEU L 28 22.53 26.82 30.53
N ARG L 29 23.52 26.67 29.67
CA ARG L 29 23.86 27.68 28.69
C ARG L 29 22.71 27.97 27.73
N SER L 30 21.96 26.93 27.37
CA SER L 30 20.77 27.04 26.54
C SER L 30 19.62 27.79 27.19
N GLN L 31 19.45 27.61 28.48
CA GLN L 31 18.44 28.34 29.22
C GLN L 31 18.84 29.82 29.29
N ALA L 32 20.11 30.08 29.53
CA ALA L 32 20.51 31.47 29.68
C ALA L 32 20.34 32.20 28.33
N GLY L 33 20.82 31.56 27.26
CA GLY L 33 20.61 32.06 25.91
C GLY L 33 19.18 32.50 25.61
N ARG L 34 18.22 31.57 25.80
CA ARG L 34 16.83 31.88 25.52
C ARG L 34 16.44 33.05 26.37
N LEU L 35 16.76 32.98 27.67
CA LEU L 35 16.27 33.97 28.62
C LEU L 35 16.83 35.37 28.36
N LYS L 36 18.11 35.40 28.02
CA LYS L 36 18.79 36.62 27.69
C LYS L 36 18.02 37.27 26.55
N LEU L 37 17.68 36.46 25.55
CA LEU L 37 17.16 37.05 24.33
C LEU L 37 15.77 37.60 24.57
N GLU L 38 15.00 36.95 25.42
CA GLU L 38 13.68 37.47 25.72
C GLU L 38 13.81 38.77 26.49
N ILE L 39 14.74 38.83 27.44
CA ILE L 39 14.92 40.01 28.28
C ILE L 39 15.39 41.17 27.43
N ASN L 40 16.35 40.90 26.57
CA ASN L 40 16.94 41.93 25.73
C ASN L 40 16.02 42.55 24.66
N GLN L 41 14.92 41.89 24.35
CA GLN L 41 14.00 42.41 23.35
C GLN L 41 12.67 42.68 23.97
N SER L 42 12.57 42.54 25.28
CA SER L 42 11.30 42.89 25.90
C SER L 42 11.20 44.42 26.03
N LEU L 43 10.01 44.97 25.81
CA LEU L 43 9.83 46.39 26.07
C LEU L 43 9.13 46.58 27.40
N ASP L 44 8.85 45.49 28.07
CA ASP L 44 8.07 45.50 29.33
C ASP L 44 9.03 45.35 30.50
N GLU L 45 9.23 46.44 31.22
CA GLU L 45 10.13 46.45 32.36
C GLU L 45 9.80 45.31 33.35
N ALA L 46 8.52 45.11 33.66
CA ALA L 46 8.10 44.07 34.60
C ALA L 46 8.39 42.67 34.06
N GLU L 47 8.24 42.49 32.75
CA GLU L 47 8.52 41.19 32.13
C GLU L 47 10.04 40.94 32.19
N ARG L 48 10.82 41.98 31.94
CA ARG L 48 12.26 41.86 32.06
C ARG L 48 12.66 41.45 33.51
N TYR L 49 12.13 42.17 34.49
CA TYR L 49 12.36 41.83 35.87
C TYR L 49 11.98 40.36 36.21
N ALA L 50 10.75 39.95 35.91
CA ALA L 50 10.33 38.58 36.18
C ALA L 50 11.20 37.52 35.47
N LEU L 51 11.55 37.76 34.21
CA LEU L 51 12.48 36.86 33.53
C LEU L 51 13.89 36.96 34.11
N GLN L 52 14.28 38.13 34.61
CA GLN L 52 15.62 38.18 35.21
C GLN L 52 15.69 37.28 36.45
N ARG L 53 14.57 37.19 37.17
CA ARG L 53 14.52 36.33 38.34
C ARG L 53 14.68 34.87 37.98
N GLU L 54 14.52 34.56 36.72
CA GLU L 54 14.63 33.17 36.28
C GLU L 54 16.02 32.97 35.67
N LEU L 55 16.56 34.06 35.16
CA LEU L 55 17.91 34.02 34.59
C LEU L 55 18.94 33.81 35.73
N PHE L 56 18.80 34.63 36.78
CA PHE L 56 19.84 34.81 37.80
C PHE L 56 19.67 33.86 39.00
N GLY L 57 20.70 33.76 39.83
CA GLY L 57 20.63 32.93 41.03
C GLY L 57 19.73 33.65 42.00
N HIS L 58 19.83 34.98 42.01
CA HIS L 58 19.04 35.85 42.90
C HIS L 58 19.03 37.24 42.33
N LEU L 59 17.90 37.93 42.41
CA LEU L 59 17.89 39.33 42.00
C LEU L 59 16.98 40.12 42.93
N GLY L 60 17.55 41.12 43.60
CA GLY L 60 16.92 41.67 44.78
C GLY L 60 15.87 42.73 44.58
N HIS L 61 15.29 43.14 45.71
CA HIS L 61 14.29 44.17 45.74
C HIS L 61 14.80 45.50 45.15
N LYS L 62 14.01 46.08 44.24
CA LYS L 62 14.27 47.43 43.73
C LYS L 62 15.58 47.52 42.97
N SER L 63 15.99 46.44 42.32
CA SER L 63 17.23 46.46 41.59
C SER L 63 16.96 46.49 40.09
N CYS L 64 17.81 47.17 39.33
CA CYS L 64 17.60 47.32 37.89
C CYS L 64 18.77 46.83 37.06
N VAL L 65 18.46 46.00 36.06
CA VAL L 65 19.46 45.53 35.12
C VAL L 65 19.03 45.87 33.70
N GLN L 66 19.70 46.86 33.10
CA GLN L 66 19.26 47.45 31.85
C GLN L 66 19.71 46.63 30.67
N PRO L 67 18.80 46.38 29.72
CA PRO L 67 19.05 45.66 28.45
C PRO L 67 19.93 46.49 27.54
N PRO L 68 20.71 45.82 26.69
CA PRO L 68 20.91 44.38 26.73
C PRO L 68 21.96 43.97 27.77
N PHE L 69 21.77 42.78 28.32
CA PHE L 69 22.66 42.21 29.31
C PHE L 69 23.13 40.86 28.77
N HIS L 70 24.43 40.60 28.89
CA HIS L 70 25.02 39.36 28.35
C HIS L 70 25.76 38.54 29.39
N CYS L 71 25.39 37.27 29.46
CA CYS L 71 26.07 36.35 30.36
C CYS L 71 26.04 34.97 29.76
N GLU L 72 26.71 34.04 30.41
CA GLU L 72 26.84 32.73 29.83
C GLU L 72 25.86 31.76 30.51
N PHE L 73 25.68 31.87 31.84
CA PHE L 73 24.95 30.83 32.59
C PHE L 73 23.79 31.36 33.41
N GLY L 74 23.89 32.61 33.84
CA GLY L 74 22.84 33.20 34.62
C GLY L 74 22.79 32.85 36.10
N LYS L 75 22.79 31.55 36.43
CA LYS L 75 22.41 31.12 37.78
C LYS L 75 23.52 31.33 38.81
N THR L 76 24.74 31.47 38.33
CA THR L 76 25.87 31.78 39.16
C THR L 76 25.81 33.20 39.71
N ILE L 77 24.98 34.06 39.15
CA ILE L 77 24.95 35.45 39.54
C ILE L 77 23.92 35.80 40.60
N ARG L 78 24.35 36.46 41.65
CA ARG L 78 23.42 36.95 42.65
C ARG L 78 23.57 38.44 42.89
N ILE L 79 22.45 39.13 42.99
CA ILE L 79 22.48 40.57 42.99
C ILE L 79 21.58 41.06 44.10
N GLY L 80 22.12 41.94 44.93
CA GLY L 80 21.42 42.40 46.12
C GLY L 80 20.34 43.42 45.83
N ASP L 81 19.97 44.16 46.86
CA ASP L 81 18.88 45.11 46.86
C ASP L 81 19.36 46.51 46.50
N HIS L 82 18.44 47.31 45.94
CA HIS L 82 18.75 48.69 45.51
C HIS L 82 20.04 48.77 44.74
N THR L 83 20.21 47.88 43.78
CA THR L 83 21.43 47.80 42.98
C THR L 83 21.12 47.98 41.49
N PHE L 84 21.91 48.80 40.80
CA PHE L 84 21.64 49.21 39.43
C PHE L 84 22.78 48.84 38.47
N ILE L 85 22.45 48.13 37.38
CA ILE L 85 23.45 47.72 36.42
C ILE L 85 23.08 48.25 35.05
N ASN L 86 23.91 49.13 34.51
CA ASN L 86 23.57 49.83 33.28
C ASN L 86 23.69 48.94 32.04
N MSE L 87 23.47 49.52 30.87
CA MSE L 87 23.41 48.77 29.60
C MSE L 87 24.67 48.06 29.15
O MSE L 87 25.80 48.51 29.38
CB MSE L 87 22.98 49.69 28.45
CG MSE L 87 22.03 50.77 28.87
SE MSE L 87 21.24 51.76 27.38
CE MSE L 87 19.79 52.60 28.40
N ASN L 88 24.47 46.94 28.44
CA ASN L 88 25.49 46.41 27.57
C ASN L 88 26.66 45.83 28.39
N VAL L 89 26.36 45.47 29.62
CA VAL L 89 27.30 44.79 30.47
C VAL L 89 27.47 43.31 30.06
N VAL L 90 28.70 42.80 30.18
CA VAL L 90 29.01 41.40 29.88
C VAL L 90 29.57 40.71 31.15
N MSE L 91 28.98 39.56 31.53
CA MSE L 91 29.50 38.70 32.61
C MSE L 91 29.82 37.25 32.21
O MSE L 91 28.93 36.50 31.80
CB MSE L 91 28.53 38.67 33.78
CG MSE L 91 28.49 40.00 34.52
SE MSE L 91 27.42 40.05 36.11
CE MSE L 91 27.36 41.98 36.48
N LEU L 92 31.09 36.88 32.32
CA LEU L 92 31.49 35.48 32.10
C LEU L 92 31.39 34.76 33.43
N ASP L 93 30.32 34.00 33.60
CA ASP L 93 29.87 33.67 34.92
C ASP L 93 29.95 32.17 35.20
N GLY L 94 30.98 31.53 34.68
CA GLY L 94 31.20 30.12 34.94
C GLY L 94 31.46 29.90 36.43
N ALA L 95 31.91 30.94 37.13
CA ALA L 95 32.05 30.88 38.60
C ALA L 95 31.18 31.94 39.23
N PRO L 96 30.86 31.77 40.54
CA PRO L 96 29.88 32.67 41.16
C PRO L 96 30.27 34.14 41.12
N ILE L 97 29.25 34.97 40.93
CA ILE L 97 29.43 36.39 40.96
C ILE L 97 28.37 36.92 41.94
N THR L 98 28.85 37.42 43.05
CA THR L 98 27.96 37.87 44.07
C THR L 98 28.11 39.37 44.17
N ILE L 99 26.99 40.08 44.10
CA ILE L 99 27.05 41.54 44.07
C ILE L 99 26.10 42.00 45.13
N GLY L 100 26.54 42.98 45.90
CA GLY L 100 25.83 43.37 47.10
C GLY L 100 24.82 44.45 46.83
N ASP L 101 24.40 45.14 47.89
CA ASP L 101 23.38 46.18 47.91
C ASP L 101 23.90 47.57 47.55
N HIS L 102 23.06 48.39 46.90
CA HIS L 102 23.42 49.77 46.60
C HIS L 102 24.68 49.85 45.74
N VAL L 103 24.82 48.91 44.81
CA VAL L 103 25.97 48.87 43.94
C VAL L 103 25.53 49.50 42.61
N LEU L 104 26.40 50.32 42.02
CA LEU L 104 26.16 50.86 40.68
C LEU L 104 27.23 50.41 39.73
N ILE L 105 26.82 49.81 38.61
CA ILE L 105 27.75 49.31 37.61
C ILE L 105 27.42 49.99 36.29
N GLY L 106 28.43 50.69 35.76
CA GLY L 106 28.28 51.50 34.59
C GLY L 106 28.27 50.67 33.34
N PRO L 107 27.90 51.29 32.20
CA PRO L 107 27.73 50.69 30.86
C PRO L 107 28.94 49.96 30.32
N SER L 108 28.70 48.83 29.67
CA SER L 108 29.78 48.12 28.98
C SER L 108 30.88 47.62 29.91
N THR L 109 30.57 47.52 31.19
CA THR L 109 31.53 46.91 32.09
C THR L 109 31.51 45.38 31.88
N GLN L 110 32.68 44.78 32.01
CA GLN L 110 32.89 43.36 31.80
C GLN L 110 33.23 42.66 33.16
N PHE L 111 32.70 41.47 33.41
CA PHE L 111 33.13 40.63 34.56
C PHE L 111 33.62 39.29 34.04
N TYR L 112 34.87 38.93 34.30
CA TYR L 112 35.46 37.73 33.71
C TYR L 112 35.90 36.78 34.80
N THR L 113 35.01 35.97 35.33
CA THR L 113 35.43 34.93 36.28
C THR L 113 36.33 33.90 35.58
N ALA L 114 36.30 33.94 34.26
CA ALA L 114 36.99 33.00 33.39
C ALA L 114 38.39 33.44 32.96
N SER L 115 39.27 32.47 32.79
CA SER L 115 40.63 32.70 32.39
C SER L 115 41.31 31.46 31.84
N HIS L 116 42.48 31.64 31.27
CA HIS L 116 43.28 30.58 30.68
C HIS L 116 44.73 30.67 31.08
N SER L 117 45.46 29.60 30.83
CA SER L 117 46.90 29.56 31.04
C SER L 117 47.68 30.33 29.99
N LEU L 118 48.81 30.88 30.42
CA LEU L 118 49.75 31.57 29.56
C LEU L 118 50.44 30.63 28.56
N ASP L 119 50.65 29.37 28.98
CA ASP L 119 51.21 28.31 28.12
C ASP L 119 50.20 27.87 27.01
N TYR L 120 50.47 28.24 25.76
CA TYR L 120 49.57 27.89 24.68
C TYR L 120 49.32 26.38 24.60
N ARG L 121 50.22 25.56 25.09
N ARG L 121 50.23 25.56 25.09
CA ARG L 121 50.03 24.13 25.06
CA ARG L 121 49.99 24.13 25.03
C ARG L 121 48.84 23.74 25.91
C ARG L 121 48.82 23.73 25.89
N ARG L 122 48.55 24.56 26.90
CA ARG L 122 47.46 24.27 27.83
C ARG L 122 46.15 24.98 27.49
N ARG L 123 46.10 25.62 26.32
CA ARG L 123 44.90 26.35 25.85
C ARG L 123 44.22 25.66 24.67
N GLN L 124 44.78 24.54 24.24
CA GLN L 124 44.38 23.99 22.98
C GLN L 124 43.07 23.21 23.03
N ALA L 125 42.64 22.81 24.21
CA ALA L 125 41.31 22.22 24.37
C ALA L 125 40.39 23.24 25.04
N TRP L 126 40.73 24.51 24.89
CA TRP L 126 39.98 25.59 25.52
C TRP L 126 39.88 25.41 27.04
N GLU L 127 40.91 24.82 27.65
CA GLU L 127 40.92 24.73 29.11
C GLU L 127 40.73 26.11 29.73
N THR L 128 39.86 26.15 30.72
CA THR L 128 39.39 27.35 31.38
C THR L 128 39.32 27.15 32.92
N ILE L 129 39.84 28.12 33.68
CA ILE L 129 39.64 28.17 35.11
C ILE L 129 38.68 29.27 35.49
N CYS L 130 37.63 28.95 36.25
CA CYS L 130 36.76 30.00 36.75
C CYS L 130 36.97 30.32 38.25
N LYS L 131 37.10 31.62 38.54
CA LYS L 131 37.22 32.08 39.93
C LYS L 131 36.17 33.14 40.29
N PRO L 132 35.64 33.06 41.50
CA PRO L 132 34.49 33.92 41.82
C PRO L 132 34.81 35.41 41.85
N ILE L 133 33.82 36.26 41.59
CA ILE L 133 33.96 37.70 41.81
C ILE L 133 32.96 38.15 42.85
N VAL L 134 33.48 38.98 43.77
CA VAL L 134 32.67 39.57 44.84
C VAL L 134 32.72 41.12 44.84
N ILE L 135 31.56 41.74 44.71
CA ILE L 135 31.44 43.20 44.85
C ILE L 135 30.64 43.45 46.10
N GLU L 136 31.18 44.27 46.99
CA GLU L 136 30.48 44.44 48.26
C GLU L 136 29.45 45.55 48.18
N ASP L 137 28.66 45.73 49.23
CA ASP L 137 27.64 46.78 49.29
C ASP L 137 28.21 48.17 48.96
N ASP L 138 27.45 49.02 48.26
CA ASP L 138 27.77 50.46 48.21
C ASP L 138 28.98 50.86 47.34
N VAL L 139 29.35 49.96 46.44
CA VAL L 139 30.40 50.16 45.46
C VAL L 139 29.85 50.89 44.22
N TRP L 140 30.68 51.73 43.62
CA TRP L 140 30.38 52.32 42.31
C TRP L 140 31.45 51.99 41.26
N ILE L 141 31.12 51.12 40.31
CA ILE L 141 32.03 50.76 39.22
C ILE L 141 31.65 51.52 37.97
N GLY L 142 32.63 52.23 37.40
CA GLY L 142 32.44 53.09 36.23
C GLY L 142 32.15 52.36 34.93
N GLY L 143 32.04 53.13 33.85
CA GLY L 143 31.76 52.60 32.52
C GLY L 143 32.97 51.94 31.92
N ASN L 144 32.74 50.90 31.13
CA ASN L 144 33.80 50.22 30.38
C ASN L 144 34.96 49.66 31.21
N VAL L 145 34.66 49.18 32.41
CA VAL L 145 35.68 48.62 33.31
C VAL L 145 35.80 47.13 33.10
N VAL L 146 37.00 46.60 33.26
CA VAL L 146 37.12 45.14 33.32
C VAL L 146 37.36 44.67 34.77
N ILE L 147 36.54 43.77 35.31
CA ILE L 147 36.86 43.08 36.55
C ILE L 147 37.28 41.64 36.20
N ASN L 148 38.55 41.31 36.43
CA ASN L 148 39.06 39.95 36.25
C ASN L 148 38.73 38.97 37.39
N GLN L 149 39.16 37.72 37.23
CA GLN L 149 38.68 36.58 38.03
C GLN L 149 39.27 36.62 39.45
N GLY L 150 38.54 36.05 40.42
CA GLY L 150 39.06 35.97 41.78
C GLY L 150 39.08 37.29 42.56
N VAL L 151 38.51 38.34 41.98
CA VAL L 151 38.54 39.67 42.60
C VAL L 151 37.41 39.97 43.60
N THR L 152 37.77 40.71 44.63
CA THR L 152 36.81 41.29 45.57
C THR L 152 36.96 42.79 45.58
N ILE L 153 35.85 43.51 45.42
CA ILE L 153 35.90 44.95 45.56
C ILE L 153 35.33 45.31 46.90
N GLY L 154 36.14 45.92 47.77
CA GLY L 154 35.68 46.28 49.10
C GLY L 154 34.48 47.22 49.10
N ALA L 155 33.72 47.18 50.18
CA ALA L 155 32.60 48.07 50.40
C ALA L 155 32.96 49.52 50.18
N ARG L 156 32.00 50.30 49.67
CA ARG L 156 32.07 51.78 49.61
C ARG L 156 33.26 52.26 48.80
N SER L 157 33.72 51.42 47.88
CA SER L 157 34.75 51.84 46.93
C SER L 157 34.28 52.24 45.50
N VAL L 158 35.19 52.89 44.79
CA VAL L 158 34.91 53.41 43.47
C VAL L 158 35.97 53.00 42.50
N VAL L 159 35.52 52.48 41.34
CA VAL L 159 36.42 52.11 40.23
C VAL L 159 36.25 53.03 39.03
N ALA L 160 37.29 53.79 38.70
CA ALA L 160 37.26 54.76 37.63
C ALA L 160 36.98 54.10 36.27
N ALA L 161 36.50 54.92 35.33
CA ALA L 161 36.23 54.48 33.96
C ALA L 161 37.42 53.77 33.28
N ASN L 162 37.11 52.66 32.63
CA ASN L 162 38.05 51.97 31.75
C ASN L 162 39.18 51.35 32.52
N SER L 163 38.99 51.18 33.83
CA SER L 163 39.95 50.44 34.65
C SER L 163 39.98 48.94 34.28
N VAL L 164 41.12 48.31 34.45
CA VAL L 164 41.16 46.86 34.58
C VAL L 164 41.57 46.41 36.00
N VAL L 165 40.65 45.81 36.72
CA VAL L 165 40.92 45.39 38.09
C VAL L 165 41.39 43.93 38.12
N ASN L 166 42.64 43.70 38.56
CA ASN L 166 43.23 42.34 38.58
C ASN L 166 43.33 41.79 39.98
N GLN L 167 43.26 42.69 40.95
CA GLN L 167 43.43 42.39 42.35
C GLN L 167 42.30 42.99 43.18
N ASP L 168 42.13 42.44 44.38
CA ASP L 168 41.19 43.00 45.33
C ASP L 168 41.39 44.49 45.44
N VAL L 169 40.29 45.16 45.73
CA VAL L 169 40.26 46.58 45.96
C VAL L 169 39.84 46.76 47.40
N PRO L 170 40.55 47.61 48.13
CA PRO L 170 40.21 47.90 49.51
C PRO L 170 38.89 48.67 49.60
N PRO L 171 38.21 48.55 50.71
CA PRO L 171 36.98 49.27 50.96
C PRO L 171 37.25 50.75 51.16
N ASP L 172 36.26 51.59 50.91
CA ASP L 172 36.39 53.04 51.07
C ASP L 172 37.54 53.64 50.26
N THR L 173 37.65 53.24 49.01
CA THR L 173 38.79 53.64 48.20
C THR L 173 38.41 53.90 46.74
N LEU L 174 39.10 54.87 46.14
CA LEU L 174 39.02 55.13 44.71
C LEU L 174 40.23 54.50 44.06
N VAL L 175 40.03 53.61 43.09
CA VAL L 175 41.15 53.08 42.30
C VAL L 175 40.82 53.37 40.85
N GLY L 176 41.85 53.31 39.98
CA GLY L 176 41.72 53.60 38.56
C GLY L 176 42.94 53.13 37.80
N GLY L 177 42.73 52.75 36.54
CA GLY L 177 43.88 52.48 35.70
C GLY L 177 44.01 51.05 35.25
N THR L 178 45.08 50.78 34.50
CA THR L 178 45.26 49.48 33.88
C THR L 178 46.72 49.03 34.02
N PRO L 179 47.00 48.21 35.05
CA PRO L 179 46.03 47.77 36.05
C PRO L 179 45.66 48.83 37.07
N ALA L 180 44.58 48.59 37.79
CA ALA L 180 44.08 49.60 38.72
C ALA L 180 45.06 49.79 39.88
N ARG L 181 45.31 51.05 40.23
CA ARG L 181 46.15 51.42 41.37
C ARG L 181 45.28 52.26 42.31
N ILE L 182 45.64 52.32 43.60
CA ILE L 182 44.89 53.20 44.49
C ILE L 182 45.11 54.67 44.13
N LEU L 183 44.02 55.45 44.10
CA LEU L 183 44.07 56.85 43.66
C LEU L 183 43.81 57.76 44.84
N ARG L 184 42.85 57.38 45.66
CA ARG L 184 42.47 58.18 46.81
C ARG L 184 41.76 57.31 47.87
N SER L 185 41.94 57.66 49.14
CA SER L 185 41.11 57.10 50.20
C SER L 185 39.78 57.85 50.26
N LEU L 186 38.65 57.13 50.38
CA LEU L 186 37.36 57.83 50.42
C LEU L 186 36.78 57.95 51.84
N LYS L 187 37.54 57.45 52.81
CA LYS L 187 37.20 57.61 54.20
C LYS L 187 37.86 58.89 54.71
N ASP L 188 37.02 59.67 55.37
CA ASP L 188 37.40 60.79 56.22
C ASP L 188 36.25 61.71 56.59
N1A ACO M . -44.67 -58.95 -24.21
C2A ACO M . -45.96 -59.29 -24.37
N3A ACO M . -46.35 -60.55 -24.36
C4A ACO M . -45.46 -61.54 -24.18
C5A ACO M . -44.13 -61.24 -24.02
C6A ACO M . -43.74 -59.90 -24.03
N6A ACO M . -42.41 -59.54 -23.85
N7A ACO M . -43.47 -62.41 -23.88
C8A ACO M . -44.36 -63.40 -23.95
N9A ACO M . -45.56 -62.88 -24.15
C1B ACO M . -46.84 -63.58 -24.26
C2B ACO M . -46.92 -64.68 -25.24
O2B ACO M . -47.66 -64.22 -26.28
C3B ACO M . -47.71 -65.63 -24.53
O3B ACO M . -48.98 -65.08 -24.62
P3B ACO M . -50.20 -65.87 -25.17
O7A ACO M . -51.42 -65.38 -24.43
O8A ACO M . -50.38 -65.49 -26.57
O9A ACO M . -50.02 -67.30 -24.97
C4B ACO M . -47.25 -65.48 -23.17
O4B ACO M . -47.23 -64.06 -23.04
C5B ACO M . -45.90 -65.96 -23.03
O5B ACO M . -45.67 -67.12 -22.29
P1A ACO M . -44.33 -67.88 -22.50
O1A ACO M . -44.63 -69.38 -22.67
O2A ACO M . -43.58 -67.35 -23.68
O3A ACO M . -43.43 -67.82 -21.23
P2A ACO M . -43.79 -67.03 -19.97
O4A ACO M . -45.22 -66.64 -20.09
O5A ACO M . -43.53 -67.85 -18.72
O6A ACO M . -42.85 -65.73 -20.00
CBP ACO M . -42.64 -63.23 -19.99
CCP ACO M . -43.32 -64.46 -19.48
CDP ACO M . -42.36 -63.34 -21.51
CEP ACO M . -43.52 -62.03 -19.72
CAP ACO M . -41.28 -63.07 -19.26
OAP ACO M . -40.69 -64.33 -19.11
C9P ACO M . -40.30 -62.20 -19.94
O9P ACO M . -40.47 -61.90 -21.07
N8P ACO M . -39.28 -61.47 -19.14
C7P ACO M . -38.29 -60.60 -19.79
C6P ACO M . -36.83 -60.94 -19.49
C5P ACO M . -36.02 -59.83 -18.93
O5P ACO M . -36.44 -58.67 -18.99
N4P ACO M . -34.68 -60.06 -18.64
C3P ACO M . -33.94 -59.19 -17.79
C2P ACO M . -34.31 -59.35 -16.29
S1P ACO M . -32.98 -59.37 -15.09
C ACO M . -32.86 -57.84 -14.17
O ACO M . -31.73 -57.32 -13.96
CH3 ACO M . -34.04 -57.32 -13.34
C ACY N . -12.71 -42.06 -32.85
O ACY N . -13.23 -41.24 -32.04
OXT ACY N . -11.84 -42.92 -32.56
CH3 ACY N . -13.17 -42.03 -34.27
C ACY O . -26.85 -63.23 -6.55
O ACY O . -27.20 -64.05 -7.42
OXT ACY O . -26.54 -63.55 -5.38
CH3 ACY O . -26.77 -61.77 -6.90
N1A ACO P . -41.61 -55.57 -36.26
C2A ACO P . -42.47 -56.51 -36.66
N3A ACO P . -42.94 -56.53 -37.89
C4A ACO P . -42.58 -55.59 -38.79
C5A ACO P . -41.70 -54.59 -38.40
C6A ACO P . -41.22 -54.60 -37.10
N6A ACO P . -40.32 -53.62 -36.65
N7A ACO P . -41.51 -53.79 -39.47
C8A ACO P . -42.24 -54.27 -40.49
N9A ACO P . -42.91 -55.33 -40.07
C1B ACO P . -43.78 -56.19 -40.87
C2B ACO P . -45.01 -55.63 -41.48
O2B ACO P . -46.04 -55.69 -40.59
C3B ACO P . -45.21 -56.56 -42.56
O3B ACO P . -46.01 -57.60 -42.07
P3B ACO P . -47.21 -58.19 -42.86
O7A ACO P . -47.38 -59.57 -42.29
O8A ACO P . -48.42 -57.42 -42.50
O9A ACO P . -47.04 -58.23 -44.31
C4B ACO P . -43.87 -57.05 -42.91
O4B ACO P . -43.00 -56.55 -41.92
C5B ACO P . -43.42 -56.40 -44.13
O5B ACO P . -42.33 -55.52 -43.99
P1A ACO P . -42.02 -54.27 -44.93
O1A ACO P . -43.17 -54.07 -45.93
O2A ACO P . -41.84 -52.98 -44.16
O3A ACO P . -40.70 -54.48 -45.74
P2A ACO P . -39.43 -55.15 -45.17
O4A ACO P . -39.57 -56.63 -45.30
O5A ACO P . -38.18 -54.66 -45.89
O6A ACO P . -39.30 -54.83 -43.59
CBP ACO P . -37.97 -55.18 -41.43
CCP ACO P . -38.11 -55.29 -42.91
CDP ACO P . -39.29 -55.62 -40.74
CEP ACO P . -36.86 -56.10 -40.97
CAP ACO P . -37.61 -53.71 -41.07
OAP ACO P . -38.71 -52.84 -41.16
C9P ACO P . -36.89 -53.43 -39.80
O9P ACO P . -37.48 -52.89 -38.93
N8P ACO P . -35.43 -53.20 -39.89
C7P ACO P . -34.73 -52.48 -38.84
C6P ACO P . -33.69 -51.46 -39.30
C5P ACO P . -32.67 -51.03 -38.32
O5P ACO P . -32.71 -51.42 -37.15
N4P ACO P . -31.57 -50.34 -38.79
C3P ACO P . -30.41 -50.08 -37.99
C2P ACO P . -29.06 -50.61 -38.56
S1P ACO P . -28.48 -52.14 -37.82
C ACO P . -26.72 -51.98 -37.52
O ACO P . -26.28 -50.94 -36.98
CH3 ACO P . -25.79 -53.14 -37.83
C1 GOL Q . -22.81 -48.89 -41.35
O1 GOL Q . -21.41 -48.81 -41.19
C2 GOL Q . -23.41 -49.60 -40.14
O2 GOL Q . -23.64 -50.96 -40.47
C3 GOL Q . -24.73 -48.94 -39.78
O3 GOL Q . -24.49 -47.62 -39.37
CL CL R . -18.30 -49.67 -45.07
C ACY S . -43.54 -22.74 -36.32
O ACY S . -44.04 -23.78 -35.85
OXT ACY S . -42.36 -22.39 -36.14
CH3 ACY S . -44.37 -21.83 -37.18
N1A ACO T . -48.62 -47.80 -28.66
C2A ACO T . -49.68 -47.97 -29.45
N3A ACO T . -50.88 -47.54 -29.09
C4A ACO T . -51.05 -46.90 -27.93
C5A ACO T . -49.99 -46.69 -27.09
C6A ACO T . -48.74 -47.16 -27.49
N6A ACO T . -47.63 -46.96 -26.67
N7A ACO T . -50.43 -46.03 -26.02
C8A ACO T . -51.74 -45.82 -26.17
N9A ACO T . -52.12 -46.37 -27.32
C1B ACO T . -53.45 -46.36 -27.93
C2B ACO T . -54.55 -47.06 -27.20
O2B ACO T . -54.49 -48.41 -27.41
C3B ACO T . -55.72 -46.45 -27.80
O3B ACO T . -56.14 -47.17 -28.93
P3B ACO T . -57.64 -47.38 -29.37
O7A ACO T . -57.64 -47.31 -30.87
O8A ACO T . -58.07 -48.75 -29.04
O9A ACO T . -58.53 -46.41 -28.79
C4B ACO T . -55.29 -45.13 -28.23
O4B ACO T . -53.88 -45.08 -28.06
C5B ACO T . -55.87 -44.13 -27.38
O5B ACO T . -55.08 -43.30 -26.58
P1A ACO T . -55.38 -43.23 -25.05
O1A ACO T . -56.87 -43.56 -24.89
O2A ACO T . -54.52 -44.17 -24.28
O3A ACO T . -55.28 -41.78 -24.50
P2A ACO T . -54.25 -40.73 -24.90
O4A ACO T . -54.71 -40.08 -26.15
O5A ACO T . -54.05 -39.70 -23.79
O6A ACO T . -52.88 -41.48 -25.17
CBP ACO T . -50.56 -41.23 -26.02
CCP ACO T . -51.72 -40.66 -25.30
CDP ACO T . -51.03 -42.07 -27.24
CEP ACO T . -49.70 -40.08 -26.51
CAP ACO T . -49.81 -42.14 -25.02
OAP ACO T . -50.27 -43.47 -25.08
C9P ACO T . -48.34 -42.09 -25.13
O9P ACO T . -47.71 -43.03 -25.47
N8P ACO T . -47.65 -40.92 -24.57
C7P ACO T . -46.22 -40.92 -24.48
C6P ACO T . -45.58 -40.09 -23.38
C5P ACO T . -44.12 -40.24 -23.40
O5P ACO T . -43.60 -40.97 -24.24
N4P ACO T . -43.35 -39.54 -22.49
C3P ACO T . -41.93 -39.44 -22.62
C2P ACO T . -41.31 -38.19 -21.96
S1P ACO T . -41.97 -36.60 -22.48
C ACO T . -40.67 -35.78 -23.43
O ACO T . -39.46 -35.96 -23.16
CH3 ACO T . -40.97 -35.09 -24.76
CL CL U . -52.21 -52.38 -17.47
MG MG V . -43.39 -52.06 -26.29
MG MG V . -43.28 -53.01 -27.07
N1A ACO W . 23.51 -32.06 -4.24
C2A ACO W . 24.83 -31.81 -4.26
N3A ACO W . 25.69 -32.49 -3.49
C4A ACO W . 25.24 -33.45 -2.66
C5A ACO W . 23.88 -33.75 -2.61
C6A ACO W . 23.01 -33.03 -3.43
N6A ACO W . 21.63 -33.37 -3.43
N7A ACO W . 23.69 -34.75 -1.72
C8A ACO W . 24.91 -35.06 -1.23
N9A ACO W . 25.85 -34.29 -1.79
C1B ACO W . 27.28 -34.34 -1.50
C2B ACO W . 27.40 -33.91 -0.07
O2B ACO W . 27.92 -32.63 0.10
C3B ACO W . 28.23 -34.88 0.58
O3B ACO W . 29.30 -34.20 1.19
P3B ACO W . 30.82 -34.13 0.73
O7A ACO W . 30.86 -33.68 -0.72
O8A ACO W . 31.44 -33.07 1.56
O9A ACO W . 31.51 -35.43 0.91
C4B ACO W . 28.60 -35.87 -0.42
O4B ACO W . 27.78 -35.63 -1.60
C5B ACO W . 28.36 -37.20 0.13
O5B ACO W . 27.09 -37.79 0.17
P1A ACO W . 26.37 -38.26 1.52
O1A ACO W . 27.46 -38.53 2.59
O2A ACO W . 25.40 -37.22 2.02
O3A ACO W . 25.58 -39.61 1.39
P2A ACO W . 25.48 -40.59 0.21
O4A ACO W . 26.83 -40.73 -0.46
O5A ACO W . 25.01 -41.94 0.75
O6A ACO W . 24.40 -40.01 -0.86
CBP ACO W . 23.84 -39.04 -3.12
CCP ACO W . 24.82 -39.23 -2.01
CDP ACO W . 24.39 -37.96 -4.10
CEP ACO W . 23.68 -40.38 -3.83
CAP ACO W . 22.45 -38.63 -2.57
OAP ACO W . 22.54 -37.56 -1.65
C9P ACO W . 21.39 -38.33 -3.61
O9P ACO W . 21.34 -37.28 -4.17
N8P ACO W . 20.26 -39.28 -3.76
C7P ACO W . 19.00 -38.89 -4.37
C6P ACO W . 17.86 -39.91 -4.22
C5P ACO W . 16.92 -39.97 -5.36
O5P ACO W . 16.91 -39.01 -6.15
N4P ACO W . 15.81 -40.82 -5.25
C3P ACO W . 15.22 -41.64 -6.28
C2P ACO W . 15.25 -43.19 -6.01
S1P ACO W . 14.41 -44.41 -7.07
C ACO W . 14.12 -43.88 -8.76
O ACO W . 13.02 -43.31 -9.03
CH3 ACO W . 14.84 -44.64 -9.89
C ACY X . 14.41 -55.15 -14.69
O ACY X . 13.76 -54.81 -15.68
OXT ACY X . 15.65 -55.14 -14.62
CH3 ACY X . 13.63 -55.64 -13.51
N1A ACO Y . 17.37 -21.81 -0.08
C2A ACO Y . 18.51 -21.72 0.60
N3A ACO Y . 18.82 -20.65 1.31
C4A ACO Y . 17.99 -19.61 1.35
C5A ACO Y . 16.79 -19.66 0.67
C6A ACO Y . 16.50 -20.80 -0.06
N6A ACO Y . 15.32 -20.91 -0.80
N7A ACO Y . 16.16 -18.49 0.88
C8A ACO Y . 16.91 -17.74 1.69
N9A ACO Y . 18.03 -18.40 1.94
C1B ACO Y . 19.11 -17.98 2.83
C2B ACO Y . 19.75 -16.66 2.56
O2B ACO Y . 20.92 -16.87 1.86
C3B ACO Y . 20.11 -16.18 3.87
O3B ACO Y . 21.42 -16.61 4.09
P3B ACO Y . 22.39 -16.12 5.21
O7A ACO Y . 22.38 -17.10 6.33
O8A ACO Y . 23.75 -16.16 4.68
O9A ACO Y . 22.08 -14.79 5.68
C4B ACO Y . 19.17 -16.85 4.77
O4B ACO Y . 18.48 -17.85 4.03
C5B ACO Y . 18.18 -15.95 5.30
O5B ACO Y . 17.02 -15.79 4.55
P1A ACO Y . 16.39 -14.38 4.32
O1A ACO Y . 17.29 -13.40 5.06
O2A ACO Y . 16.32 -14.04 2.88
O3A ACO Y . 14.99 -14.18 4.95
P2A ACO Y . 14.05 -15.19 5.60
O4A ACO Y . 14.61 -15.69 6.86
O5A ACO Y . 12.71 -14.51 5.83
O6A ACO Y . 13.89 -16.42 4.62
CBP ACO Y . 12.41 -18.17 3.68
CCP ACO Y . 12.55 -16.80 4.23
CDP ACO Y . 13.76 -18.92 3.83
CEP ACO Y . 11.33 -18.90 4.44
CAP ACO Y . 12.04 -18.04 2.19
OAP ACO Y . 12.99 -17.37 1.38
C9P ACO Y . 11.54 -19.25 1.50
O9P ACO Y . 12.27 -20.05 1.02
N8P ACO Y . 10.11 -19.57 1.68
C7P ACO Y . 9.50 -20.60 0.88
C6P ACO Y . 8.11 -20.19 0.42
C5P ACO Y . 7.37 -21.25 -0.26
O5P ACO Y . 7.93 -22.23 -0.70
N4P ACO Y . 6.09 -20.95 -0.69
C3P ACO Y . 5.33 -21.91 -1.40
C2P ACO Y . 3.81 -21.72 -1.18
S1P ACO Y . 3.22 -21.91 0.51
C ACO Y . 2.11 -23.33 0.49
O ACO Y . 2.03 -24.03 -0.54
CH3 ACO Y . 1.49 -23.90 1.76
C1 GOL Z . -8.57 -32.10 -2.73
O1 GOL Z . -8.07 -33.37 -2.46
C2 GOL Z . -8.82 -31.44 -1.40
O2 GOL Z . -9.37 -30.13 -1.62
C3 GOL Z . -9.59 -32.45 -0.52
O3 GOL Z . -8.68 -33.23 0.27
CL CL AA . -7.85 -25.77 9.27
C ACY BA . 5.98 -15.34 -31.44
O ACY BA . 4.87 -15.12 -30.95
OXT ACY BA . 6.96 -14.60 -31.27
CH3 ACY BA . 6.16 -16.57 -32.28
N1A ACO CA . 22.28 -22.02 -11.75
C2A ACO CA . 23.22 -21.22 -11.22
N3A ACO CA . 24.32 -20.89 -11.86
C4A ACO CA . 24.54 -21.35 -13.09
C5A ACO CA . 23.62 -22.19 -13.70
C6A ACO CA . 22.47 -22.51 -12.98
N6A ACO CA . 21.49 -23.35 -13.55
N7A ACO CA . 24.09 -22.49 -14.92
C8A ACO CA . 25.28 -21.88 -15.07
N9A ACO CA . 25.55 -21.20 -13.97
C1B ACO CA . 26.72 -20.35 -13.72
C2B ACO CA . 27.85 -21.14 -13.18
O2B ACO CA . 28.27 -20.64 -11.97
C3B ACO CA . 28.89 -20.98 -14.13
O3B ACO CA . 30.14 -20.89 -13.49
P3B ACO CA . 30.71 -19.53 -12.96
O7A ACO CA . 30.15 -19.29 -11.57
O8A ACO CA . 32.17 -19.75 -12.80
O9A ACO CA . 30.47 -18.39 -13.85
C4B ACO CA . 28.53 -19.88 -14.99
O4B ACO CA . 27.12 -19.76 -14.88
C5B ACO CA . 28.80 -20.27 -16.35
O5B ACO CA . 27.86 -20.10 -17.37
P1A ACO CA . 27.82 -21.23 -18.46
O1A ACO CA . 29.23 -21.31 -19.04
O2A ACO CA . 27.47 -22.53 -17.80
O3A ACO CA . 26.84 -20.97 -19.64
P2A ACO CA . 26.23 -19.67 -20.16
O4A ACO CA . 27.20 -18.53 -20.07
O5A ACO CA . 25.82 -19.92 -21.60
O6A ACO CA . 24.97 -19.25 -19.26
CBP ACO CA . 22.49 -19.67 -18.82
CCP ACO CA . 23.64 -19.55 -19.76
CDP ACO CA . 22.91 -19.28 -17.37
CEP ACO CA . 21.39 -18.73 -19.27
CAP ACO CA . 21.98 -21.14 -18.87
OAP ACO CA . 22.93 -22.10 -18.48
C9P ACO CA . 20.71 -21.49 -18.20
O9P ACO CA . 20.75 -22.14 -17.20
N8P ACO CA . 19.53 -21.63 -19.08
C7P ACO CA . 18.41 -22.43 -18.66
C6P ACO CA . 17.94 -23.48 -19.68
C5P ACO CA . 16.58 -23.97 -19.41
O5P ACO CA . 16.00 -23.61 -18.38
N4P ACO CA . 15.87 -24.64 -20.41
C3P ACO CA . 14.48 -24.88 -20.19
C2P ACO CA . 13.50 -24.84 -21.39
S1P ACO CA . 13.72 -23.56 -22.65
C ACO CA . 12.24 -22.54 -22.66
O ACO CA . 11.15 -22.94 -23.14
CH3 ACO CA . 12.24 -21.22 -21.88
C1 GOL DA . -1.02 -25.02 -26.95
O1 GOL DA . -0.76 -26.33 -26.53
C2 GOL DA . -1.41 -24.17 -25.74
O2 GOL DA . -2.67 -24.60 -25.25
C3 GOL DA . -1.49 -22.71 -26.14
O3 GOL DA . -2.11 -21.97 -25.12
C ACY EA . 9.78 27.68 3.86
O ACY EA . 9.52 28.35 4.89
OXT ACY EA . 10.22 26.49 3.86
CH3 ACY EA . 9.51 28.39 2.55
C1 BU1 FA . -3.18 15.57 29.31
C2 BU1 FA . -3.49 14.09 29.27
C3 BU1 FA . -3.94 13.63 27.89
C4 BU1 FA . -4.65 12.29 28.06
O5 BU1 FA . -3.10 15.96 30.69
O6 BU1 FA . -4.68 11.50 26.86
N1A ACO GA . -21.20 19.32 11.25
C2A ACO GA . -22.47 18.91 11.27
N3A ACO GA . -22.79 17.64 11.37
C4A ACO GA . -21.85 16.70 11.44
C5A ACO GA . -20.52 17.06 11.42
C6A ACO GA . -20.22 18.41 11.32
N6A ACO GA . -18.88 18.82 11.30
N7A ACO GA . -19.79 15.94 11.50
C8A ACO GA . -20.64 14.90 11.58
N9A ACO GA . -21.87 15.37 11.52
C1B ACO GA . -23.10 14.59 11.62
C2B ACO GA . -23.38 13.65 10.52
O2B ACO GA . -23.87 14.28 9.41
C3B ACO GA . -24.36 12.80 11.14
O3B ACO GA . -25.63 13.39 11.08
P3B ACO GA . -26.86 12.71 10.41
O7A ACO GA . -28.02 12.96 11.32
O8A ACO GA . -27.12 13.47 9.18
O9A ACO GA . -26.65 11.31 10.13
C4B ACO GA . -24.00 12.78 12.55
O4B ACO GA . -23.01 13.79 12.72
C5B ACO GA . -23.47 11.50 12.90
O5B ACO GA . -22.47 11.41 13.85
P1A ACO GA . -21.20 10.56 13.50
O1A ACO GA . -21.66 9.15 13.13
O2A ACO GA . -20.42 11.15 12.37
O3A ACO GA . -20.30 10.41 14.76
P2A ACO GA . -20.45 11.26 16.04
O4A ACO GA . -21.81 11.87 16.03
O5A ACO GA . -20.27 10.39 17.28
O6A ACO GA . -19.37 12.45 16.05
CBP ACO GA . -18.94 14.93 15.87
CCP ACO GA . -19.61 13.69 15.34
CDP ACO GA . -19.85 16.17 15.64
CEP ACO GA . -18.74 14.76 17.36
CAP ACO GA . -17.55 15.10 15.20
OAP ACO GA . -17.52 14.55 13.90
C9P ACO GA . -16.85 16.43 15.22
O9P ACO GA . -16.83 17.05 14.21
N8P ACO GA . -15.76 16.66 16.22
C7P ACO GA . -14.79 17.75 16.11
C6P ACO GA . -13.34 17.48 16.55
C5P ACO GA . -12.48 18.65 16.89
O5P ACO GA . -12.79 19.79 16.51
N4P ACO GA . -11.24 18.44 17.48
C3P ACO GA . -10.44 19.45 18.11
C2P ACO GA . -10.43 19.43 19.66
S1P ACO GA . -8.88 19.51 20.60
C ACO GA . -8.89 20.84 21.79
O ACO GA . -8.00 21.70 21.73
CH3 ACO GA . -10.13 21.14 22.64
CL CL HA . -25.57 47.84 14.28
N1A ACO IA . -18.06 22.49 -0.64
C2A ACO IA . -18.94 21.59 -1.07
N3A ACO IA . -19.39 21.57 -2.32
C4A ACO IA . -18.96 22.48 -3.20
C5A ACO IA . -18.04 23.44 -2.80
C6A ACO IA . -17.60 23.43 -1.48
N6A ACO IA . -16.67 24.39 -1.03
N7A ACO IA . -17.78 24.23 -3.87
C8A ACO IA . -18.51 23.78 -4.90
N9A ACO IA . -19.23 22.75 -4.50
C1B ACO IA . -20.10 21.93 -5.34
C2B ACO IA . -21.33 22.52 -5.90
O2B ACO IA . -22.34 22.33 -5.00
C3B ACO IA . -21.57 21.63 -7.00
O3B ACO IA . -22.12 20.50 -6.41
P3B ACO IA . -23.19 19.54 -7.04
O7A ACO IA . -22.66 18.14 -6.89
O8A ACO IA . -24.42 19.63 -6.25
O9A ACO IA . -23.47 19.83 -8.45
C4B ACO IA . -20.25 21.27 -7.49
O4B ACO IA . -19.34 21.63 -6.45
C5B ACO IA . -19.88 21.98 -8.69
O5B ACO IA . -18.53 22.24 -9.00
P1A ACO IA . -18.19 23.66 -9.58
O1A ACO IA . -18.90 23.72 -10.94
O2A ACO IA . -18.74 24.72 -8.69
O3A ACO IA . -16.67 23.92 -9.88
P2A ACO IA . -15.52 22.89 -9.98
O4A ACO IA . -16.04 21.53 -10.24
O5A ACO IA . -14.55 23.30 -11.08
O6A ACO IA . -14.70 22.91 -8.61
CBP ACO IA . -14.52 22.82 -6.11
CCP ACO IA . -15.37 22.95 -7.32
CDP ACO IA . -15.40 22.20 -5.00
CEP ACO IA . -13.33 21.93 -6.42
CAP ACO IA . -13.98 24.24 -5.73
OAP ACO IA . -14.95 25.23 -5.93
C9P ACO IA . -13.33 24.44 -4.40
O9P ACO IA . -13.89 25.07 -3.56
N8P ACO IA . -11.84 24.46 -4.38
C7P ACO IA . -11.12 25.12 -3.31
C6P ACO IA . -10.16 26.23 -3.74
C5P ACO IA . -9.19 26.64 -2.71
O5P ACO IA . -9.31 26.25 -1.55
N4P ACO IA . -8.15 27.49 -3.03
C3P ACO IA . -7.17 27.88 -2.04
C2P ACO IA . -5.72 28.11 -2.51
S1P ACO IA . -4.88 26.72 -3.31
C ACO IA . -3.25 26.47 -2.60
O ACO IA . -2.91 27.07 -1.55
CH3 ACO IA . -2.38 25.28 -2.97
N1A ACO JA . -24.45 30.55 6.82
C2A ACO JA . -25.45 30.42 5.93
N3A ACO JA . -26.69 30.86 6.19
C4A ACO JA . -26.97 31.44 7.37
C5A ACO JA . -25.97 31.60 8.33
C6A ACO JA . -24.68 31.14 8.02
N6A ACO JA . -23.64 31.28 8.97
N7A ACO JA . -26.51 32.21 9.41
C8A ACO JA . -27.82 32.43 9.14
N9A ACO JA . -28.10 31.96 7.93
C1B ACO JA . -29.39 32.02 7.24
C2B ACO JA . -30.43 31.19 7.88
O2B ACO JA . -30.42 29.93 7.32
C3B ACO JA . -31.67 31.84 7.54
O3B ACO JA . -32.24 31.12 6.50
P3B ACO JA . -33.78 31.19 6.16
O7A ACO JA . -33.97 32.39 5.24
O8A ACO JA . -34.12 29.98 5.36
O9A ACO JA . -34.60 31.30 7.37
C4B ACO JA . -31.29 33.18 7.09
O4B ACO JA . -29.87 33.30 7.28
C5B ACO JA . -31.96 34.18 7.88
O5B ACO JA . -31.24 35.14 8.61
P1A ACO JA . -31.41 35.16 10.18
O1A ACO JA . -32.93 35.08 10.46
O2A ACO JA . -30.55 34.13 10.95
O3A ACO JA . -30.97 36.53 10.80
P2A ACO JA . -30.43 37.71 9.96
O4A ACO JA . -30.93 37.60 8.55
O5A ACO JA . -30.88 39.04 10.59
O6A ACO JA . -28.82 37.62 9.93
CBP ACO JA . -26.72 36.71 8.91
CCP ACO JA . -28.17 36.51 9.25
CDP ACO JA . -26.23 35.63 7.88
CEP ACO JA . -26.57 38.09 8.29
CAP ACO JA . -25.87 36.63 10.20
OAP ACO JA . -26.40 35.72 11.14
C9P ACO JA . -24.41 36.36 10.05
O9P ACO JA . -24.03 35.40 9.44
N8P ACO JA . -23.47 37.46 10.41
C7P ACO JA . -22.03 37.31 10.55
C6P ACO JA . -21.44 38.28 11.59
C5P ACO JA . -19.97 38.40 11.66
O5P ACO JA . -19.23 37.77 10.88
N4P ACO JA . -19.42 39.25 12.63
C3P ACO JA . -18.05 39.70 12.57
C2P ACO JA . -17.85 41.24 12.66
S1P ACO JA . -16.17 41.91 12.60
C ACO JA . -16.10 43.13 11.30
O ACO JA . -15.22 44.03 11.36
CH3 ACO JA . -16.72 42.78 9.94
C ACY KA . -14.50 55.67 9.83
O ACY KA . -15.63 55.65 9.33
OXT ACY KA . -13.44 55.74 9.15
CH3 ACY KA . -14.36 55.59 11.32
CL CL LA . 17.97 47.15 21.29
N1A ACO MA . 46.25 55.81 23.29
C2A ACO MA . 47.18 56.73 23.59
N3A ACO MA . 48.21 56.95 22.80
C4A ACO MA . 48.35 56.25 21.67
C5A ACO MA . 47.42 55.29 21.31
C6A ACO MA . 46.35 55.09 22.17
N6A ACO MA . 45.38 54.12 21.84
N7A ACO MA . 47.81 54.75 20.15
C8A ACO MA . 48.95 55.35 19.78
N9A ACO MA . 49.28 56.24 20.71
C1B ACO MA . 50.40 57.17 20.75
C2B ACO MA . 51.73 56.55 20.71
O2B ACO MA . 52.07 56.09 21.95
C3B ACO MA . 52.53 57.69 20.41
O3B ACO MA . 52.99 58.21 21.61
P3B ACO MA . 54.35 58.98 21.64
O7A ACO MA . 54.67 59.41 23.03
O8A ACO MA . 55.39 58.01 21.22
O9A ACO MA . 54.27 60.16 20.78
C4B ACO MA . 51.66 58.64 19.72
O4B ACO MA . 50.38 58.00 19.69
C5B ACO MA . 52.09 58.73 18.35
O5B ACO MA . 51.28 58.25 17.34
P1A ACO MA . 51.73 57.06 16.42
O1A ACO MA . 53.15 57.38 15.96
O2A ACO MA . 51.76 55.74 17.09
O3A ACO MA . 50.86 57.01 15.12
P2A ACO MA . 49.85 58.06 14.65
O4A ACO MA . 50.58 59.20 14.07
O5A ACO MA . 48.90 57.53 13.60
O6A ACO MA . 49.03 58.60 15.93
CBP ACO MA . 46.81 57.67 16.76
CCP ACO MA . 48.30 57.66 16.78
CDP ACO MA . 46.25 58.08 18.14
CEP ACO MA . 46.33 58.67 15.74
CAP ACO MA . 46.28 56.26 16.35
OAP ACO MA . 47.09 55.14 16.66
C9P ACO MA . 44.89 55.94 16.75
O9P ACO MA . 44.59 55.79 17.88
N8P ACO MA . 43.86 55.95 15.70
C7P ACO MA . 42.56 55.46 16.05
C6P ACO MA . 42.19 54.14 15.38
C5P ACO MA . 40.75 53.92 15.48
O5P ACO MA . 40.06 54.85 15.91
N4P ACO MA . 40.13 52.94 14.74
C3P ACO MA . 38.71 52.86 14.75
C2P ACO MA . 38.13 52.64 13.35
S1P ACO MA . 37.89 54.18 12.49
C ACO MA . 36.35 54.81 13.15
O ACO MA . 35.24 54.35 12.77
CH3 ACO MA . 36.35 56.07 14.03
C1 BU1 NA . 36.06 23.00 4.85
C2 BU1 NA . 35.77 21.51 4.96
C3 BU1 NA . 34.37 21.26 5.53
C4 BU1 NA . 34.17 19.82 6.01
O5 BU1 NA . 37.00 23.25 3.80
O6 BU1 NA . 32.80 19.66 6.42
C ACY OA . 27.99 29.33 17.59
O ACY OA . 27.28 30.30 17.99
OXT ACY OA . 28.85 29.38 16.66
CH3 ACY OA . 27.82 28.02 18.29
C ACY PA . 21.17 28.07 6.16
O ACY PA . 19.98 27.99 6.52
OXT ACY PA . 21.81 27.23 5.45
CH3 ACY PA . 21.88 29.32 6.59
N1A ACO QA . 47.55 45.64 30.83
C2A ACO QA . 48.85 45.90 30.91
N3A ACO QA . 49.64 45.25 31.75
C4A ACO QA . 49.15 44.31 32.56
C5A ACO QA . 47.79 44.02 32.52
C6A ACO QA . 47.00 44.71 31.63
N6A ACO QA . 45.62 44.43 31.56
N7A ACO QA . 47.56 43.05 33.42
C8A ACO QA . 48.73 42.75 34.00
N9A ACO QA . 49.68 43.52 33.50
C1B ACO QA . 51.09 43.51 33.81
C2B ACO QA . 51.47 44.18 35.07
O2B ACO QA . 51.63 45.53 34.88
C3B ACO QA . 52.73 43.57 35.35
O3B ACO QA . 53.69 44.14 34.51
P3B ACO QA . 55.13 44.49 35.00
O7A ACO QA . 55.46 43.67 36.21
O8A ACO QA . 56.07 44.07 33.94
O9A ACO QA . 55.28 45.91 35.27
C4B ACO QA . 52.56 42.20 34.91
O4B ACO QA . 51.55 42.23 33.89
C5B ACO QA . 52.10 41.39 36.01
O5B ACO QA . 51.55 40.14 35.75
P1A ACO QA . 50.35 39.66 36.62
O1A ACO QA . 50.85 38.67 37.67
O2A ACO QA . 49.65 40.81 37.25
O3A ACO QA . 49.36 38.83 35.77
P2A ACO QA . 49.72 37.47 35.16
O4A ACO QA . 51.14 37.50 34.75
O5A ACO QA . 49.41 36.31 36.10
O6A ACO QA . 48.86 37.40 33.82
CBP ACO QA . 47.66 38.70 32.09
CCP ACO QA . 48.73 38.63 33.10
CDP ACO QA . 48.00 39.76 31.01
CEP ACO QA . 47.56 37.33 31.44
CAP ACO QA . 46.31 39.01 32.79
OAP ACO QA . 46.42 40.11 33.69
C9P ACO QA . 45.18 39.24 31.87
O9P ACO QA . 45.19 40.17 31.12
N8P ACO QA . 44.28 38.11 31.57
C7P ACO QA . 43.30 38.26 30.53
C6P ACO QA . 41.92 37.67 30.79
C5P ACO QA . 40.82 38.14 29.91
O5P ACO QA . 40.91 39.19 29.29
N4P ACO QA . 39.58 37.65 30.22
C3P ACO QA . 38.52 37.47 29.28
C2P ACO QA . 37.83 36.09 29.40
S1P ACO QA . 38.83 34.60 29.13
C ACO QA . 38.09 33.84 27.69
O ACO QA . 37.97 34.48 26.60
CH3 ACO QA . 37.37 32.48 27.80
N1A ACO RA . 41.54 56.14 34.90
C2A ACO RA . 42.64 56.21 35.65
N3A ACO RA . 42.90 57.27 36.40
C4A ACO RA . 42.07 58.32 36.44
C5A ACO RA . 40.92 58.30 35.67
C6A ACO RA . 40.67 57.17 34.90
N6A ACO RA . 39.52 57.09 34.10
N7A ACO RA . 40.27 59.46 35.89
C8A ACO RA . 40.99 60.18 36.75
N9A ACO RA . 42.08 59.51 37.07
C1B ACO RA . 43.11 59.93 38.03
C2B ACO RA . 44.00 61.02 37.56
O2B ACO RA . 45.00 60.55 36.75
C3B ACO RA . 44.48 61.53 38.80
O3B ACO RA . 45.62 60.86 39.26
P3B ACO RA . 46.62 61.55 40.26
O7A ACO RA . 47.74 60.61 40.51
O8A ACO RA . 47.16 62.72 39.57
O9A ACO RA . 46.02 61.97 41.50
C4B ACO RA . 43.40 61.36 39.74
O4B ACO RA . 42.51 60.44 39.14
C5B ACO RA . 42.78 62.66 39.84
O5B ACO RA . 41.47 62.82 40.24
P1A ACO RA . 40.46 63.67 39.41
O1A ACO RA . 40.31 65.04 40.06
O2A ACO RA . 40.91 63.78 38.01
O3A ACO RA . 39.08 62.96 39.45
P2A ACO RA . 37.99 62.97 40.53
O4A ACO RA . 38.53 62.68 41.88
O5A ACO RA . 37.11 64.21 40.51
O6A ACO RA . 37.10 61.71 40.19
CBP ACO RA . 36.77 59.62 38.92
CCP ACO RA . 37.69 60.68 39.38
CDP ACO RA . 37.53 58.27 38.88
CEP ACO RA . 35.65 59.54 39.93
CAP ACO RA . 36.13 59.98 37.56
OAP ACO RA . 36.97 60.73 36.71
C9P ACO RA . 35.50 58.88 36.79
O9P ACO RA . 36.14 58.00 36.33
N8P ACO RA . 34.03 58.76 36.77
C7P ACO RA . 33.40 57.73 35.98
C6P ACO RA . 32.08 58.14 35.33
C5P ACO RA . 31.35 57.00 34.78
O5P ACO RA . 31.91 55.91 34.76
N4P ACO RA . 30.24 57.20 34.00
C3P ACO RA . 29.39 56.09 33.71
C2P ACO RA . 28.89 55.38 34.99
S1P ACO RA . 27.61 56.24 35.93
C ACO RA . 26.33 54.99 36.01
O ACO RA . 26.00 54.39 34.95
CH3 ACO RA . 26.01 54.27 37.32
C1 GOL SA . 14.13 47.28 33.79
O1 GOL SA . 15.10 48.06 33.12
C2 GOL SA . 14.51 45.81 33.99
O2 GOL SA . 15.41 45.38 32.97
C3 GOL SA . 15.11 45.77 35.40
O3 GOL SA . 15.82 44.59 35.67
#